data_7QN9
#
_entry.id   7QN9
#
_cell.length_a   1.00
_cell.length_b   1.00
_cell.length_c   1.00
_cell.angle_alpha   90.00
_cell.angle_beta   90.00
_cell.angle_gamma   90.00
#
_symmetry.space_group_name_H-M   'P 1'
#
loop_
_entity.id
_entity.type
_entity.pdbx_description
1 polymer 'Gamma-aminobutyric acid receptor subunit alpha-4'
2 polymer 'Gamma-aminobutyric acid receptor subunit beta-3'
3 polymer 'Gamma-aminobutyric acid receptor subunit delta'
4 polymer 'Nanobody Nb25'
5 branched beta-D-mannopyranose-(1-4)-2-acetamido-2-deoxy-beta-D-glucopyranose-(1-4)-2-acetamido-2-deoxy-beta-D-glucopyranose
6 branched 2-acetamido-2-deoxy-beta-D-glucopyranose-(1-4)-2-acetamido-2-deoxy-beta-D-glucopyranose
7 branched alpha-D-mannopyranose-(1-3)-[alpha-D-mannopyranose-(1-6)]beta-D-mannopyranose-(1-4)-2-acetamido-2-deoxy-beta-D-glucopyranose-(1-4)-2-acetamido-2-deoxy-beta-D-glucopyranose
8 non-polymer 2-acetamido-2-deoxy-beta-D-glucopyranose
9 non-polymer HISTAMINE
10 non-polymer HEXADECANE
11 non-polymer DECANE
#
loop_
_entity_poly.entity_id
_entity_poly.type
_entity_poly.pdbx_seq_one_letter_code
_entity_poly.pdbx_strand_id
1 'polypeptide(L)'
;MVSAKKVPAIALSAGVSFALLRFLCLAVCLNESPGQNQKEEKLCTENFTRILDSLLDGYDNRLRPGFGGPVTEVKTDIYV
TSFGPVSDVEMEYTMDVFFRQTWIDKRLKYDGPIEILRLNNMMVTKVWTPDTFFRNGKKSVSHNMTAPNKLFRIMRNGTI
LYTMRLTISAECPMRLVDFPMDGHACPLKFGSYAYPKSEMIYTWTKGPEKSVEVPKESSSLVQYDLIGQTVSSETIKSIT
GEYIVMTVYFHLRRKMGYFMIQTYIPCIMTVILSQVSFWINKESVPARTVFGITTVLTMTTLSISARHSLPKVSYATAMD
WFIAVCFAFVFSALIEFAAVNYFTNIQMEKAKRKTSKPPQEVPAAPVQREKHPEAPLQNTNANLNMRKRTNALVHSESDV
GNRTEVGNHSSKSSTVVQESSKGTPRSYLASSPNPFSRANAAETISAARALPSASPTSIRTGYMPRKASVGSASTRHVFG
SRLQRIKTTVNTIGATGKLSATPPPSAPPPSGSGTSKIDKYARILFPVTFGAFNMVYWVVYLSKDTMEKSESLM
;
A
2 'polypeptide(L)'
;MWGLAGGRLFGIFSAPVLVAVVCCAQSVNDPGNMSFVKETVDKLLKGYDIRLRPDFGGPPVCVGMNIDIASIDMVSEVNM
DYTLTMYFQQYWRDKRLAYSGIPLNLTLDNRVADQLWVPDTYFLNDKKSFVHGVTVKNRMIRLHPDGTVLYGLRITTTAA
CMMDLRRYPLDEQNCTLEIESYGYTTDDIEFYWRGGDKAVTGVERIELPQFSIVEHRLVSRNVVFATGAYPRLSLSFRLK
RNIGYFILQTYMPSILITILSWVSFWINYDASAARVALGITTVLTMTTINTHLRETLPKIPYVKAIDMYLMGCFVFVFLA
LLEYAFVNYIFFGRGPQRQKKLAEKTAKAKNDRSKSESNRVDAHGNILLTSLEVHNEMNEVSGGIGDTRNSAISFDNSGI
QYRKQSMPREGHGRFLGDRSLPHKKTHLRRRSSQLKIKIPDLTDVNAIDRWSRIVFPFTFSLFNLVYWLYYVN
;
B,C,D
3 'polypeptide(L)'
;MDAPARLLAPLLLLCAQQLRGTRAMNDIGDYVGSNLEISWLPNLDGLIAGYARNFRPGIGGPPVNVALALEVASIDHISE
ANMEYTMTVFLHQSWRDSRLSYNHTNETLGLDSRFVDKLWLPDTFIVNAKSAWFHDVTVENKLIRLQPDGVILYSIRITS
TVACDMDLAKYPMDEQECMLDLESYGYSSEDIVYYWSESQEHIHGLDKLQLAQFTITSYRFTTELMNFKSAGQFPRLSLH
FHLRRNRGVYIIQSYMPSVLLVAMSWVSFWISQAAVPARVSLGITTVLTMTTLMVSARSSLPRASAIKALDVYFWICYVF
VFAALVEYAFAHFNADYRKKQKAKVKVSRPRAEMDVRNAIVLFSLSAAGVTQELAISRRQRRVPGNLMGSYRSVGVETGE
TKKEGAARSGGQGGIRARLRPIDADTIDIYARAVFPAAFAAVNVIYWAAYAMGGSGGSGGSGKTETSQVAPA
;
E
4 'polypeptide(L)'
;QVQLVESGGGLVQGSLRLSCAASGHTFNYPIMGWFRQAPGKEREFVGAISWSGGSTSYADSVKDRFTISRDNAKNTVYLE
MNNLKPEDTAVYYCAAKGRYSGGLYYPTNYDYWGQGTQVTV
;
L,M
#
# COMPACT_ATOMS: atom_id res chain seq x y z
N GLU A 46 42.48 -31.36 -9.20
CA GLU A 46 41.89 -31.58 -7.89
C GLU A 46 42.88 -31.22 -6.78
N ASN A 47 43.67 -30.17 -7.01
CA ASN A 47 44.66 -29.76 -6.02
C ASN A 47 43.99 -29.33 -4.72
N PHE A 48 42.90 -28.56 -4.82
CA PHE A 48 42.16 -28.14 -3.64
C PHE A 48 40.85 -28.89 -3.44
N THR A 49 40.34 -29.54 -4.50
CA THR A 49 39.12 -30.32 -4.35
C THR A 49 39.33 -31.48 -3.38
N ARG A 50 40.48 -32.16 -3.47
CA ARG A 50 40.77 -33.24 -2.54
C ARG A 50 40.90 -32.72 -1.11
N ILE A 51 41.49 -31.53 -0.94
CA ILE A 51 41.64 -30.96 0.39
C ILE A 51 40.28 -30.67 1.01
N LEU A 52 39.38 -30.06 0.23
CA LEU A 52 38.04 -29.77 0.73
C LEU A 52 37.26 -31.05 1.02
N ASP A 53 37.38 -32.04 0.14
CA ASP A 53 36.68 -33.30 0.36
C ASP A 53 37.20 -34.01 1.61
N SER A 54 38.52 -33.98 1.83
CA SER A 54 39.08 -34.60 3.01
C SER A 54 38.58 -33.93 4.29
N LEU A 55 38.52 -32.60 4.30
CA LEU A 55 38.03 -31.89 5.48
C LEU A 55 36.57 -32.19 5.74
N LEU A 56 35.74 -32.23 4.69
CA LEU A 56 34.33 -32.54 4.86
C LEU A 56 34.10 -34.01 5.19
N ASP A 57 35.01 -34.88 4.76
CA ASP A 57 34.89 -36.29 5.09
C ASP A 57 35.13 -36.50 6.59
N GLY A 58 34.28 -37.32 7.21
CA GLY A 58 34.37 -37.53 8.63
C GLY A 58 34.08 -36.29 9.45
N TYR A 59 33.16 -35.44 8.98
CA TYR A 59 32.81 -34.20 9.65
C TYR A 59 31.31 -34.16 9.87
N ASP A 60 30.90 -33.93 11.11
CA ASP A 60 29.49 -33.85 11.47
C ASP A 60 29.18 -32.42 11.89
N ASN A 61 28.35 -31.73 11.10
CA ASN A 61 27.98 -30.36 11.43
C ASN A 61 27.02 -30.27 12.60
N ARG A 62 26.45 -31.39 13.05
CA ARG A 62 25.55 -31.39 14.19
C ARG A 62 26.28 -31.35 15.53
N LEU A 63 27.60 -31.46 15.53
CA LEU A 63 28.40 -31.44 16.75
C LEU A 63 29.31 -30.23 16.74
N ARG A 64 29.31 -29.49 17.84
CA ARG A 64 30.16 -28.31 17.95
C ARG A 64 31.63 -28.73 18.03
N PRO A 65 32.54 -27.86 17.61
CA PRO A 65 33.97 -28.17 17.78
C PRO A 65 34.32 -28.33 19.26
N GLY A 66 35.19 -29.28 19.53
CA GLY A 66 35.49 -29.62 20.92
C GLY A 66 34.29 -30.14 21.66
N PHE A 67 33.50 -31.01 21.02
CA PHE A 67 32.29 -31.53 21.64
C PHE A 67 32.64 -32.38 22.85
N GLY A 68 31.94 -32.14 23.96
CA GLY A 68 32.18 -32.86 25.19
C GLY A 68 33.38 -32.41 25.98
N GLY A 69 34.07 -31.37 25.54
CA GLY A 69 35.24 -30.88 26.24
C GLY A 69 35.14 -29.42 26.61
N PRO A 70 36.17 -28.65 26.30
CA PRO A 70 36.14 -27.22 26.63
C PRO A 70 35.07 -26.49 25.84
N VAL A 71 34.62 -25.37 26.40
CA VAL A 71 33.60 -24.57 25.74
C VAL A 71 34.14 -24.00 24.44
N THR A 72 33.25 -23.82 23.47
CA THR A 72 33.61 -23.25 22.17
C THR A 72 33.51 -21.73 22.27
N GLU A 73 34.65 -21.05 22.18
CA GLU A 73 34.69 -19.61 22.27
C GLU A 73 34.51 -19.00 20.89
N VAL A 74 33.43 -18.25 20.71
CA VAL A 74 33.12 -17.61 19.44
C VAL A 74 33.33 -16.12 19.61
N LYS A 75 34.21 -15.56 18.78
CA LYS A 75 34.51 -14.13 18.81
C LYS A 75 33.72 -13.43 17.73
N THR A 76 32.97 -12.40 18.11
CA THR A 76 32.06 -11.71 17.22
C THR A 76 32.38 -10.21 17.19
N ASP A 77 32.27 -9.63 15.99
CA ASP A 77 32.37 -8.19 15.82
C ASP A 77 31.31 -7.75 14.81
N ILE A 78 30.86 -6.50 14.93
CA ILE A 78 29.76 -5.98 14.14
C ILE A 78 30.21 -4.71 13.45
N TYR A 79 29.97 -4.62 12.14
CA TYR A 79 30.18 -3.41 11.36
C TYR A 79 28.81 -2.92 10.90
N VAL A 80 28.36 -1.79 11.44
CA VAL A 80 27.04 -1.26 11.14
C VAL A 80 27.14 -0.47 9.83
N THR A 81 26.62 -1.05 8.75
CA THR A 81 26.64 -0.36 7.46
C THR A 81 25.67 0.81 7.45
N SER A 82 24.52 0.65 8.10
CA SER A 82 23.53 1.72 8.15
C SER A 82 22.65 1.52 9.36
N PHE A 83 22.30 2.61 10.03
CA PHE A 83 21.40 2.60 11.17
C PHE A 83 20.06 3.15 10.68
N GLY A 84 19.10 2.25 10.45
CA GLY A 84 17.87 2.61 9.81
C GLY A 84 17.00 3.48 10.70
N PRO A 85 15.82 3.84 10.19
CA PRO A 85 14.94 4.74 10.93
C PRO A 85 14.48 4.11 12.24
N VAL A 86 14.32 4.96 13.25
CA VAL A 86 13.86 4.55 14.58
C VAL A 86 12.40 4.94 14.70
N SER A 87 11.52 3.95 14.83
CA SER A 87 10.08 4.17 14.90
C SER A 87 9.68 4.35 16.35
N ASP A 88 9.36 5.58 16.74
CA ASP A 88 8.93 5.83 18.10
C ASP A 88 7.57 5.22 18.38
N VAL A 89 6.67 5.22 17.39
CA VAL A 89 5.33 4.69 17.59
C VAL A 89 5.37 3.18 17.81
N GLU A 90 6.26 2.49 17.10
CA GLU A 90 6.38 1.05 17.24
C GLU A 90 7.47 0.62 18.21
N MET A 91 8.25 1.56 18.74
CA MET A 91 9.34 1.27 19.67
C MET A 91 10.31 0.24 19.09
N GLU A 92 10.67 0.44 17.82
CA GLU A 92 11.58 -0.45 17.13
C GLU A 92 12.53 0.36 16.26
N TYR A 93 13.68 -0.23 15.96
CA TYR A 93 14.66 0.40 15.08
C TYR A 93 15.21 -0.65 14.14
N THR A 94 15.55 -0.22 12.92
CA THR A 94 16.13 -1.07 11.90
C THR A 94 17.61 -0.80 11.77
N MET A 95 18.38 -1.85 11.45
CA MET A 95 19.83 -1.70 11.35
C MET A 95 20.38 -2.79 10.44
N ASP A 96 21.25 -2.38 9.52
CA ASP A 96 21.95 -3.30 8.62
C ASP A 96 23.40 -3.42 9.10
N VAL A 97 23.84 -4.65 9.34
CA VAL A 97 25.15 -4.90 9.93
C VAL A 97 25.88 -5.99 9.14
N PHE A 98 27.20 -6.02 9.32
CA PHE A 98 28.03 -7.13 8.86
C PHE A 98 28.39 -7.97 10.09
N PHE A 99 27.49 -8.88 10.43
CA PHE A 99 27.66 -9.70 11.64
C PHE A 99 28.72 -10.76 11.35
N ARG A 100 29.88 -10.62 11.99
CA ARG A 100 31.00 -11.54 11.79
C ARG A 100 31.19 -12.40 13.03
N GLN A 101 31.43 -13.69 12.80
CA GLN A 101 31.69 -14.64 13.87
C GLN A 101 32.99 -15.36 13.60
N THR A 102 33.85 -15.43 14.63
CA THR A 102 35.15 -16.08 14.51
C THR A 102 35.28 -17.14 15.58
N TRP A 103 35.71 -18.34 15.18
CA TRP A 103 35.94 -19.42 16.12
C TRP A 103 36.96 -20.38 15.52
N ILE A 104 37.37 -21.35 16.33
CA ILE A 104 38.40 -22.31 15.94
C ILE A 104 37.77 -23.70 15.88
N ASP A 105 37.96 -24.38 14.76
CA ASP A 105 37.49 -25.75 14.57
C ASP A 105 38.68 -26.58 14.09
N LYS A 106 39.25 -27.39 14.98
CA LYS A 106 40.41 -28.19 14.63
C LYS A 106 40.09 -29.28 13.62
N ARG A 107 38.81 -29.61 13.44
CA ARG A 107 38.45 -30.61 12.43
C ARG A 107 38.66 -30.12 11.01
N LEU A 108 38.70 -28.81 10.80
CA LEU A 108 38.81 -28.23 9.46
C LEU A 108 40.20 -27.67 9.18
N LYS A 109 41.17 -27.91 10.05
CA LYS A 109 42.54 -27.46 9.77
C LYS A 109 43.14 -28.26 8.62
N TYR A 110 43.91 -27.58 7.79
CA TYR A 110 44.48 -28.20 6.60
C TYR A 110 45.93 -27.78 6.44
N ASP A 111 46.71 -28.64 5.78
CA ASP A 111 48.10 -28.35 5.43
C ASP A 111 48.19 -28.19 3.92
N GLY A 112 48.69 -27.04 3.48
CA GLY A 112 48.80 -26.76 2.08
C GLY A 112 49.61 -25.50 1.79
N PRO A 113 49.78 -25.18 0.51
CA PRO A 113 50.57 -23.99 0.14
C PRO A 113 49.92 -22.69 0.59
N ILE A 114 48.64 -22.52 0.25
CA ILE A 114 47.93 -21.29 0.59
C ILE A 114 47.56 -21.31 2.08
N GLU A 115 47.39 -20.10 2.64
CA GLU A 115 47.10 -19.96 4.05
C GLU A 115 45.62 -19.72 4.34
N ILE A 116 44.90 -19.03 3.45
CA ILE A 116 43.50 -18.70 3.67
C ILE A 116 42.69 -19.23 2.49
N LEU A 117 41.61 -19.95 2.79
CA LEU A 117 40.72 -20.51 1.79
C LEU A 117 39.43 -19.70 1.77
N ARG A 118 39.32 -18.77 0.83
CA ARG A 118 38.10 -17.99 0.65
C ARG A 118 37.15 -18.81 -0.23
N LEU A 119 36.16 -19.43 0.39
CA LEU A 119 35.28 -20.36 -0.29
C LEU A 119 33.94 -19.68 -0.59
N ASN A 120 33.09 -20.42 -1.31
CA ASN A 120 31.77 -19.91 -1.68
C ASN A 120 30.85 -19.89 -0.46
N ASN A 121 29.78 -19.10 -0.56
CA ASN A 121 28.84 -18.96 0.55
C ASN A 121 28.09 -20.26 0.83
N MET A 122 27.88 -21.09 -0.19
CA MET A 122 27.16 -22.34 0.00
C MET A 122 27.96 -23.38 0.78
N MET A 123 29.25 -23.13 1.02
CA MET A 123 30.04 -24.01 1.86
C MET A 123 29.57 -23.99 3.32
N VAL A 124 28.83 -22.96 3.71
CA VAL A 124 28.44 -22.80 5.12
C VAL A 124 27.52 -23.94 5.56
N THR A 125 26.61 -24.36 4.68
CA THR A 125 25.64 -25.39 5.05
C THR A 125 26.30 -26.74 5.34
N LYS A 126 27.54 -26.94 4.91
CA LYS A 126 28.24 -28.20 5.09
C LYS A 126 29.08 -28.24 6.36
N VAL A 127 29.12 -27.15 7.13
CA VAL A 127 29.97 -27.07 8.32
C VAL A 127 29.12 -26.58 9.49
N TRP A 128 29.65 -26.79 10.70
CA TRP A 128 29.00 -26.32 11.90
C TRP A 128 29.14 -24.81 12.03
N THR A 129 28.04 -24.15 12.38
CA THR A 129 28.03 -22.72 12.62
C THR A 129 27.31 -22.41 13.92
N PRO A 130 27.71 -21.36 14.62
CA PRO A 130 27.00 -20.98 15.85
C PRO A 130 25.55 -20.61 15.57
N ASP A 131 24.68 -20.97 16.52
CA ASP A 131 23.25 -20.68 16.40
C ASP A 131 22.90 -19.33 17.04
N THR A 132 23.61 -18.29 16.63
CA THR A 132 23.39 -16.96 17.21
C THR A 132 22.06 -16.39 16.75
N PHE A 133 21.28 -15.88 17.70
CA PHE A 133 20.02 -15.22 17.41
C PHE A 133 19.92 -13.96 18.24
N PHE A 134 19.08 -13.03 17.80
CA PHE A 134 18.91 -11.75 18.45
C PHE A 134 17.65 -11.80 19.32
N ARG A 135 17.84 -11.64 20.63
CA ARG A 135 16.74 -11.82 21.57
C ARG A 135 15.67 -10.75 21.40
N ASN A 136 16.08 -9.51 21.16
CA ASN A 136 15.13 -8.42 20.98
C ASN A 136 14.79 -8.16 19.52
N GLY A 137 15.31 -8.97 18.61
CA GLY A 137 15.00 -8.77 17.20
C GLY A 137 13.56 -9.16 16.90
N LYS A 138 12.87 -8.30 16.14
CA LYS A 138 11.48 -8.56 15.78
C LYS A 138 11.38 -9.27 14.44
N LYS A 139 11.88 -8.65 13.38
CA LYS A 139 11.88 -9.22 12.05
C LYS A 139 13.24 -8.98 11.42
N SER A 140 14.02 -10.04 11.26
CA SER A 140 15.37 -9.95 10.72
C SER A 140 15.43 -10.67 9.38
N VAL A 141 16.13 -10.06 8.42
CA VAL A 141 16.21 -10.56 7.05
C VAL A 141 17.67 -10.74 6.69
N SER A 142 18.01 -11.89 6.10
CA SER A 142 19.32 -12.13 5.54
C SER A 142 19.24 -11.92 4.04
N HIS A 143 20.03 -10.97 3.54
CA HIS A 143 19.97 -10.59 2.13
C HIS A 143 20.44 -11.73 1.23
N ASN A 144 19.82 -11.82 0.05
CA ASN A 144 20.03 -12.92 -0.88
C ASN A 144 20.25 -12.43 -2.30
N MET A 145 20.76 -11.22 -2.46
CA MET A 145 20.93 -10.60 -3.77
C MET A 145 22.38 -10.18 -3.95
N THR A 146 23.00 -10.61 -5.04
CA THR A 146 22.37 -11.51 -6.02
C THR A 146 22.63 -12.95 -5.62
N ALA A 147 23.44 -13.11 -4.58
CA ALA A 147 23.78 -14.39 -3.98
C ALA A 147 23.64 -14.23 -2.47
N PRO A 148 23.49 -15.35 -1.74
CA PRO A 148 23.45 -15.27 -0.28
C PRO A 148 24.63 -14.50 0.28
N ASN A 149 24.37 -13.36 0.93
CA ASN A 149 25.45 -12.52 1.41
C ASN A 149 26.10 -13.14 2.64
N LYS A 150 26.86 -14.20 2.42
CA LYS A 150 27.60 -14.89 3.48
C LYS A 150 29.05 -15.05 3.07
N LEU A 151 29.95 -14.80 4.00
CA LEU A 151 31.38 -14.97 3.80
C LEU A 151 31.86 -16.15 4.62
N PHE A 152 32.79 -16.92 4.05
CA PHE A 152 33.29 -18.11 4.74
C PHE A 152 34.74 -18.30 4.36
N ARG A 153 35.64 -18.12 5.33
CA ARG A 153 37.07 -18.29 5.13
C ARG A 153 37.62 -19.24 6.17
N ILE A 154 38.52 -20.13 5.74
CA ILE A 154 39.16 -21.09 6.62
C ILE A 154 40.66 -20.81 6.62
N MET A 155 41.21 -20.56 7.81
CA MET A 155 42.64 -20.37 7.95
C MET A 155 43.34 -21.73 8.05
N ARG A 156 44.67 -21.69 8.00
CA ARG A 156 45.45 -22.93 8.06
C ARG A 156 45.26 -23.63 9.39
N ASN A 157 45.27 -22.88 10.49
CA ASN A 157 45.12 -23.47 11.82
C ASN A 157 43.71 -23.92 12.13
N GLY A 158 42.74 -23.59 11.27
CA GLY A 158 41.35 -23.94 11.50
C GLY A 158 40.48 -22.78 11.94
N THR A 159 41.01 -21.57 12.03
CA THR A 159 40.19 -20.42 12.34
C THR A 159 39.19 -20.17 11.23
N ILE A 160 37.94 -19.90 11.61
CA ILE A 160 36.85 -19.73 10.66
C ILE A 160 36.29 -18.32 10.81
N LEU A 161 36.18 -17.61 9.70
CA LEU A 161 35.56 -16.29 9.66
C LEU A 161 34.27 -16.42 8.89
N TYR A 162 33.14 -16.24 9.58
CA TYR A 162 31.82 -16.41 8.99
C TYR A 162 31.03 -15.12 9.20
N THR A 163 30.85 -14.35 8.14
CA THR A 163 30.15 -13.08 8.19
C THR A 163 28.90 -13.14 7.32
N MET A 164 27.88 -12.40 7.74
CA MET A 164 26.61 -12.38 7.02
C MET A 164 26.00 -11.00 7.14
N ARG A 165 25.46 -10.50 6.02
CA ARG A 165 24.81 -9.20 5.98
C ARG A 165 23.35 -9.35 6.37
N LEU A 166 22.96 -8.71 7.47
CA LEU A 166 21.63 -8.88 8.04
C LEU A 166 20.97 -7.52 8.23
N THR A 167 19.66 -7.48 7.96
CA THR A 167 18.82 -6.33 8.28
C THR A 167 17.97 -6.71 9.49
N ILE A 168 18.18 -6.02 10.60
CA ILE A 168 17.61 -6.41 11.88
C ILE A 168 16.66 -5.31 12.35
N SER A 169 15.44 -5.70 12.70
CA SER A 169 14.48 -4.83 13.36
C SER A 169 14.37 -5.29 14.80
N ALA A 170 14.83 -4.47 15.74
CA ALA A 170 14.94 -4.86 17.13
C ALA A 170 14.06 -3.97 18.01
N GLU A 171 13.59 -4.54 19.11
CA GLU A 171 12.78 -3.80 20.07
C GLU A 171 13.63 -2.76 20.78
N CYS A 172 13.11 -1.53 20.86
CA CYS A 172 13.75 -0.46 21.62
C CYS A 172 12.69 0.19 22.49
N PRO A 173 12.45 -0.32 23.70
CA PRO A 173 11.49 0.33 24.60
C PRO A 173 11.93 1.74 24.94
N MET A 174 10.97 2.64 25.02
CA MET A 174 11.24 4.06 25.21
C MET A 174 10.37 4.62 26.33
N ARG A 175 10.92 5.57 27.06
CA ARG A 175 10.20 6.31 28.08
C ARG A 175 9.97 7.72 27.51
N LEU A 176 8.85 7.89 26.82
CA LEU A 176 8.53 9.14 26.14
C LEU A 176 7.86 10.14 27.06
N VAL A 177 8.48 10.40 28.21
CA VAL A 177 7.97 11.41 29.12
C VAL A 177 8.59 12.78 28.87
N ASP A 178 9.80 12.82 28.32
CA ASP A 178 10.47 14.06 27.97
C ASP A 178 10.38 14.37 26.48
N PHE A 179 9.56 13.62 25.75
CA PHE A 179 9.45 13.83 24.30
C PHE A 179 8.98 15.26 24.02
N PRO A 180 9.60 15.95 23.06
CA PRO A 180 10.66 15.46 22.17
C PRO A 180 12.08 15.68 22.70
N MET A 181 12.21 16.24 23.90
CA MET A 181 13.53 16.50 24.48
C MET A 181 13.98 15.29 25.31
N ASP A 182 14.11 14.15 24.63
CA ASP A 182 14.38 12.88 25.27
C ASP A 182 15.50 12.14 24.54
N GLY A 183 16.17 11.28 25.28
CA GLY A 183 17.18 10.41 24.71
C GLY A 183 16.96 8.98 25.13
N HIS A 184 17.19 8.06 24.19
CA HIS A 184 16.90 6.64 24.42
C HIS A 184 18.14 5.82 24.11
N ALA A 185 18.24 4.68 24.78
CA ALA A 185 19.33 3.72 24.58
C ALA A 185 18.73 2.46 23.98
N CYS A 186 18.87 2.30 22.66
CA CYS A 186 18.34 1.13 21.97
C CYS A 186 19.35 0.00 22.03
N PRO A 187 19.02 -1.13 22.66
CA PRO A 187 19.99 -2.23 22.79
C PRO A 187 19.90 -3.21 21.63
N LEU A 188 20.87 -4.13 21.61
CA LEU A 188 20.87 -5.24 20.66
C LEU A 188 21.49 -6.43 21.38
N LYS A 189 20.65 -7.37 21.81
CA LYS A 189 21.08 -8.52 22.57
C LYS A 189 21.06 -9.75 21.67
N PHE A 190 22.21 -10.40 21.52
CA PHE A 190 22.32 -11.61 20.73
C PHE A 190 23.11 -12.66 21.50
N GLY A 191 22.72 -13.91 21.33
CA GLY A 191 23.40 -15.00 22.02
C GLY A 191 22.96 -16.33 21.43
N SER A 192 23.53 -17.39 21.97
CA SER A 192 23.21 -18.74 21.52
C SER A 192 21.76 -19.08 21.86
N TYR A 193 21.13 -19.85 20.98
CA TYR A 193 19.75 -20.27 21.21
C TYR A 193 19.65 -21.63 21.89
N ALA A 194 20.63 -22.50 21.69
CA ALA A 194 20.59 -23.85 22.25
C ALA A 194 21.80 -24.23 23.09
N TYR A 195 22.94 -23.56 22.94
CA TYR A 195 24.15 -23.94 23.65
C TYR A 195 24.32 -23.07 24.88
N PRO A 196 24.28 -23.64 26.07
CA PRO A 196 24.49 -22.84 27.29
C PRO A 196 25.95 -22.46 27.50
N LYS A 197 26.25 -21.86 28.65
CA LYS A 197 27.61 -21.42 28.93
C LYS A 197 28.58 -22.59 28.91
N SER A 198 28.18 -23.74 29.45
CA SER A 198 29.05 -24.90 29.53
C SER A 198 29.37 -25.49 28.17
N GLU A 199 28.68 -25.08 27.11
CA GLU A 199 28.92 -25.59 25.77
C GLU A 199 29.50 -24.57 24.81
N MET A 200 29.13 -23.30 24.94
CA MET A 200 29.63 -22.27 24.04
C MET A 200 29.56 -20.91 24.73
N ILE A 201 30.60 -20.11 24.54
CA ILE A 201 30.66 -18.76 25.09
C ILE A 201 30.96 -17.79 23.95
N TYR A 202 30.61 -16.53 24.18
CA TYR A 202 30.77 -15.47 23.19
C TYR A 202 31.71 -14.41 23.72
N THR A 203 32.59 -13.92 22.84
CA THR A 203 33.55 -12.88 23.17
C THR A 203 33.60 -11.91 22.01
N TRP A 204 34.12 -10.71 22.28
CA TRP A 204 34.33 -9.71 21.26
C TRP A 204 35.71 -9.91 20.63
N THR A 205 35.75 -10.00 19.30
CA THR A 205 37.00 -10.32 18.61
C THR A 205 38.08 -9.29 18.91
N LYS A 206 37.76 -8.02 18.71
CA LYS A 206 38.66 -6.94 19.05
C LYS A 206 38.38 -6.50 20.48
N GLY A 207 38.92 -5.34 20.87
CA GLY A 207 38.56 -4.75 22.13
C GLY A 207 37.09 -4.41 22.16
N PRO A 208 36.50 -4.32 23.35
CA PRO A 208 35.07 -4.02 23.45
C PRO A 208 34.67 -2.74 22.75
N GLU A 209 35.54 -1.72 22.75
CA GLU A 209 35.26 -0.48 22.04
C GLU A 209 35.47 -0.63 20.54
N LYS A 210 36.44 -1.44 20.12
CA LYS A 210 36.77 -1.57 18.70
C LYS A 210 35.94 -2.63 17.98
N SER A 211 35.27 -3.52 18.71
CA SER A 211 34.53 -4.59 18.06
C SER A 211 33.33 -4.06 17.28
N VAL A 212 32.63 -3.09 17.83
CA VAL A 212 31.49 -2.46 17.14
C VAL A 212 31.98 -1.13 16.55
N GLU A 213 31.87 -1.01 15.23
CA GLU A 213 32.35 0.15 14.50
C GLU A 213 31.19 0.76 13.72
N VAL A 214 30.76 1.95 14.13
CA VAL A 214 29.67 2.66 13.50
C VAL A 214 30.21 3.96 12.91
N PRO A 215 30.50 3.99 11.62
CA PRO A 215 30.99 5.23 11.01
C PRO A 215 29.92 6.32 11.04
N LYS A 216 30.38 7.58 11.07
CA LYS A 216 29.47 8.70 11.06
C LYS A 216 28.65 8.73 9.77
N GLU A 217 29.29 8.43 8.64
CA GLU A 217 28.56 8.39 7.37
C GLU A 217 27.50 7.30 7.37
N SER A 218 27.73 6.22 8.12
CA SER A 218 26.77 5.14 8.21
C SER A 218 25.51 5.51 8.98
N SER A 219 25.52 6.63 9.69
CA SER A 219 24.37 7.07 10.47
C SER A 219 23.28 7.55 9.53
N SER A 220 22.24 6.74 9.36
CA SER A 220 21.09 7.10 8.55
C SER A 220 19.94 7.67 9.37
N LEU A 221 20.21 8.03 10.63
CA LEU A 221 19.18 8.59 11.48
C LEU A 221 18.68 9.92 10.93
N VAL A 222 17.38 10.17 11.09
CA VAL A 222 16.77 11.41 10.61
C VAL A 222 16.62 12.37 11.78
N GLN A 223 15.84 11.98 12.78
CA GLN A 223 15.55 12.83 13.93
C GLN A 223 16.38 12.49 15.16
N TYR A 224 17.31 11.55 15.06
CA TYR A 224 18.15 11.15 16.18
C TYR A 224 19.61 11.39 15.86
N ASP A 225 20.42 11.48 16.91
CA ASP A 225 21.87 11.59 16.79
C ASP A 225 22.50 10.54 17.68
N LEU A 226 23.37 9.72 17.11
CA LEU A 226 24.03 8.65 17.84
C LEU A 226 25.16 9.23 18.66
N ILE A 227 24.91 9.46 19.95
CA ILE A 227 25.91 10.04 20.83
C ILE A 227 27.08 9.08 20.99
N GLY A 228 26.80 7.82 21.23
CA GLY A 228 27.84 6.83 21.41
C GLY A 228 27.23 5.47 21.69
N GLN A 229 28.09 4.46 21.65
CA GLN A 229 27.69 3.08 21.87
C GLN A 229 28.49 2.48 23.01
N THR A 230 27.82 1.69 23.84
CA THR A 230 28.45 0.96 24.93
C THR A 230 28.31 -0.53 24.66
N VAL A 231 29.41 -1.26 24.88
CA VAL A 231 29.49 -2.68 24.57
C VAL A 231 29.67 -3.44 25.88
N SER A 232 28.82 -4.43 26.11
CA SER A 232 28.85 -5.20 27.34
C SER A 232 28.48 -6.65 27.06
N SER A 233 28.89 -7.53 27.97
CA SER A 233 28.56 -8.95 27.91
C SER A 233 27.91 -9.35 29.22
N GLU A 234 26.78 -10.04 29.14
CA GLU A 234 26.02 -10.40 30.33
C GLU A 234 25.78 -11.90 30.41
N THR A 235 24.94 -12.32 31.35
CA THR A 235 24.59 -13.72 31.53
C THR A 235 23.18 -13.81 32.08
N ILE A 236 22.33 -14.59 31.41
CA ILE A 236 20.94 -14.74 31.82
C ILE A 236 20.64 -16.23 31.98
N LYS A 237 19.54 -16.52 32.66
CA LYS A 237 19.13 -17.89 32.96
C LYS A 237 17.70 -18.12 32.48
N SER A 238 17.43 -19.37 32.10
CA SER A 238 16.10 -19.77 31.66
C SER A 238 15.93 -21.24 31.99
N ILE A 239 14.77 -21.80 31.58
CA ILE A 239 14.51 -23.21 31.84
C ILE A 239 15.45 -24.09 31.04
N THR A 240 15.78 -23.68 29.81
CA THR A 240 16.71 -24.46 29.00
C THR A 240 18.10 -24.48 29.62
N GLY A 241 18.55 -23.36 30.18
CA GLY A 241 19.85 -23.29 30.80
C GLY A 241 20.29 -21.85 30.99
N GLU A 242 21.58 -21.70 31.27
CA GLU A 242 22.20 -20.40 31.47
C GLU A 242 23.04 -20.07 30.24
N TYR A 243 22.81 -18.89 29.68
CA TYR A 243 23.41 -18.51 28.40
C TYR A 243 24.21 -17.22 28.53
N ILE A 244 25.18 -17.06 27.63
CA ILE A 244 25.97 -15.83 27.54
C ILE A 244 25.30 -14.91 26.54
N VAL A 245 25.08 -13.66 26.95
CA VAL A 245 24.40 -12.67 26.12
C VAL A 245 25.33 -11.49 25.90
N MET A 246 25.50 -11.10 24.65
CA MET A 246 26.30 -9.92 24.29
C MET A 246 25.35 -8.80 23.91
N THR A 247 25.53 -7.64 24.53
CA THR A 247 24.61 -6.52 24.37
C THR A 247 25.36 -5.32 23.83
N VAL A 248 24.75 -4.63 22.88
CA VAL A 248 25.25 -3.38 22.32
C VAL A 248 24.19 -2.33 22.50
N TYR A 249 24.51 -1.27 23.25
CA TYR A 249 23.57 -0.18 23.52
C TYR A 249 23.94 1.03 22.68
N PHE A 250 22.98 1.52 21.92
CA PHE A 250 23.15 2.73 21.11
C PHE A 250 22.42 3.87 21.79
N HIS A 251 23.16 4.88 22.23
CA HIS A 251 22.58 6.04 22.90
C HIS A 251 22.17 7.06 21.85
N LEU A 252 20.86 7.22 21.67
CA LEU A 252 20.30 8.11 20.66
C LEU A 252 19.73 9.35 21.33
N ARG A 253 20.09 10.52 20.82
CA ARG A 253 19.57 11.78 21.30
C ARG A 253 18.72 12.42 20.20
N ARG A 254 17.47 12.70 20.51
CA ARG A 254 16.57 13.29 19.53
C ARG A 254 16.92 14.76 19.31
N LYS A 255 16.73 15.21 18.08
CA LYS A 255 16.95 16.60 17.70
C LYS A 255 15.62 17.34 17.68
N MET A 256 15.55 18.44 18.42
CA MET A 256 14.31 19.16 18.66
C MET A 256 14.05 20.27 17.64
N GLY A 257 14.88 20.38 16.60
CA GLY A 257 14.69 21.44 15.63
C GLY A 257 13.37 21.32 14.89
N TYR A 258 12.97 20.08 14.55
CA TYR A 258 11.73 19.87 13.81
C TYR A 258 10.51 20.29 14.63
N PHE A 259 10.43 19.83 15.88
CA PHE A 259 9.25 20.10 16.70
C PHE A 259 9.19 21.55 17.13
N MET A 260 10.33 22.23 17.19
CA MET A 260 10.34 23.64 17.57
C MET A 260 9.63 24.49 16.53
N ILE A 261 9.98 24.30 15.26
CA ILE A 261 9.38 25.09 14.19
C ILE A 261 7.93 24.68 13.96
N GLN A 262 7.66 23.38 13.96
CA GLN A 262 6.33 22.90 13.60
C GLN A 262 5.31 23.15 14.69
N THR A 263 5.69 22.90 15.95
CA THR A 263 4.73 22.89 17.05
C THR A 263 4.95 24.03 18.04
N TYR A 264 6.15 24.16 18.60
CA TYR A 264 6.35 25.09 19.69
C TYR A 264 6.19 26.54 19.24
N ILE A 265 6.83 26.91 18.13
CA ILE A 265 6.75 28.30 17.66
C ILE A 265 5.31 28.71 17.31
N PRO A 266 4.56 27.94 16.51
CA PRO A 266 3.16 28.36 16.25
C PRO A 266 2.32 28.44 17.51
N CYS A 267 2.54 27.55 18.47
CA CYS A 267 1.80 27.62 19.73
C CYS A 267 2.17 28.87 20.52
N ILE A 268 3.47 29.21 20.55
CA ILE A 268 3.90 30.43 21.23
C ILE A 268 3.34 31.65 20.53
N MET A 269 3.33 31.65 19.20
CA MET A 269 2.72 32.76 18.46
C MET A 269 1.23 32.85 18.75
N THR A 270 0.55 31.71 18.84
CA THR A 270 -0.89 31.72 19.04
C THR A 270 -1.26 32.31 20.40
N VAL A 271 -0.56 31.91 21.46
CA VAL A 271 -0.88 32.42 22.79
C VAL A 271 -0.54 33.91 22.89
N ILE A 272 0.55 34.33 22.26
CA ILE A 272 0.86 35.75 22.19
C ILE A 272 -0.24 36.49 21.42
N LEU A 273 -0.73 35.88 20.35
CA LEU A 273 -1.81 36.49 19.58
C LEU A 273 -3.10 36.60 20.41
N SER A 274 -3.34 35.63 21.29
CA SER A 274 -4.50 35.72 22.17
C SER A 274 -4.38 36.90 23.13
N GLN A 275 -3.16 37.16 23.62
CA GLN A 275 -2.92 38.27 24.53
C GLN A 275 -3.06 39.63 23.84
N VAL A 276 -3.14 39.66 22.51
CA VAL A 276 -3.32 40.92 21.79
C VAL A 276 -4.66 41.55 22.13
N SER A 277 -5.69 40.72 22.33
CA SER A 277 -7.02 41.26 22.62
C SER A 277 -7.06 42.11 23.88
N PHE A 278 -6.08 41.94 24.77
CA PHE A 278 -6.02 42.78 25.96
C PHE A 278 -5.79 44.24 25.61
N TRP A 279 -4.95 44.50 24.60
CA TRP A 279 -4.67 45.86 24.17
C TRP A 279 -5.77 46.44 23.30
N ILE A 280 -6.75 45.64 22.90
CA ILE A 280 -7.86 46.13 22.08
C ILE A 280 -8.90 46.76 22.99
N ASN A 281 -9.53 47.83 22.51
CA ASN A 281 -10.50 48.56 23.32
C ASN A 281 -11.68 47.67 23.67
N LYS A 282 -12.20 47.84 24.89
CA LYS A 282 -13.29 47.01 25.38
C LYS A 282 -14.59 47.23 24.64
N GLU A 283 -14.77 48.40 24.01
CA GLU A 283 -16.04 48.68 23.34
C GLU A 283 -16.23 47.81 22.11
N SER A 284 -15.14 47.36 21.49
CA SER A 284 -15.22 46.52 20.29
C SER A 284 -15.44 45.07 20.72
N VAL A 285 -16.67 44.81 21.18
CA VAL A 285 -17.02 43.46 21.64
C VAL A 285 -16.90 42.42 20.53
N PRO A 286 -17.45 42.63 19.33
CA PRO A 286 -17.29 41.59 18.28
C PRO A 286 -15.84 41.33 17.92
N ALA A 287 -15.00 42.36 17.90
CA ALA A 287 -13.61 42.17 17.51
C ALA A 287 -12.87 41.29 18.50
N ARG A 288 -13.02 41.55 19.80
CA ARG A 288 -12.34 40.75 20.80
C ARG A 288 -12.97 39.37 20.95
N THR A 289 -14.29 39.27 20.79
CA THR A 289 -14.94 37.96 20.85
C THR A 289 -14.47 37.06 19.72
N VAL A 290 -14.36 37.60 18.51
CA VAL A 290 -13.84 36.83 17.39
C VAL A 290 -12.38 36.45 17.64
N PHE A 291 -11.63 37.35 18.27
CA PHE A 291 -10.22 37.08 18.55
C PHE A 291 -10.05 35.86 19.44
N GLY A 292 -10.82 35.81 20.53
CA GLY A 292 -10.67 34.70 21.46
C GLY A 292 -11.12 33.37 20.88
N ILE A 293 -12.25 33.35 20.19
CA ILE A 293 -12.82 32.10 19.72
C ILE A 293 -11.96 31.48 18.62
N THR A 294 -11.42 32.30 17.72
CA THR A 294 -10.64 31.78 16.62
C THR A 294 -9.24 31.36 17.06
N THR A 295 -8.67 32.06 18.04
CA THR A 295 -7.40 31.61 18.60
C THR A 295 -7.53 30.23 19.24
N VAL A 296 -8.66 29.99 19.92
CA VAL A 296 -8.95 28.64 20.41
C VAL A 296 -9.09 27.68 19.23
N LEU A 297 -9.79 28.11 18.18
CA LEU A 297 -9.92 27.28 16.98
C LEU A 297 -8.56 27.02 16.35
N THR A 298 -7.71 28.05 16.31
CA THR A 298 -6.36 27.86 15.81
C THR A 298 -5.58 26.89 16.70
N MET A 299 -5.74 27.00 18.02
CA MET A 299 -5.06 26.09 18.93
C MET A 299 -5.52 24.65 18.73
N THR A 300 -6.83 24.45 18.51
CA THR A 300 -7.34 23.10 18.28
C THR A 300 -6.73 22.49 17.02
N THR A 301 -6.63 23.28 15.95
CA THR A 301 -6.04 22.78 14.72
C THR A 301 -4.57 22.40 14.94
N LEU A 302 -3.82 23.24 15.65
CA LEU A 302 -2.43 22.91 15.97
C LEU A 302 -2.35 21.69 16.87
N SER A 303 -3.22 21.62 17.90
CA SER A 303 -3.21 20.47 18.79
C SER A 303 -3.61 19.19 18.07
N ILE A 304 -4.61 19.28 17.19
CA ILE A 304 -5.01 18.12 16.41
C ILE A 304 -3.88 17.67 15.49
N SER A 305 -3.21 18.63 14.86
CA SER A 305 -2.13 18.29 13.94
C SER A 305 -0.97 17.60 14.66
N ALA A 306 -0.64 18.07 15.87
CA ALA A 306 0.42 17.44 16.63
C ALA A 306 0.09 16.01 17.04
N ARG A 307 -1.21 15.67 17.08
CA ARG A 307 -1.59 14.32 17.48
C ARG A 307 -1.17 13.27 16.46
N HIS A 308 -1.16 13.62 15.17
CA HIS A 308 -0.80 12.63 14.16
C HIS A 308 0.65 12.19 14.30
N SER A 309 1.55 13.12 14.62
CA SER A 309 2.94 12.76 14.83
C SER A 309 3.16 12.12 16.20
N LEU A 310 2.32 12.44 17.17
CA LEU A 310 2.51 11.94 18.52
C LEU A 310 2.28 10.44 18.59
N PRO A 311 3.17 9.68 19.22
CA PRO A 311 2.88 8.26 19.47
C PRO A 311 1.77 8.10 20.49
N LYS A 312 1.08 6.97 20.41
CA LYS A 312 -0.07 6.69 21.26
C LYS A 312 0.42 6.05 22.56
N VAL A 313 0.57 6.87 23.60
CA VAL A 313 0.94 6.41 24.92
C VAL A 313 -0.02 7.02 25.94
N SER A 314 -0.20 6.32 27.05
CA SER A 314 -1.12 6.81 28.09
C SER A 314 -0.57 8.04 28.77
N TYR A 315 0.70 8.00 29.19
CA TYR A 315 1.31 9.14 29.87
C TYR A 315 1.47 10.32 28.91
N ALA A 316 1.16 11.51 29.42
CA ALA A 316 1.28 12.71 28.60
C ALA A 316 2.74 13.08 28.40
N THR A 317 3.11 13.37 27.15
CA THR A 317 4.47 13.77 26.84
C THR A 317 4.72 15.22 27.25
N ALA A 318 5.98 15.63 27.17
CA ALA A 318 6.33 17.01 27.50
C ALA A 318 5.66 17.98 26.54
N MET A 319 5.62 17.63 25.25
CA MET A 319 4.93 18.48 24.28
C MET A 319 3.43 18.55 24.55
N ASP A 320 2.85 17.44 25.03
CA ASP A 320 1.44 17.45 25.38
C ASP A 320 1.15 18.43 26.51
N TRP A 321 2.02 18.47 27.53
CA TRP A 321 1.84 19.43 28.60
C TRP A 321 1.95 20.86 28.09
N PHE A 322 2.91 21.12 27.20
CA PHE A 322 3.09 22.47 26.67
C PHE A 322 1.87 22.91 25.88
N ILE A 323 1.33 22.01 25.04
CA ILE A 323 0.13 22.34 24.28
C ILE A 323 -1.07 22.55 25.20
N ALA A 324 -1.22 21.69 26.21
CA ALA A 324 -2.34 21.81 27.13
C ALA A 324 -2.29 23.11 27.91
N VAL A 325 -1.11 23.48 28.40
CA VAL A 325 -0.97 24.75 29.11
C VAL A 325 -1.23 25.92 28.17
N CYS A 326 -0.67 25.87 26.96
CA CYS A 326 -0.93 26.92 25.98
C CYS A 326 -2.42 26.98 25.63
N PHE A 327 -3.10 25.84 25.64
CA PHE A 327 -4.54 25.84 25.44
C PHE A 327 -5.25 26.59 26.55
N ALA A 328 -4.80 26.41 27.79
CA ALA A 328 -5.40 27.10 28.93
C ALA A 328 -5.21 28.62 28.81
N PHE A 329 -4.01 29.04 28.38
CA PHE A 329 -3.75 30.47 28.25
C PHE A 329 -4.66 31.12 27.23
N VAL A 330 -4.87 30.46 26.09
CA VAL A 330 -5.79 30.99 25.09
C VAL A 330 -7.21 31.02 25.63
N PHE A 331 -7.62 29.94 26.31
CA PHE A 331 -8.95 29.90 26.92
C PHE A 331 -9.10 30.97 27.98
N SER A 332 -8.07 31.16 28.81
CA SER A 332 -8.13 32.18 29.84
C SER A 332 -8.21 33.58 29.26
N ALA A 333 -7.62 33.80 28.08
CA ALA A 333 -7.68 35.10 27.43
C ALA A 333 -9.12 35.46 27.08
N LEU A 334 -9.89 34.50 26.56
CA LEU A 334 -11.29 34.76 26.25
C LEU A 334 -12.12 34.92 27.51
N ILE A 335 -11.78 34.17 28.57
CA ILE A 335 -12.46 34.33 29.84
C ILE A 335 -12.21 35.73 30.40
N GLU A 336 -11.00 36.25 30.19
CA GLU A 336 -10.68 37.58 30.68
C GLU A 336 -11.58 38.63 30.06
N PHE A 337 -11.84 38.53 28.75
CA PHE A 337 -12.75 39.47 28.11
C PHE A 337 -14.18 39.32 28.62
N ALA A 338 -14.57 38.10 28.99
CA ALA A 338 -15.90 37.89 29.55
C ALA A 338 -16.09 38.68 30.84
N ALA A 339 -15.09 38.67 31.72
CA ALA A 339 -15.15 39.47 32.93
C ALA A 339 -15.16 40.95 32.61
N VAL A 340 -14.34 41.38 31.65
CA VAL A 340 -14.27 42.79 31.30
C VAL A 340 -15.61 43.28 30.76
N ASN A 341 -16.21 42.52 29.83
CA ASN A 341 -17.48 42.93 29.24
C ASN A 341 -18.60 42.92 30.27
N TYR A 342 -18.62 41.89 31.14
CA TYR A 342 -19.67 41.82 32.15
C TYR A 342 -19.57 42.97 33.15
N PHE A 343 -18.36 43.29 33.59
CA PHE A 343 -18.19 44.32 34.61
C PHE A 343 -18.53 45.71 34.06
N THR A 344 -18.11 46.01 32.83
CA THR A 344 -18.39 47.33 32.29
C THR A 344 -19.86 47.54 31.97
N ASN A 345 -20.58 46.47 31.62
CA ASN A 345 -22.00 46.60 31.34
C ASN A 345 -22.82 46.75 32.63
N ILE A 346 -22.39 46.08 33.71
CA ILE A 346 -23.05 46.30 34.99
C ILE A 346 -22.87 47.74 35.44
N GLN A 347 -21.65 48.27 35.31
CA GLN A 347 -21.38 49.67 35.63
C GLN A 347 -21.92 50.63 34.57
N MET A 348 -22.32 50.13 33.41
CA MET A 348 -22.83 50.98 32.34
C MET A 348 -24.17 51.60 32.71
N THR A 515 -7.93 51.02 29.83
CA THR A 515 -8.87 51.76 30.67
C THR A 515 -9.41 50.88 31.79
N SER A 516 -9.84 49.67 31.43
CA SER A 516 -10.35 48.74 32.43
C SER A 516 -9.23 48.27 33.34
N LYS A 517 -9.54 48.19 34.64
CA LYS A 517 -8.55 47.70 35.60
C LYS A 517 -8.18 46.26 35.32
N ILE A 518 -9.15 45.44 34.93
CA ILE A 518 -8.86 44.06 34.57
C ILE A 518 -7.96 44.02 33.34
N ASP A 519 -8.24 44.86 32.34
CA ASP A 519 -7.41 44.90 31.15
C ASP A 519 -5.98 45.33 31.47
N LYS A 520 -5.83 46.35 32.32
CA LYS A 520 -4.50 46.85 32.65
C LYS A 520 -3.65 45.77 33.31
N TYR A 521 -4.23 45.04 34.27
CA TYR A 521 -3.50 43.95 34.90
C TYR A 521 -3.27 42.80 33.93
N ALA A 522 -4.24 42.50 33.08
CA ALA A 522 -4.09 41.43 32.11
C ALA A 522 -3.00 41.74 31.09
N ARG A 523 -2.83 43.02 30.73
CA ARG A 523 -1.78 43.39 29.78
C ARG A 523 -0.39 43.11 30.32
N ILE A 524 -0.23 43.01 31.63
CA ILE A 524 1.07 42.80 32.26
C ILE A 524 1.19 41.39 32.83
N LEU A 525 0.18 40.96 33.60
CA LEU A 525 0.27 39.66 34.26
C LEU A 525 0.32 38.51 33.25
N PHE A 526 -0.53 38.55 32.23
CA PHE A 526 -0.58 37.45 31.27
C PHE A 526 0.73 37.24 30.53
N PRO A 527 1.39 38.26 29.96
CA PRO A 527 2.70 38.00 29.34
C PRO A 527 3.74 37.48 30.34
N VAL A 528 3.69 37.96 31.58
CA VAL A 528 4.70 37.54 32.56
C VAL A 528 4.49 36.09 32.97
N THR A 529 3.24 35.72 33.24
CA THR A 529 2.99 34.37 33.75
C THR A 529 3.25 33.30 32.68
N PHE A 530 3.03 33.63 31.41
CA PHE A 530 3.42 32.70 30.35
C PHE A 530 4.93 32.59 30.23
N GLY A 531 5.64 33.72 30.37
CA GLY A 531 7.08 33.67 30.41
C GLY A 531 7.60 32.88 31.58
N ALA A 532 6.95 33.02 32.74
CA ALA A 532 7.32 32.22 33.90
C ALA A 532 7.12 30.74 33.65
N PHE A 533 6.02 30.37 32.98
CA PHE A 533 5.79 28.97 32.66
C PHE A 533 6.87 28.43 31.73
N ASN A 534 7.28 29.22 30.74
CA ASN A 534 8.30 28.76 29.80
C ASN A 534 9.61 28.46 30.53
N MET A 535 10.02 29.35 31.43
CA MET A 535 11.25 29.11 32.18
C MET A 535 11.13 27.85 33.03
N VAL A 536 9.98 27.66 33.69
CA VAL A 536 9.77 26.44 34.45
C VAL A 536 9.73 25.22 33.52
N TYR A 537 9.02 25.34 32.39
CA TYR A 537 8.87 24.21 31.48
C TYR A 537 10.21 23.82 30.87
N TRP A 538 10.94 24.79 30.32
CA TRP A 538 12.17 24.47 29.61
C TRP A 538 13.24 23.94 30.57
N VAL A 539 13.38 24.55 31.75
CA VAL A 539 14.42 24.12 32.69
C VAL A 539 14.17 22.69 33.13
N VAL A 540 12.91 22.32 33.36
CA VAL A 540 12.60 20.96 33.80
C VAL A 540 12.97 19.94 32.72
N TYR A 541 12.65 20.24 31.46
CA TYR A 541 12.75 19.27 30.39
C TYR A 541 14.01 19.41 29.55
N LEU A 542 14.40 20.64 29.20
CA LEU A 542 15.60 20.81 28.38
C LEU A 542 16.87 20.41 29.14
N SER A 543 16.81 20.37 30.46
CA SER A 543 17.94 19.90 31.26
C SER A 543 17.95 18.37 31.27
N LYS A 544 18.72 17.79 32.19
CA LYS A 544 18.86 16.35 32.34
C LYS A 544 19.53 15.73 31.11
N ASN B 33 20.52 -33.67 -33.07
CA ASN B 33 21.86 -33.65 -32.51
C ASN B 33 21.77 -33.28 -31.02
N MET B 34 20.59 -33.54 -30.45
CA MET B 34 20.32 -33.13 -29.08
C MET B 34 21.04 -34.01 -28.07
N SER B 35 21.28 -35.27 -28.41
CA SER B 35 22.07 -36.16 -27.56
C SER B 35 23.52 -35.70 -27.48
N PHE B 36 24.06 -35.18 -28.59
CA PHE B 36 25.43 -34.66 -28.59
C PHE B 36 25.54 -33.42 -27.71
N VAL B 37 24.59 -32.48 -27.84
CA VAL B 37 24.63 -31.29 -27.01
C VAL B 37 24.42 -31.65 -25.55
N LYS B 38 23.51 -32.58 -25.27
CA LYS B 38 23.28 -33.02 -23.89
C LYS B 38 24.54 -33.63 -23.31
N GLU B 39 25.23 -34.46 -24.11
CA GLU B 39 26.48 -35.09 -23.68
C GLU B 39 27.53 -34.02 -23.35
N THR B 40 27.72 -33.07 -24.27
CA THR B 40 28.69 -32.01 -24.07
C THR B 40 28.43 -31.27 -22.76
N VAL B 41 27.19 -30.88 -22.51
CA VAL B 41 26.88 -30.09 -21.32
C VAL B 41 27.05 -30.94 -20.07
N ASP B 42 26.60 -32.20 -20.11
CA ASP B 42 26.82 -33.10 -18.99
C ASP B 42 28.30 -33.22 -18.66
N LYS B 43 29.14 -33.30 -19.69
CA LYS B 43 30.58 -33.41 -19.49
C LYS B 43 31.12 -32.16 -18.82
N LEU B 44 30.63 -30.98 -19.24
CA LEU B 44 31.06 -29.72 -18.63
C LEU B 44 30.83 -29.72 -17.13
N LEU B 45 29.68 -30.26 -16.69
CA LEU B 45 29.27 -30.17 -15.30
C LEU B 45 29.71 -31.37 -14.48
N LYS B 46 30.33 -32.36 -15.10
CA LYS B 46 30.80 -33.54 -14.39
C LYS B 46 32.04 -33.17 -13.58
N GLY B 47 31.95 -33.33 -12.25
CA GLY B 47 33.04 -32.97 -11.38
C GLY B 47 33.29 -31.49 -11.24
N TYR B 48 32.34 -30.66 -11.69
CA TYR B 48 32.45 -29.22 -11.53
C TYR B 48 32.23 -28.87 -10.07
N ASP B 49 33.16 -28.13 -9.48
CA ASP B 49 33.06 -27.71 -8.09
C ASP B 49 32.63 -26.25 -8.02
N ILE B 50 31.36 -26.04 -7.67
CA ILE B 50 30.81 -24.69 -7.52
C ILE B 50 31.51 -23.90 -6.42
N ARG B 51 32.20 -24.58 -5.50
CA ARG B 51 32.81 -23.89 -4.38
C ARG B 51 34.02 -23.07 -4.78
N LEU B 52 34.66 -23.40 -5.90
CA LEU B 52 35.93 -22.82 -6.30
C LEU B 52 35.68 -21.85 -7.44
N ARG B 53 36.15 -20.62 -7.29
CA ARG B 53 36.09 -19.67 -8.39
C ARG B 53 36.96 -20.13 -9.55
N PRO B 54 36.65 -19.67 -10.76
CA PRO B 54 37.56 -19.88 -11.89
C PRO B 54 38.96 -19.38 -11.59
N ASP B 55 39.96 -20.18 -11.96
CA ASP B 55 41.37 -19.85 -11.73
C ASP B 55 41.68 -19.68 -10.25
N PHE B 56 40.97 -20.42 -9.40
CA PHE B 56 41.25 -20.46 -7.97
C PHE B 56 42.76 -20.59 -7.73
N GLY B 57 43.28 -19.73 -6.85
CA GLY B 57 44.69 -19.73 -6.54
C GLY B 57 45.54 -19.00 -7.54
N GLY B 58 44.96 -18.50 -8.62
CA GLY B 58 45.68 -17.81 -9.66
C GLY B 58 45.30 -16.34 -9.70
N PRO B 59 45.51 -15.69 -10.85
CA PRO B 59 45.12 -14.29 -10.99
C PRO B 59 43.62 -14.12 -10.81
N PRO B 60 43.16 -12.93 -10.41
CA PRO B 60 41.73 -12.73 -10.20
C PRO B 60 40.93 -12.94 -11.49
N VAL B 61 39.69 -13.41 -11.32
CA VAL B 61 38.75 -13.49 -12.43
C VAL B 61 38.19 -12.10 -12.69
N CYS B 62 38.25 -11.66 -13.94
CA CYS B 62 37.69 -10.37 -14.33
C CYS B 62 36.21 -10.55 -14.67
N VAL B 63 35.35 -9.81 -13.97
CA VAL B 63 33.91 -9.87 -14.17
C VAL B 63 33.45 -8.54 -14.75
N GLY B 64 32.90 -8.57 -15.96
CA GLY B 64 32.36 -7.38 -16.58
C GLY B 64 30.89 -7.23 -16.27
N MET B 65 30.51 -6.04 -15.84
CA MET B 65 29.13 -5.74 -15.48
C MET B 65 28.46 -4.93 -16.58
N ASN B 66 27.15 -5.11 -16.70
CA ASN B 66 26.36 -4.42 -17.71
C ASN B 66 24.93 -4.33 -17.21
N ILE B 67 24.39 -3.12 -17.12
CA ILE B 67 23.07 -2.87 -16.57
C ILE B 67 22.19 -2.26 -17.65
N ASP B 68 20.96 -2.76 -17.76
CA ASP B 68 19.91 -2.13 -18.56
C ASP B 68 18.82 -1.69 -17.60
N ILE B 69 18.64 -0.38 -17.47
CA ILE B 69 17.71 0.18 -16.49
C ILE B 69 16.30 0.10 -17.07
N ALA B 70 15.47 -0.78 -16.50
CA ALA B 70 14.09 -0.88 -16.94
C ALA B 70 13.25 0.29 -16.44
N SER B 71 13.42 0.66 -15.18
CA SER B 71 12.58 1.69 -14.56
C SER B 71 13.25 2.12 -13.26
N ILE B 72 12.94 3.35 -12.85
CA ILE B 72 13.01 3.76 -11.45
C ILE B 72 11.59 4.05 -10.99
N ASP B 73 11.03 3.14 -10.19
CA ASP B 73 9.60 3.15 -9.92
C ASP B 73 9.23 4.28 -8.97
N MET B 74 10.05 4.54 -7.95
CA MET B 74 9.67 5.38 -6.83
C MET B 74 10.93 6.03 -6.26
N VAL B 75 10.76 7.26 -5.78
CA VAL B 75 11.77 7.93 -4.96
C VAL B 75 11.06 8.46 -3.72
N SER B 76 11.52 8.02 -2.54
CA SER B 76 10.88 8.34 -1.27
C SER B 76 11.81 9.24 -0.45
N GLU B 77 11.37 10.46 -0.18
CA GLU B 77 12.07 11.30 0.78
C GLU B 77 11.88 10.80 2.21
N VAL B 78 10.67 10.33 2.54
CA VAL B 78 10.38 9.96 3.92
C VAL B 78 11.17 8.71 4.32
N ASN B 79 11.28 7.75 3.43
CA ASN B 79 12.04 6.53 3.69
C ASN B 79 13.51 6.65 3.28
N MET B 80 13.89 7.76 2.66
CA MET B 80 15.23 7.99 2.14
C MET B 80 15.71 6.78 1.34
N ASP B 81 14.97 6.48 0.28
CA ASP B 81 15.31 5.37 -0.60
C ASP B 81 14.66 5.57 -1.95
N TYR B 82 15.05 4.73 -2.90
CA TYR B 82 14.49 4.74 -4.24
C TYR B 82 14.38 3.29 -4.70
N THR B 83 13.49 3.04 -5.67
CA THR B 83 13.25 1.70 -6.17
C THR B 83 13.63 1.61 -7.63
N LEU B 84 14.54 0.69 -7.95
CA LEU B 84 15.10 0.54 -9.28
C LEU B 84 14.77 -0.85 -9.81
N THR B 85 14.40 -0.94 -11.08
CA THR B 85 14.30 -2.20 -11.78
C THR B 85 15.30 -2.19 -12.93
N MET B 86 16.07 -3.27 -13.06
CA MET B 86 17.14 -3.31 -14.04
C MET B 86 17.35 -4.73 -14.52
N TYR B 87 17.97 -4.85 -15.70
CA TYR B 87 18.56 -6.11 -16.17
C TYR B 87 20.04 -6.09 -15.86
N PHE B 88 20.45 -6.94 -14.93
CA PHE B 88 21.83 -6.96 -14.43
C PHE B 88 22.57 -8.13 -15.07
N GLN B 89 23.55 -7.82 -15.91
CA GLN B 89 24.31 -8.82 -16.63
C GLN B 89 25.74 -8.87 -16.11
N GLN B 90 26.26 -10.09 -15.95
CA GLN B 90 27.63 -10.31 -15.53
C GLN B 90 28.36 -11.13 -16.59
N TYR B 91 29.62 -10.79 -16.82
CA TYR B 91 30.39 -11.32 -17.93
C TYR B 91 31.75 -11.76 -17.41
N TRP B 92 32.06 -13.05 -17.51
CA TRP B 92 33.35 -13.56 -17.09
C TRP B 92 33.68 -14.81 -17.89
N ARG B 93 34.94 -15.24 -17.80
CA ARG B 93 35.42 -16.45 -18.43
C ARG B 93 35.66 -17.52 -17.37
N ASP B 94 35.06 -18.70 -17.57
CA ASP B 94 35.33 -19.87 -16.74
C ASP B 94 35.85 -20.98 -17.67
N LYS B 95 37.16 -21.19 -17.64
CA LYS B 95 37.78 -22.18 -18.53
C LYS B 95 37.29 -23.60 -18.27
N ARG B 96 36.68 -23.85 -17.11
CA ARG B 96 36.08 -25.16 -16.85
C ARG B 96 34.88 -25.45 -17.74
N LEU B 97 34.27 -24.42 -18.33
CA LEU B 97 33.06 -24.57 -19.12
C LEU B 97 33.31 -24.49 -20.61
N ALA B 98 34.58 -24.41 -21.03
CA ALA B 98 34.91 -24.37 -22.44
C ALA B 98 34.50 -25.67 -23.12
N TYR B 99 33.93 -25.56 -24.32
CA TYR B 99 33.48 -26.70 -25.08
C TYR B 99 33.89 -26.53 -26.54
N SER B 100 34.12 -27.65 -27.22
CA SER B 100 34.55 -27.67 -28.60
C SER B 100 33.54 -28.44 -29.46
N GLY B 101 33.62 -28.19 -30.76
CA GLY B 101 32.84 -28.93 -31.73
C GLY B 101 31.40 -28.49 -31.84
N ILE B 102 31.04 -27.37 -31.24
CA ILE B 102 29.71 -26.78 -31.36
C ILE B 102 29.89 -25.29 -31.63
N PRO B 103 29.71 -24.83 -32.87
CA PRO B 103 29.85 -23.39 -33.18
C PRO B 103 28.59 -22.58 -32.90
N LEU B 104 28.06 -22.72 -31.69
CA LEU B 104 26.90 -21.97 -31.24
C LEU B 104 27.17 -21.46 -29.84
N ASN B 105 26.47 -20.39 -29.46
CA ASN B 105 26.31 -20.05 -28.05
C ASN B 105 25.07 -20.76 -27.50
N LEU B 106 25.26 -21.48 -26.41
CA LEU B 106 24.20 -22.29 -25.80
C LEU B 106 23.44 -21.41 -24.81
N THR B 107 22.18 -21.12 -25.12
CA THR B 107 21.27 -20.56 -24.13
C THR B 107 20.62 -21.72 -23.37
N LEU B 108 20.83 -21.76 -22.06
CA LEU B 108 20.37 -22.84 -21.22
C LEU B 108 19.24 -22.37 -20.32
N ASP B 109 18.38 -23.31 -19.92
CA ASP B 109 17.34 -23.01 -18.95
C ASP B 109 17.95 -22.41 -17.69
N ASN B 110 17.24 -21.47 -17.08
CA ASN B 110 17.80 -20.70 -15.96
C ASN B 110 18.20 -21.58 -14.78
N ARG B 111 17.63 -22.78 -14.67
CA ARG B 111 17.95 -23.66 -13.55
C ARG B 111 19.39 -24.17 -13.59
N VAL B 112 20.07 -24.08 -14.74
CA VAL B 112 21.46 -24.49 -14.81
C VAL B 112 22.34 -23.59 -13.95
N ALA B 113 21.90 -22.36 -13.68
CA ALA B 113 22.68 -21.43 -12.87
C ALA B 113 23.04 -22.01 -11.51
N ASP B 114 22.19 -22.92 -11.00
CA ASP B 114 22.41 -23.53 -9.70
C ASP B 114 23.55 -24.54 -9.72
N GLN B 115 24.03 -24.95 -10.89
CA GLN B 115 25.12 -25.90 -11.00
C GLN B 115 26.44 -25.23 -11.36
N LEU B 116 26.46 -23.91 -11.49
CA LEU B 116 27.63 -23.15 -11.91
C LEU B 116 28.12 -22.28 -10.77
N TRP B 117 29.41 -21.96 -10.79
CA TRP B 117 29.91 -20.84 -10.02
C TRP B 117 29.38 -19.54 -10.61
N VAL B 118 28.92 -18.64 -9.74
CA VAL B 118 28.64 -17.27 -10.13
C VAL B 118 29.27 -16.33 -9.12
N PRO B 119 29.56 -15.09 -9.52
CA PRO B 119 30.13 -14.13 -8.57
C PRO B 119 29.19 -13.88 -7.40
N ASP B 120 29.78 -13.49 -6.27
CA ASP B 120 29.00 -13.20 -5.07
C ASP B 120 28.70 -11.71 -4.98
N THR B 121 28.12 -11.20 -6.06
CA THR B 121 27.84 -9.77 -6.17
C THR B 121 26.64 -9.40 -5.30
N TYR B 122 26.74 -8.27 -4.63
CA TYR B 122 25.65 -7.74 -3.84
C TYR B 122 25.62 -6.22 -3.98
N PHE B 123 24.53 -5.62 -3.53
CA PHE B 123 24.33 -4.18 -3.59
C PHE B 123 24.45 -3.64 -2.17
N LEU B 124 25.57 -2.95 -1.90
CA LEU B 124 25.92 -2.61 -0.53
C LEU B 124 24.94 -1.65 0.11
N ASN B 125 24.28 -0.79 -0.69
CA ASN B 125 23.33 0.18 -0.15
C ASN B 125 21.89 -0.20 -0.43
N ASP B 126 21.61 -1.47 -0.73
CA ASP B 126 20.24 -1.91 -0.94
C ASP B 126 19.54 -2.20 0.38
N LYS B 127 18.23 -1.93 0.40
CA LYS B 127 17.39 -2.20 1.56
C LYS B 127 16.58 -3.48 1.39
N LYS B 128 16.06 -3.73 0.19
CA LYS B 128 15.24 -4.90 -0.08
C LYS B 128 15.24 -5.13 -1.59
N SER B 129 15.59 -6.35 -2.01
CA SER B 129 15.67 -6.65 -3.43
C SER B 129 15.26 -8.09 -3.65
N PHE B 130 14.81 -8.37 -4.88
CA PHE B 130 14.37 -9.71 -5.26
C PHE B 130 14.56 -9.89 -6.75
N VAL B 131 14.76 -11.14 -7.15
CA VAL B 131 14.70 -11.53 -8.56
C VAL B 131 13.26 -11.91 -8.90
N HIS B 132 12.74 -11.31 -9.97
CA HIS B 132 11.38 -11.61 -10.41
C HIS B 132 11.24 -13.10 -10.73
N GLY B 133 10.08 -13.66 -10.41
CA GLY B 133 9.91 -15.10 -10.44
C GLY B 133 8.80 -15.64 -11.32
N VAL B 134 8.12 -14.76 -12.06
CA VAL B 134 7.03 -15.17 -12.93
C VAL B 134 7.41 -14.89 -14.38
N THR B 135 7.13 -15.84 -15.27
CA THR B 135 6.54 -17.13 -14.92
C THR B 135 7.62 -18.08 -14.42
N VAL B 136 8.87 -17.68 -14.63
CA VAL B 136 10.03 -18.40 -14.14
C VAL B 136 10.97 -17.38 -13.53
N LYS B 137 12.01 -17.87 -12.85
CA LYS B 137 13.04 -16.99 -12.34
C LYS B 137 13.65 -16.20 -13.49
N ASN B 138 13.54 -14.88 -13.43
CA ASN B 138 13.99 -14.02 -14.53
C ASN B 138 15.51 -14.03 -14.53
N ARG B 139 16.06 -15.10 -15.11
CA ARG B 139 17.49 -15.37 -15.06
C ARG B 139 17.91 -15.99 -16.38
N MET B 140 19.10 -15.65 -16.84
CA MET B 140 19.63 -16.19 -18.09
C MET B 140 21.03 -16.72 -17.87
N ILE B 141 21.36 -17.81 -18.58
CA ILE B 141 22.71 -18.33 -18.68
C ILE B 141 22.99 -18.58 -20.15
N ARG B 142 24.02 -17.93 -20.69
CA ARG B 142 24.50 -18.20 -22.03
C ARG B 142 25.98 -18.54 -21.98
N LEU B 143 26.32 -19.74 -22.46
CA LEU B 143 27.70 -20.19 -22.55
C LEU B 143 28.26 -19.94 -23.94
N HIS B 144 29.57 -19.73 -24.01
CA HIS B 144 30.28 -19.51 -25.26
C HIS B 144 31.40 -20.54 -25.39
N PRO B 145 31.77 -20.91 -26.62
CA PRO B 145 32.76 -21.98 -26.80
C PRO B 145 34.06 -21.77 -26.04
N ASP B 146 34.48 -20.52 -25.85
CA ASP B 146 35.72 -20.24 -25.13
C ASP B 146 35.56 -20.25 -23.62
N GLY B 147 34.36 -20.55 -23.12
CA GLY B 147 34.12 -20.59 -21.69
C GLY B 147 33.64 -19.29 -21.10
N THR B 148 33.32 -18.30 -21.92
CA THR B 148 32.67 -17.08 -21.45
C THR B 148 31.25 -17.37 -20.98
N VAL B 149 30.92 -16.91 -19.78
CA VAL B 149 29.59 -17.06 -19.22
C VAL B 149 28.91 -15.69 -19.20
N LEU B 150 27.71 -15.61 -19.77
CA LEU B 150 26.88 -14.41 -19.71
C LEU B 150 25.71 -14.70 -18.79
N TYR B 151 25.72 -14.11 -17.60
CA TYR B 151 24.73 -14.36 -16.57
C TYR B 151 23.89 -13.11 -16.36
N GLY B 152 22.60 -13.20 -16.65
CA GLY B 152 21.71 -12.05 -16.57
C GLY B 152 20.61 -12.27 -15.55
N LEU B 153 20.26 -11.21 -14.83
CA LEU B 153 19.19 -11.24 -13.85
C LEU B 153 18.33 -10.00 -14.03
N ARG B 154 17.02 -10.15 -13.81
CA ARG B 154 16.12 -9.00 -13.72
C ARG B 154 15.80 -8.77 -12.26
N ILE B 155 16.22 -7.63 -11.73
CA ILE B 155 16.20 -7.36 -10.30
C ILE B 155 15.40 -6.09 -10.05
N THR B 156 14.57 -6.11 -9.02
CA THR B 156 14.03 -4.89 -8.44
C THR B 156 14.67 -4.69 -7.08
N THR B 157 15.24 -3.51 -6.87
CA THR B 157 15.93 -3.19 -5.63
C THR B 157 15.39 -1.88 -5.06
N THR B 158 15.11 -1.88 -3.76
CA THR B 158 14.99 -0.64 -3.01
C THR B 158 16.34 -0.35 -2.36
N ALA B 159 16.93 0.78 -2.70
CA ALA B 159 18.30 1.10 -2.28
C ALA B 159 18.31 2.42 -1.54
N ALA B 160 19.15 2.49 -0.51
CA ALA B 160 19.25 3.70 0.30
C ALA B 160 19.80 4.84 -0.53
N CYS B 161 19.28 6.05 -0.28
CA CYS B 161 19.83 7.25 -0.90
C CYS B 161 19.63 8.40 0.10
N MET B 162 20.67 8.68 0.87
CA MET B 162 20.62 9.80 1.80
C MET B 162 20.50 11.10 1.04
N MET B 163 19.47 11.88 1.35
CA MET B 163 19.16 13.11 0.63
C MET B 163 19.43 14.32 1.51
N ASP B 164 19.96 15.37 0.91
CA ASP B 164 20.15 16.66 1.58
C ASP B 164 18.95 17.53 1.26
N LEU B 165 18.05 17.67 2.23
CA LEU B 165 16.78 18.35 2.00
C LEU B 165 16.82 19.80 2.48
N ARG B 166 18.01 20.36 2.64
CA ARG B 166 18.15 21.74 3.10
C ARG B 166 17.56 22.72 2.10
N ARG B 167 17.63 22.38 0.82
CA ARG B 167 17.14 23.23 -0.26
C ARG B 167 15.80 22.75 -0.80
N TYR B 168 15.18 21.77 -0.14
CA TYR B 168 13.92 21.21 -0.62
C TYR B 168 12.84 22.29 -0.65
N PRO B 169 12.03 22.36 -1.70
CA PRO B 169 12.02 21.48 -2.87
C PRO B 169 12.81 21.99 -4.07
N LEU B 170 13.85 22.79 -3.82
CA LEU B 170 14.74 23.25 -4.88
C LEU B 170 16.06 22.50 -4.85
N ASP B 171 16.01 21.20 -4.57
CA ASP B 171 17.19 20.43 -4.25
C ASP B 171 17.63 19.57 -5.43
N GLU B 172 18.90 19.20 -5.41
CA GLU B 172 19.48 18.24 -6.34
C GLU B 172 20.06 17.10 -5.53
N GLN B 173 19.72 15.87 -5.90
CA GLN B 173 20.17 14.71 -5.14
C GLN B 173 21.12 13.87 -5.97
N ASN B 174 21.99 13.15 -5.27
CA ASN B 174 22.92 12.18 -5.84
C ASN B 174 22.56 10.82 -5.26
N CYS B 175 21.78 10.04 -6.00
CA CYS B 175 21.43 8.68 -5.59
C CYS B 175 22.33 7.69 -6.32
N THR B 176 22.92 6.78 -5.57
CA THR B 176 23.89 5.83 -6.11
C THR B 176 23.39 4.41 -5.95
N LEU B 177 23.99 3.52 -6.73
CA LEU B 177 23.92 2.08 -6.50
C LEU B 177 25.34 1.55 -6.40
N GLU B 178 25.68 0.99 -5.25
CA GLU B 178 27.04 0.52 -4.99
C GLU B 178 27.11 -0.99 -5.15
N ILE B 179 27.94 -1.45 -6.08
CA ILE B 179 28.03 -2.85 -6.46
C ILE B 179 29.38 -3.37 -6.00
N GLU B 180 29.38 -4.47 -5.26
CA GLU B 180 30.61 -4.94 -4.65
C GLU B 180 30.61 -6.46 -4.58
N SER B 181 31.80 -7.02 -4.48
CA SER B 181 31.97 -8.44 -4.15
C SER B 181 31.84 -8.63 -2.65
N TYR B 182 31.01 -9.60 -2.23
CA TYR B 182 30.78 -9.78 -0.80
C TYR B 182 32.01 -10.36 -0.10
N GLY B 183 32.52 -11.48 -0.60
CA GLY B 183 33.51 -12.24 0.14
C GLY B 183 34.86 -12.34 -0.54
N TYR B 184 34.89 -12.16 -1.85
CA TYR B 184 36.13 -12.24 -2.61
C TYR B 184 36.80 -10.87 -2.64
N THR B 185 38.08 -10.84 -2.26
CA THR B 185 38.88 -9.63 -2.35
C THR B 185 39.38 -9.42 -3.78
N THR B 186 40.09 -8.31 -3.98
CA THR B 186 40.68 -8.03 -5.29
C THR B 186 41.82 -8.97 -5.63
N ASP B 187 42.30 -9.77 -4.68
CA ASP B 187 43.18 -10.87 -5.02
C ASP B 187 42.46 -11.95 -5.81
N ASP B 188 41.14 -12.07 -5.63
CA ASP B 188 40.38 -13.17 -6.21
C ASP B 188 39.42 -12.77 -7.32
N ILE B 189 39.00 -11.51 -7.36
CA ILE B 189 38.01 -11.08 -8.34
C ILE B 189 38.22 -9.60 -8.63
N GLU B 190 37.90 -9.20 -9.86
CA GLU B 190 37.97 -7.81 -10.27
C GLU B 190 36.72 -7.46 -11.08
N PHE B 191 36.21 -6.25 -10.88
CA PHE B 191 35.06 -5.76 -11.63
C PHE B 191 35.49 -4.69 -12.62
N TYR B 192 34.77 -4.62 -13.73
CA TYR B 192 34.89 -3.50 -14.65
C TYR B 192 33.54 -3.26 -15.32
N TRP B 193 33.33 -2.03 -15.76
CA TRP B 193 32.18 -1.68 -16.58
C TRP B 193 32.43 -2.15 -18.02
N ARG B 194 31.66 -3.14 -18.45
CA ARG B 194 31.87 -3.76 -19.76
C ARG B 194 31.31 -2.83 -20.82
N GLY B 195 32.18 -2.26 -21.65
CA GLY B 195 31.81 -1.22 -22.57
C GLY B 195 32.11 0.19 -22.09
N GLY B 196 32.77 0.33 -20.95
CA GLY B 196 33.07 1.65 -20.41
C GLY B 196 31.80 2.44 -20.16
N ASP B 197 31.68 3.58 -20.86
CA ASP B 197 30.58 4.50 -20.62
C ASP B 197 29.26 4.03 -21.20
N LYS B 198 29.29 2.94 -21.98
CA LYS B 198 28.07 2.34 -22.53
C LYS B 198 27.62 1.12 -21.75
N ALA B 199 28.25 0.82 -20.61
CA ALA B 199 27.90 -0.37 -19.86
C ALA B 199 26.51 -0.28 -19.27
N VAL B 200 25.97 0.92 -19.10
CA VAL B 200 24.65 1.13 -18.52
C VAL B 200 23.78 1.76 -19.58
N THR B 201 22.68 1.08 -19.92
CA THR B 201 21.73 1.56 -20.91
C THR B 201 20.40 1.86 -20.25
N GLY B 202 19.56 2.59 -20.97
CA GLY B 202 18.19 2.80 -20.55
C GLY B 202 17.97 3.97 -19.62
N VAL B 203 18.96 4.84 -19.46
CA VAL B 203 18.77 6.01 -18.60
C VAL B 203 17.69 6.92 -19.18
N GLU B 204 17.52 6.91 -20.50
CA GLU B 204 16.47 7.71 -21.12
C GLU B 204 15.09 7.17 -20.80
N ARG B 205 14.98 5.91 -20.38
CA ARG B 205 13.70 5.31 -20.06
C ARG B 205 13.15 5.80 -18.73
N ILE B 206 14.03 6.26 -17.83
CA ILE B 206 13.60 6.66 -16.50
C ILE B 206 12.63 7.81 -16.61
N GLU B 207 11.42 7.62 -16.05
CA GLU B 207 10.35 8.60 -16.13
C GLU B 207 9.81 8.79 -14.71
N LEU B 208 10.52 9.61 -13.93
CA LEU B 208 10.04 9.99 -12.60
C LEU B 208 9.31 11.32 -12.72
N PRO B 209 8.04 11.39 -12.33
CA PRO B 209 7.33 12.68 -12.43
C PRO B 209 8.02 13.79 -11.66
N GLN B 210 8.56 13.50 -10.49
CA GLN B 210 9.05 14.54 -9.60
C GLN B 210 10.51 14.90 -9.84
N PHE B 211 11.23 14.13 -10.67
CA PHE B 211 12.64 14.35 -10.88
C PHE B 211 12.95 14.24 -12.37
N SER B 212 13.98 14.97 -12.78
CA SER B 212 14.67 14.74 -14.05
C SER B 212 16.06 14.19 -13.77
N ILE B 213 16.47 13.23 -14.58
CA ILE B 213 17.84 12.73 -14.52
C ILE B 213 18.74 13.69 -15.28
N VAL B 214 19.60 14.41 -14.54
CA VAL B 214 20.50 15.37 -15.17
C VAL B 214 21.66 14.63 -15.83
N GLU B 215 22.22 13.64 -15.13
CA GLU B 215 23.48 13.01 -15.51
C GLU B 215 23.54 11.66 -14.83
N HIS B 216 24.28 10.75 -15.42
CA HIS B 216 24.72 9.53 -14.75
C HIS B 216 26.22 9.35 -14.95
N ARG B 217 26.85 8.71 -13.97
CA ARG B 217 28.29 8.47 -14.03
C ARG B 217 28.59 7.04 -13.60
N LEU B 218 29.67 6.50 -14.15
CA LEU B 218 30.14 5.16 -13.83
C LEU B 218 31.51 5.29 -13.19
N VAL B 219 31.69 4.67 -12.03
CA VAL B 219 32.96 4.73 -11.31
C VAL B 219 33.43 3.32 -11.01
N SER B 220 34.74 3.16 -10.91
CA SER B 220 35.38 1.91 -10.53
C SER B 220 36.46 2.23 -9.51
N ARG B 221 36.47 1.50 -8.40
CA ARG B 221 37.53 1.70 -7.41
C ARG B 221 37.63 0.45 -6.53
N ASN B 222 38.65 0.44 -5.69
CA ASN B 222 38.84 -0.58 -4.67
C ASN B 222 38.51 0.02 -3.31
N VAL B 223 37.77 -0.75 -2.51
CA VAL B 223 37.35 -0.31 -1.17
C VAL B 223 37.98 -1.25 -0.16
N VAL B 224 38.62 -0.67 0.85
CA VAL B 224 39.36 -1.42 1.85
C VAL B 224 38.52 -1.56 3.11
N PHE B 225 38.42 -2.78 3.61
CA PHE B 225 37.81 -3.09 4.90
C PHE B 225 38.81 -3.88 5.75
N ALA B 226 38.41 -4.16 7.00
CA ALA B 226 39.25 -4.94 7.88
C ALA B 226 39.58 -6.30 7.29
N THR B 227 38.67 -6.86 6.50
CA THR B 227 38.86 -8.18 5.91
C THR B 227 39.62 -8.14 4.59
N GLY B 228 39.90 -6.95 4.06
CA GLY B 228 40.74 -6.79 2.90
C GLY B 228 40.18 -5.76 1.95
N ALA B 229 40.79 -5.71 0.76
CA ALA B 229 40.39 -4.78 -0.28
C ALA B 229 39.41 -5.45 -1.25
N TYR B 230 38.30 -4.77 -1.53
CA TYR B 230 37.25 -5.35 -2.35
C TYR B 230 36.99 -4.50 -3.58
N PRO B 231 36.68 -5.11 -4.71
CA PRO B 231 36.33 -4.33 -5.91
C PRO B 231 34.96 -3.68 -5.76
N ARG B 232 34.84 -2.46 -6.27
CA ARG B 232 33.60 -1.70 -6.19
C ARG B 232 33.31 -1.09 -7.55
N LEU B 233 32.04 -1.15 -7.96
CA LEU B 233 31.51 -0.34 -9.04
C LEU B 233 30.36 0.50 -8.51
N SER B 234 30.33 1.77 -8.91
CA SER B 234 29.32 2.70 -8.42
C SER B 234 28.60 3.32 -9.61
N LEU B 235 27.28 3.19 -9.64
CA LEU B 235 26.43 3.89 -10.58
C LEU B 235 25.66 4.95 -9.80
N SER B 236 25.77 6.20 -10.24
CA SER B 236 25.08 7.30 -9.59
C SER B 236 24.26 8.09 -10.60
N PHE B 237 23.18 8.70 -10.10
CA PHE B 237 22.34 9.58 -10.88
C PHE B 237 22.20 10.91 -10.15
N ARG B 238 22.13 11.99 -10.92
CA ARG B 238 21.84 13.32 -10.39
C ARG B 238 20.39 13.64 -10.68
N LEU B 239 19.58 13.73 -9.63
CA LEU B 239 18.15 13.99 -9.76
C LEU B 239 17.87 15.44 -9.43
N LYS B 240 17.08 16.10 -10.27
CA LYS B 240 16.71 17.50 -10.06
C LYS B 240 15.21 17.59 -9.92
N ARG B 241 14.75 18.09 -8.77
CA ARG B 241 13.33 18.20 -8.48
C ARG B 241 12.71 19.25 -9.39
N ASN B 242 11.55 18.94 -9.96
CA ASN B 242 10.81 19.95 -10.70
C ASN B 242 10.04 20.86 -9.73
N ILE B 243 10.27 22.17 -9.88
CA ILE B 243 9.70 23.16 -8.97
C ILE B 243 8.20 23.35 -9.20
N GLY B 244 7.73 23.12 -10.44
CA GLY B 244 6.42 23.61 -10.84
C GLY B 244 5.29 23.27 -9.88
N TYR B 245 5.23 22.01 -9.44
CA TYR B 245 4.16 21.58 -8.54
C TYR B 245 4.16 22.40 -7.26
N PHE B 246 5.35 22.69 -6.72
CA PHE B 246 5.47 23.33 -5.42
C PHE B 246 5.13 24.82 -5.46
N ILE B 247 5.55 25.52 -6.53
CA ILE B 247 5.12 26.89 -6.74
C ILE B 247 3.61 27.02 -6.65
N LEU B 248 2.88 26.14 -7.33
CA LEU B 248 1.43 26.31 -7.39
C LEU B 248 0.76 25.85 -6.10
N GLN B 249 1.24 24.75 -5.51
CA GLN B 249 0.52 24.10 -4.43
C GLN B 249 0.82 24.71 -3.07
N THR B 250 2.07 25.11 -2.83
CA THR B 250 2.51 25.60 -1.52
C THR B 250 2.92 27.05 -1.54
N TYR B 251 3.65 27.49 -2.57
CA TYR B 251 4.16 28.85 -2.60
C TYR B 251 3.07 29.86 -2.94
N MET B 252 2.31 29.61 -4.01
CA MET B 252 1.30 30.59 -4.43
C MET B 252 0.20 30.79 -3.39
N PRO B 253 -0.42 29.75 -2.83
CA PRO B 253 -1.39 30.00 -1.75
C PRO B 253 -0.81 30.83 -0.62
N SER B 254 0.45 30.56 -0.26
CA SER B 254 1.10 31.33 0.80
C SER B 254 1.26 32.79 0.39
N ILE B 255 1.65 33.04 -0.86
CA ILE B 255 1.82 34.41 -1.32
C ILE B 255 0.49 35.14 -1.31
N LEU B 256 -0.57 34.47 -1.77
CA LEU B 256 -1.87 35.12 -1.86
C LEU B 256 -2.46 35.39 -0.48
N ILE B 257 -2.25 34.49 0.48
CA ILE B 257 -2.71 34.75 1.84
C ILE B 257 -1.96 35.94 2.44
N THR B 258 -0.66 36.01 2.20
CA THR B 258 0.13 37.11 2.76
C THR B 258 -0.30 38.44 2.16
N ILE B 259 -0.52 38.48 0.85
CA ILE B 259 -1.02 39.70 0.20
C ILE B 259 -2.39 40.04 0.74
N LEU B 260 -3.26 39.03 0.85
CA LEU B 260 -4.59 39.20 1.39
C LEU B 260 -4.55 39.87 2.76
N SER B 261 -3.58 39.48 3.59
CA SER B 261 -3.44 40.03 4.94
C SER B 261 -3.28 41.53 4.91
N TRP B 262 -2.69 42.07 3.84
CA TRP B 262 -2.36 43.48 3.72
C TRP B 262 -3.59 44.33 3.45
N VAL B 263 -4.65 43.72 2.90
CA VAL B 263 -5.91 44.42 2.66
C VAL B 263 -6.36 45.17 3.91
N SER B 264 -6.11 44.58 5.08
CA SER B 264 -6.47 45.22 6.35
C SER B 264 -5.99 46.66 6.40
N PHE B 265 -4.80 46.94 5.86
CA PHE B 265 -4.20 48.26 6.03
C PHE B 265 -4.95 49.34 5.25
N TRP B 266 -5.74 48.94 4.24
CA TRP B 266 -6.56 49.88 3.50
C TRP B 266 -7.97 49.99 4.04
N ILE B 267 -8.32 49.20 5.05
CA ILE B 267 -9.66 49.25 5.64
C ILE B 267 -9.67 50.32 6.71
N ASN B 268 -10.85 50.92 6.93
CA ASN B 268 -10.99 51.96 7.94
C ASN B 268 -10.61 51.42 9.32
N TYR B 269 -9.88 52.26 10.07
CA TYR B 269 -9.45 51.86 11.41
C TYR B 269 -10.60 51.77 12.40
N ASP B 270 -11.76 52.34 12.09
CA ASP B 270 -12.92 52.22 12.96
C ASP B 270 -13.60 50.87 12.81
N ALA B 271 -13.34 50.16 11.71
CA ALA B 271 -13.92 48.84 11.43
C ALA B 271 -13.19 47.77 12.21
N SER B 272 -13.34 47.83 13.54
CA SER B 272 -12.54 46.98 14.42
C SER B 272 -12.88 45.51 14.18
N ALA B 273 -14.17 45.19 14.11
CA ALA B 273 -14.57 43.80 13.89
C ALA B 273 -14.02 43.29 12.56
N ALA B 274 -14.14 44.09 11.50
CA ALA B 274 -13.71 43.67 10.19
C ALA B 274 -12.20 43.44 10.13
N ARG B 275 -11.43 44.38 10.68
CA ARG B 275 -9.98 44.30 10.55
C ARG B 275 -9.38 43.24 11.45
N VAL B 276 -9.96 43.05 12.64
CA VAL B 276 -9.46 41.98 13.51
C VAL B 276 -9.85 40.62 12.93
N ALA B 277 -11.04 40.52 12.35
CA ALA B 277 -11.46 39.27 11.72
C ALA B 277 -10.52 38.90 10.58
N LEU B 278 -10.20 39.87 9.72
CA LEU B 278 -9.29 39.60 8.61
C LEU B 278 -7.93 39.11 9.10
N GLY B 279 -7.38 39.78 10.12
CA GLY B 279 -6.07 39.36 10.62
C GLY B 279 -6.07 37.94 11.15
N ILE B 280 -7.01 37.62 12.04
CA ILE B 280 -7.06 36.30 12.65
C ILE B 280 -7.27 35.23 11.58
N THR B 281 -8.30 35.41 10.75
CA THR B 281 -8.74 34.37 9.81
C THR B 281 -7.60 34.02 8.86
N THR B 282 -6.81 35.02 8.46
CA THR B 282 -5.69 34.78 7.55
C THR B 282 -4.64 33.98 8.29
N VAL B 283 -4.41 34.33 9.56
CA VAL B 283 -3.46 33.61 10.40
C VAL B 283 -3.90 32.15 10.48
N LEU B 284 -5.19 31.93 10.72
CA LEU B 284 -5.70 30.58 10.89
C LEU B 284 -5.66 29.85 9.55
N THR B 285 -5.92 30.56 8.46
CA THR B 285 -5.79 29.96 7.14
C THR B 285 -4.36 29.52 6.92
N MET B 286 -3.40 30.31 7.40
CA MET B 286 -1.98 29.99 7.24
C MET B 286 -1.59 28.78 8.08
N THR B 287 -2.28 28.58 9.22
CA THR B 287 -2.04 27.40 10.03
C THR B 287 -2.58 26.16 9.35
N THR B 288 -3.79 26.23 8.79
CA THR B 288 -4.37 25.07 8.11
C THR B 288 -3.51 24.66 6.93
N ILE B 289 -2.96 25.64 6.20
CA ILE B 289 -2.11 25.32 5.05
C ILE B 289 -0.85 24.61 5.53
N ASN B 290 -0.22 25.16 6.59
CA ASN B 290 1.00 24.58 7.14
C ASN B 290 0.80 23.14 7.59
N THR B 291 -0.18 22.90 8.47
CA THR B 291 -0.34 21.59 9.09
C THR B 291 -0.71 20.51 8.08
N HIS B 292 -1.61 20.82 7.14
CA HIS B 292 -1.94 19.92 6.04
C HIS B 292 -0.68 19.51 5.30
N LEU B 293 0.15 20.51 4.98
CA LEU B 293 1.37 20.36 4.19
C LEU B 293 2.30 19.31 4.79
N ARG B 294 2.44 19.29 6.10
CA ARG B 294 3.42 18.51 6.86
C ARG B 294 3.17 17.01 6.81
N GLU B 295 2.03 16.57 6.30
CA GLU B 295 1.84 15.14 6.08
C GLU B 295 2.57 14.63 4.83
N THR B 296 3.11 15.53 4.00
CA THR B 296 3.87 15.09 2.84
C THR B 296 5.38 14.90 3.05
N LEU B 297 5.94 15.19 4.22
CA LEU B 297 7.39 15.24 4.27
C LEU B 297 7.98 14.43 5.42
N PRO B 298 9.26 14.06 5.34
CA PRO B 298 9.90 13.37 6.47
C PRO B 298 10.15 14.27 7.67
N LYS B 299 10.35 13.61 8.82
CA LYS B 299 10.50 14.31 10.10
C LYS B 299 11.96 14.73 10.26
N ILE B 300 12.40 15.64 9.39
CA ILE B 300 13.78 16.12 9.45
C ILE B 300 13.96 17.20 10.52
N PRO B 301 15.12 17.28 11.19
CA PRO B 301 15.32 18.29 12.22
C PRO B 301 15.79 19.64 11.71
N TYR B 302 16.03 19.76 10.41
CA TYR B 302 16.58 20.95 9.80
C TYR B 302 15.51 21.69 9.02
N VAL B 303 15.83 22.92 8.63
CA VAL B 303 14.91 23.77 7.90
C VAL B 303 15.06 23.53 6.41
N LYS B 304 14.00 22.99 5.80
CA LYS B 304 13.88 23.00 4.36
C LYS B 304 13.64 24.42 3.86
N ALA B 305 13.87 24.63 2.56
CA ALA B 305 13.56 25.92 1.98
C ALA B 305 12.08 26.24 2.16
N ILE B 306 11.21 25.26 1.93
CA ILE B 306 9.78 25.51 2.03
C ILE B 306 9.37 25.82 3.47
N ASP B 307 9.98 25.15 4.45
CA ASP B 307 9.72 25.50 5.85
C ASP B 307 10.08 26.94 6.13
N MET B 308 11.21 27.40 5.61
CA MET B 308 11.64 28.78 5.84
C MET B 308 10.65 29.76 5.24
N TYR B 309 10.17 29.47 4.03
CA TYR B 309 9.21 30.35 3.37
C TYR B 309 7.92 30.43 4.17
N LEU B 310 7.37 29.27 4.56
CA LEU B 310 6.09 29.26 5.26
C LEU B 310 6.21 29.95 6.61
N MET B 311 7.38 29.80 7.26
CA MET B 311 7.60 30.47 8.53
C MET B 311 7.70 31.98 8.34
N GLY B 312 8.35 32.40 7.26
CA GLY B 312 8.36 33.82 6.93
C GLY B 312 6.99 34.37 6.66
N CYS B 313 6.19 33.64 5.87
CA CYS B 313 4.84 34.11 5.54
C CYS B 313 3.97 34.21 6.78
N PHE B 314 4.11 33.25 7.69
CA PHE B 314 3.36 33.28 8.95
C PHE B 314 3.69 34.56 9.72
N VAL B 315 4.99 34.90 9.78
CA VAL B 315 5.43 36.08 10.51
C VAL B 315 4.83 37.34 9.92
N PHE B 316 4.77 37.42 8.58
CA PHE B 316 4.20 38.59 7.93
C PHE B 316 2.74 38.78 8.35
N VAL B 317 1.94 37.71 8.28
CA VAL B 317 0.51 37.88 8.51
C VAL B 317 0.30 38.16 10.00
N PHE B 318 1.17 37.59 10.85
CA PHE B 318 1.11 37.86 12.28
C PHE B 318 1.42 39.32 12.58
N LEU B 319 2.44 39.87 11.91
CA LEU B 319 2.78 41.27 12.09
C LEU B 319 1.69 42.20 11.57
N ALA B 320 0.96 41.78 10.52
CA ALA B 320 -0.12 42.61 10.00
C ALA B 320 -1.24 42.78 11.04
N LEU B 321 -1.57 41.71 11.76
CA LEU B 321 -2.57 41.84 12.82
C LEU B 321 -2.03 42.68 13.97
N LEU B 322 -0.76 42.45 14.34
CA LEU B 322 -0.14 43.23 15.41
C LEU B 322 -0.06 44.70 15.03
N GLU B 323 0.08 44.99 13.73
CA GLU B 323 0.03 46.36 13.25
C GLU B 323 -1.28 47.02 13.63
N TYR B 324 -2.39 46.29 13.49
CA TYR B 324 -3.69 46.87 13.81
C TYR B 324 -3.80 47.11 15.31
N ALA B 325 -3.29 46.17 16.11
CA ALA B 325 -3.28 46.35 17.56
C ALA B 325 -2.61 47.68 17.92
N PHE B 326 -1.51 48.01 17.24
CA PHE B 326 -0.84 49.28 17.52
C PHE B 326 -1.74 50.43 17.12
N VAL B 327 -2.33 50.37 15.93
CA VAL B 327 -3.26 51.41 15.51
C VAL B 327 -4.41 51.47 16.51
N ASN B 328 -4.99 50.31 16.80
CA ASN B 328 -6.10 50.21 17.75
C ASN B 328 -5.68 50.79 19.10
N TYR B 329 -4.45 50.50 19.52
CA TYR B 329 -3.99 50.90 20.85
C TYR B 329 -3.96 52.40 21.02
N ILE B 330 -3.72 53.19 19.98
CA ILE B 330 -3.49 54.60 20.26
C ILE B 330 -4.63 55.45 19.74
N PHE B 331 -5.44 54.96 18.80
CA PHE B 331 -6.40 55.89 18.20
C PHE B 331 -7.46 56.09 19.27
N PHE B 332 -8.23 55.01 19.47
CA PHE B 332 -9.27 54.91 20.49
C PHE B 332 -8.66 54.96 21.89
N GLY B 333 -7.68 54.09 22.15
CA GLY B 333 -7.26 53.81 23.51
C GLY B 333 -6.69 55.01 24.23
N ARG B 334 -5.97 55.86 23.50
CA ARG B 334 -5.44 57.08 24.09
C ARG B 334 -6.31 58.26 23.69
N ASP B 444 0.48 59.72 13.48
CA ASP B 444 -0.95 59.75 13.17
C ASP B 444 -1.46 58.37 12.82
N VAL B 445 -2.77 58.16 13.02
CA VAL B 445 -3.37 56.86 12.72
C VAL B 445 -3.32 56.58 11.22
N ASN B 446 -3.65 57.58 10.41
CA ASN B 446 -3.47 57.43 8.96
C ASN B 446 -2.01 57.26 8.61
N ALA B 447 -1.11 57.90 9.36
CA ALA B 447 0.32 57.77 9.08
C ALA B 447 0.81 56.35 9.31
N ILE B 448 0.40 55.73 10.43
CA ILE B 448 0.85 54.38 10.73
C ILE B 448 0.35 53.41 9.66
N ASP B 449 -0.92 53.56 9.25
CA ASP B 449 -1.44 52.73 8.16
C ASP B 449 -0.69 52.99 6.87
N ARG B 450 -0.42 54.26 6.57
CA ARG B 450 0.26 54.61 5.32
C ARG B 450 1.64 53.99 5.26
N TRP B 451 2.38 54.02 6.38
CA TRP B 451 3.66 53.34 6.44
C TRP B 451 3.50 51.84 6.24
N SER B 452 2.46 51.26 6.84
CA SER B 452 2.24 49.82 6.68
C SER B 452 1.92 49.46 5.25
N ARG B 453 1.19 50.35 4.55
CA ARG B 453 0.80 50.06 3.17
C ARG B 453 2.02 49.90 2.27
N ILE B 454 3.12 50.55 2.61
CA ILE B 454 4.34 50.49 1.83
C ILE B 454 5.34 49.51 2.41
N VAL B 455 5.52 49.52 3.73
CA VAL B 455 6.63 48.77 4.32
C VAL B 455 6.37 47.27 4.24
N PHE B 456 5.11 46.84 4.42
CA PHE B 456 4.83 45.41 4.38
C PHE B 456 5.06 44.82 2.99
N PRO B 457 4.47 45.34 1.90
CA PRO B 457 4.75 44.74 0.60
C PRO B 457 6.23 44.80 0.23
N PHE B 458 6.89 45.91 0.59
CA PHE B 458 8.30 46.07 0.28
C PHE B 458 9.16 45.05 1.03
N THR B 459 8.85 44.84 2.32
CA THR B 459 9.57 43.83 3.09
C THR B 459 9.34 42.43 2.53
N PHE B 460 8.11 42.13 2.14
CA PHE B 460 7.83 40.83 1.53
C PHE B 460 8.59 40.67 0.23
N SER B 461 8.72 41.76 -0.55
CA SER B 461 9.51 41.70 -1.77
C SER B 461 10.98 41.44 -1.44
N LEU B 462 11.51 42.13 -0.44
CA LEU B 462 12.87 41.86 0.02
C LEU B 462 13.00 40.41 0.47
N PHE B 463 12.07 39.95 1.31
CA PHE B 463 12.11 38.58 1.79
C PHE B 463 12.16 37.60 0.61
N ASN B 464 11.29 37.82 -0.38
CA ASN B 464 11.25 36.91 -1.52
C ASN B 464 12.55 37.00 -2.31
N LEU B 465 13.07 38.23 -2.50
CA LEU B 465 14.30 38.41 -3.26
C LEU B 465 15.44 37.63 -2.62
N VAL B 466 15.64 37.82 -1.31
CA VAL B 466 16.72 37.13 -0.60
C VAL B 466 16.50 35.63 -0.69
N TYR B 467 15.27 35.18 -0.44
CA TYR B 467 14.97 33.75 -0.43
C TYR B 467 15.29 33.13 -1.78
N TRP B 468 14.71 33.67 -2.85
CA TRP B 468 14.81 33.01 -4.15
C TRP B 468 16.21 33.13 -4.74
N LEU B 469 16.98 34.13 -4.31
CA LEU B 469 18.38 34.21 -4.74
C LEU B 469 19.22 33.16 -4.01
N TYR B 470 19.00 33.03 -2.70
CA TYR B 470 19.76 32.07 -1.90
C TYR B 470 19.54 30.65 -2.40
N TYR B 471 18.31 30.33 -2.80
CA TYR B 471 17.89 28.95 -3.03
C TYR B 471 17.80 28.59 -4.51
N VAL B 472 17.61 29.57 -5.39
CA VAL B 472 17.70 29.31 -6.82
C VAL B 472 19.04 29.82 -7.34
N ASN C 33 -5.92 -49.67 -16.20
CA ASN C 33 -4.91 -49.46 -17.22
C ASN C 33 -3.94 -48.39 -16.76
N MET C 34 -3.86 -48.22 -15.44
CA MET C 34 -3.07 -47.13 -14.87
C MET C 34 -1.58 -47.42 -14.93
N SER C 35 -1.20 -48.69 -14.89
CA SER C 35 0.20 -49.08 -15.08
C SER C 35 0.67 -48.75 -16.49
N PHE C 36 -0.20 -48.93 -17.49
CA PHE C 36 0.16 -48.59 -18.86
C PHE C 36 0.35 -47.09 -19.03
N VAL C 37 -0.57 -46.29 -18.49
CA VAL C 37 -0.42 -44.84 -18.58
C VAL C 37 0.83 -44.39 -17.82
N LYS C 38 1.06 -44.96 -16.63
CA LYS C 38 2.24 -44.60 -15.86
C LYS C 38 3.51 -44.94 -16.63
N GLU C 39 3.53 -46.10 -17.27
CA GLU C 39 4.68 -46.52 -18.08
C GLU C 39 4.91 -45.53 -19.22
N THR C 40 3.85 -45.20 -19.97
CA THR C 40 3.97 -44.27 -21.08
C THR C 40 4.57 -42.93 -20.63
N VAL C 41 4.06 -42.38 -19.53
CA VAL C 41 4.53 -41.07 -19.08
C VAL C 41 5.96 -41.17 -18.59
N ASP C 42 6.28 -42.23 -17.84
CA ASP C 42 7.66 -42.44 -17.40
C ASP C 42 8.60 -42.49 -18.61
N LYS C 43 8.18 -43.15 -19.68
CA LYS C 43 9.00 -43.25 -20.88
C LYS C 43 9.22 -41.89 -21.50
N LEU C 44 8.17 -41.06 -21.53
CA LEU C 44 8.27 -39.71 -22.07
C LEU C 44 9.37 -38.92 -21.36
N LEU C 45 9.46 -39.05 -20.04
CA LEU C 45 10.35 -38.23 -19.24
C LEU C 45 11.71 -38.86 -19.03
N LYS C 46 11.91 -40.08 -19.52
CA LYS C 46 13.20 -40.75 -19.37
C LYS C 46 14.20 -40.12 -20.32
N GLY C 47 15.28 -39.58 -19.77
CA GLY C 47 16.29 -38.91 -20.57
C GLY C 47 15.85 -37.58 -21.15
N TYR C 48 14.73 -37.04 -20.69
CA TYR C 48 14.28 -35.74 -21.15
C TYR C 48 15.18 -34.66 -20.57
N ASP C 49 15.72 -33.80 -21.42
CA ASP C 49 16.60 -32.72 -20.99
C ASP C 49 15.82 -31.41 -20.99
N ILE C 50 15.46 -30.94 -19.79
CA ILE C 50 14.76 -29.67 -19.63
C ILE C 50 15.59 -28.49 -20.13
N ARG C 51 16.90 -28.65 -20.25
CA ARG C 51 17.75 -27.53 -20.63
C ARG C 51 17.59 -27.13 -22.08
N LEU C 52 17.13 -28.05 -22.92
CA LEU C 52 17.09 -27.85 -24.37
C LEU C 52 15.66 -27.59 -24.79
N ARG C 53 15.44 -26.50 -25.51
CA ARG C 53 14.13 -26.25 -26.09
C ARG C 53 13.77 -27.33 -27.13
N PRO C 54 12.48 -27.52 -27.38
CA PRO C 54 12.07 -28.36 -28.51
C PRO C 54 12.68 -27.89 -29.81
N ASP C 55 13.17 -28.84 -30.61
CA ASP C 55 13.80 -28.56 -31.90
C ASP C 55 15.04 -27.68 -31.74
N PHE C 56 15.73 -27.81 -30.61
CA PHE C 56 17.00 -27.13 -30.39
C PHE C 56 17.88 -27.23 -31.62
N GLY C 57 18.42 -26.09 -32.06
CA GLY C 57 19.28 -26.04 -33.22
C GLY C 57 18.53 -26.00 -34.53
N GLY C 58 17.19 -26.09 -34.49
CA GLY C 58 16.38 -26.09 -35.68
C GLY C 58 15.55 -24.83 -35.76
N PRO C 59 14.44 -24.88 -36.51
CA PRO C 59 13.55 -23.72 -36.60
C PRO C 59 12.99 -23.37 -35.24
N PRO C 60 12.58 -22.11 -35.04
CA PRO C 60 12.05 -21.73 -33.72
C PRO C 60 10.79 -22.50 -33.37
N VAL C 61 10.60 -22.72 -32.08
CA VAL C 61 9.35 -23.27 -31.57
C VAL C 61 8.29 -22.19 -31.53
N CYS C 62 7.13 -22.46 -32.12
CA CYS C 62 6.02 -21.51 -32.12
C CYS C 62 5.20 -21.72 -30.84
N VAL C 63 5.08 -20.66 -30.04
CA VAL C 63 4.33 -20.70 -28.80
C VAL C 63 3.09 -19.83 -28.95
N GLY C 64 1.91 -20.43 -28.84
CA GLY C 64 0.66 -19.69 -28.88
C GLY C 64 0.23 -19.29 -27.50
N MET C 65 -0.12 -18.01 -27.36
CA MET C 65 -0.56 -17.46 -26.09
C MET C 65 -2.07 -17.29 -26.07
N ASN C 66 -2.64 -17.39 -24.87
CA ASN C 66 -4.08 -17.27 -24.69
C ASN C 66 -4.33 -16.81 -23.26
N ILE C 67 -5.01 -15.69 -23.11
CA ILE C 67 -5.26 -15.09 -21.79
C ILE C 67 -6.75 -15.06 -21.53
N ASP C 68 -7.14 -15.45 -20.32
CA ASP C 68 -8.49 -15.24 -19.81
C ASP C 68 -8.40 -14.28 -18.63
N ILE C 69 -8.94 -13.08 -18.79
CA ILE C 69 -8.80 -12.02 -17.79
C ILE C 69 -9.82 -12.27 -16.69
N ALA C 70 -9.35 -12.66 -15.51
CA ALA C 70 -10.24 -12.87 -14.38
C ALA C 70 -10.72 -11.55 -13.79
N SER C 71 -9.81 -10.59 -13.64
CA SER C 71 -10.12 -9.32 -12.97
C SER C 71 -9.00 -8.33 -13.27
N ILE C 72 -9.34 -7.05 -13.20
CA ILE C 72 -8.38 -5.99 -12.92
C ILE C 72 -8.75 -5.38 -11.57
N ASP C 73 -7.96 -5.72 -10.55
CA ASP C 73 -8.36 -5.44 -9.17
C ASP C 73 -8.26 -3.96 -8.85
N MET C 74 -7.21 -3.28 -9.33
CA MET C 74 -6.85 -1.96 -8.85
C MET C 74 -6.16 -1.21 -9.98
N VAL C 75 -6.38 0.10 -10.02
CA VAL C 75 -5.60 1.02 -10.84
C VAL C 75 -5.14 2.16 -9.95
N SER C 76 -3.83 2.36 -9.86
CA SER C 76 -3.24 3.34 -8.96
C SER C 76 -2.58 4.45 -9.77
N GLU C 77 -3.10 5.67 -9.64
CA GLU C 77 -2.40 6.83 -10.19
C GLU C 77 -1.14 7.14 -9.41
N VAL C 78 -1.18 7.01 -8.08
CA VAL C 78 -0.05 7.43 -7.25
C VAL C 78 1.15 6.51 -7.48
N ASN C 79 0.92 5.21 -7.62
CA ASN C 79 1.98 4.25 -7.86
C ASN C 79 2.23 4.03 -9.35
N MET C 80 1.41 4.62 -10.21
CA MET C 80 1.47 4.45 -11.66
C MET C 80 1.57 2.96 -12.01
N ASP C 81 0.55 2.22 -11.60
CA ASP C 81 0.49 0.79 -11.89
C ASP C 81 -0.96 0.32 -11.80
N TYR C 82 -1.17 -0.92 -12.22
CA TYR C 82 -2.48 -1.56 -12.15
C TYR C 82 -2.26 -3.03 -11.80
N THR C 83 -3.28 -3.66 -11.26
CA THR C 83 -3.19 -5.05 -10.82
C THR C 83 -4.15 -5.91 -11.62
N LEU C 84 -3.62 -6.93 -12.28
CA LEU C 84 -4.37 -7.78 -13.18
C LEU C 84 -4.32 -9.22 -12.66
N THR C 85 -5.45 -9.91 -12.72
CA THR C 85 -5.48 -11.35 -12.51
C THR C 85 -5.98 -12.01 -13.78
N MET C 86 -5.28 -13.06 -14.21
CA MET C 86 -5.58 -13.69 -15.50
C MET C 86 -5.25 -15.17 -15.44
N TYR C 87 -5.86 -15.92 -16.35
CA TYR C 87 -5.44 -17.28 -16.67
C TYR C 87 -4.57 -17.22 -17.91
N PHE C 88 -3.28 -17.51 -17.75
CA PHE C 88 -2.29 -17.37 -18.81
C PHE C 88 -1.98 -18.76 -19.36
N GLN C 89 -2.36 -19.01 -20.61
CA GLN C 89 -2.17 -20.31 -21.25
C GLN C 89 -1.12 -20.19 -22.35
N GLN C 90 -0.24 -21.18 -22.42
CA GLN C 90 0.78 -21.27 -23.46
C GLN C 90 0.60 -22.57 -24.23
N TYR C 91 0.81 -22.50 -25.54
CA TYR C 91 0.49 -23.60 -26.45
C TYR C 91 1.67 -23.80 -27.38
N TRP C 92 2.29 -24.99 -27.33
CA TRP C 92 3.39 -25.30 -28.21
C TRP C 92 3.45 -26.80 -28.41
N ARG C 93 4.24 -27.23 -29.40
CA ARG C 93 4.48 -28.63 -29.69
C ARG C 93 5.89 -29.01 -29.26
N ASP C 94 5.99 -30.07 -28.45
CA ASP C 94 7.27 -30.68 -28.10
C ASP C 94 7.25 -32.14 -28.55
N LYS C 95 7.92 -32.41 -29.66
CA LYS C 95 7.92 -33.75 -30.23
C LYS C 95 8.53 -34.79 -29.30
N ARG C 96 9.30 -34.36 -28.30
CA ARG C 96 9.83 -35.30 -27.31
C ARG C 96 8.74 -35.91 -26.44
N LEU C 97 7.56 -35.28 -26.37
CA LEU C 97 6.48 -35.72 -25.49
C LEU C 97 5.38 -36.44 -26.25
N ALA C 98 5.55 -36.69 -27.53
CA ALA C 98 4.55 -37.41 -28.31
C ALA C 98 4.41 -38.84 -27.80
N TYR C 99 3.16 -39.31 -27.71
CA TYR C 99 2.88 -40.65 -27.23
C TYR C 99 1.81 -41.28 -28.12
N SER C 100 1.87 -42.61 -28.23
CA SER C 100 0.97 -43.37 -29.07
C SER C 100 0.19 -44.38 -28.23
N GLY C 101 -0.91 -44.85 -28.79
CA GLY C 101 -1.69 -45.92 -28.20
C GLY C 101 -2.59 -45.49 -27.06
N ILE C 102 -2.75 -44.19 -26.85
CA ILE C 102 -3.67 -43.64 -25.86
C ILE C 102 -4.45 -42.53 -26.54
N PRO C 103 -5.73 -42.75 -26.91
CA PRO C 103 -6.53 -41.70 -27.55
C PRO C 103 -7.20 -40.77 -26.56
N LEU C 104 -6.41 -40.22 -25.64
CA LEU C 104 -6.88 -39.25 -24.66
C LEU C 104 -5.87 -38.12 -24.58
N ASN C 105 -6.34 -36.96 -24.13
CA ASN C 105 -5.44 -35.93 -23.61
C ASN C 105 -5.22 -36.15 -22.12
N LEU C 106 -3.96 -36.22 -21.73
CA LEU C 106 -3.58 -36.50 -20.35
C LEU C 106 -3.50 -35.19 -19.58
N THR C 107 -4.41 -34.99 -18.63
CA THR C 107 -4.25 -33.94 -17.64
C THR C 107 -3.43 -34.48 -16.49
N LEU C 108 -2.28 -33.86 -16.23
CA LEU C 108 -1.33 -34.31 -15.23
C LEU C 108 -1.31 -33.35 -14.06
N ASP C 109 -0.95 -33.87 -12.89
CA ASP C 109 -0.76 -33.04 -11.71
C ASP C 109 0.23 -31.93 -12.02
N ASN C 110 0.00 -30.75 -11.45
CA ASN C 110 0.80 -29.57 -11.80
C ASN C 110 2.28 -29.75 -11.53
N ARG C 111 2.66 -30.67 -10.63
CA ARG C 111 4.07 -30.85 -10.31
C ARG C 111 4.87 -31.43 -11.47
N VAL C 112 4.21 -32.00 -12.49
CA VAL C 112 4.92 -32.50 -13.65
C VAL C 112 5.59 -31.37 -14.42
N ALA C 113 5.07 -30.14 -14.29
CA ALA C 113 5.64 -28.99 -14.98
C ALA C 113 7.12 -28.82 -14.68
N ASP C 114 7.57 -29.25 -13.51
CA ASP C 114 8.97 -29.13 -13.10
C ASP C 114 9.88 -30.10 -13.84
N GLN C 115 9.33 -31.08 -14.54
CA GLN C 115 10.12 -32.04 -15.30
C GLN C 115 10.09 -31.76 -16.80
N LEU C 116 9.42 -30.70 -17.23
CA LEU C 116 9.26 -30.37 -18.64
C LEU C 116 9.99 -29.07 -18.95
N TRP C 117 10.38 -28.92 -20.22
CA TRP C 117 10.72 -27.59 -20.72
C TRP C 117 9.46 -26.74 -20.80
N VAL C 118 9.56 -25.50 -20.36
CA VAL C 118 8.52 -24.51 -20.62
C VAL C 118 9.18 -23.24 -21.14
N PRO C 119 8.44 -22.41 -21.87
CA PRO C 119 9.02 -21.14 -22.36
C PRO C 119 9.44 -20.26 -21.19
N ASP C 120 10.40 -19.39 -21.46
CA ASP C 120 10.90 -18.47 -20.44
C ASP C 120 10.19 -17.11 -20.56
N THR C 121 8.86 -17.19 -20.54
CA THR C 121 8.04 -16.01 -20.72
C THR C 121 8.05 -15.15 -19.47
N TYR C 122 8.13 -13.83 -19.66
CA TYR C 122 8.05 -12.89 -18.57
C TYR C 122 7.27 -11.67 -19.02
N PHE C 123 6.90 -10.84 -18.05
CA PHE C 123 6.14 -9.62 -18.30
C PHE C 123 7.07 -8.44 -18.10
N LEU C 124 7.46 -7.80 -19.21
CA LEU C 124 8.55 -6.84 -19.18
C LEU C 124 8.20 -5.61 -18.34
N ASN C 125 6.93 -5.23 -18.26
CA ASN C 125 6.53 -4.05 -17.51
C ASN C 125 5.86 -4.41 -16.19
N ASP C 126 6.06 -5.62 -15.68
CA ASP C 126 5.50 -5.99 -14.39
C ASP C 126 6.37 -5.50 -13.24
N LYS C 127 5.72 -5.16 -12.13
CA LYS C 127 6.39 -4.73 -10.91
C LYS C 127 6.48 -5.83 -9.88
N LYS C 128 5.42 -6.62 -9.74
CA LYS C 128 5.36 -7.71 -8.76
C LYS C 128 4.27 -8.67 -9.19
N SER C 129 4.62 -9.95 -9.29
CA SER C 129 3.67 -10.95 -9.74
C SER C 129 3.94 -12.28 -9.04
N PHE C 130 2.90 -13.09 -8.96
CA PHE C 130 3.00 -14.39 -8.30
C PHE C 130 1.98 -15.34 -8.92
N VAL C 131 2.29 -16.63 -8.87
CA VAL C 131 1.32 -17.69 -9.17
C VAL C 131 0.61 -18.07 -7.88
N HIS C 132 -0.73 -18.07 -7.93
CA HIS C 132 -1.52 -18.44 -6.76
C HIS C 132 -1.18 -19.86 -6.32
N GLY C 133 -1.17 -20.08 -5.01
CA GLY C 133 -0.65 -21.31 -4.47
C GLY C 133 -1.58 -22.13 -3.60
N VAL C 134 -2.84 -21.72 -3.48
CA VAL C 134 -3.81 -22.42 -2.65
C VAL C 134 -4.92 -22.95 -3.56
N THR C 135 -5.33 -24.20 -3.33
CA THR C 135 -4.74 -25.08 -2.31
C THR C 135 -3.47 -25.72 -2.85
N VAL C 136 -3.27 -25.59 -4.16
CA VAL C 136 -2.07 -26.04 -4.85
C VAL C 136 -1.64 -24.93 -5.78
N LYS C 137 -0.45 -25.10 -6.36
CA LYS C 137 0.01 -24.16 -7.37
C LYS C 137 -0.98 -24.13 -8.52
N ASN C 138 -1.57 -22.95 -8.77
CA ASN C 138 -2.62 -22.83 -9.78
C ASN C 138 -1.97 -22.96 -11.15
N ARG C 139 -1.71 -24.20 -11.54
CA ARG C 139 -0.96 -24.53 -12.73
C ARG C 139 -1.56 -25.77 -13.36
N MET C 140 -1.55 -25.81 -14.69
CA MET C 140 -2.09 -26.96 -15.41
C MET C 140 -1.08 -27.42 -16.46
N ILE C 141 -1.04 -28.74 -16.68
CA ILE C 141 -0.31 -29.34 -17.79
C ILE C 141 -1.24 -30.34 -18.46
N ARG C 142 -1.50 -30.14 -19.75
CA ARG C 142 -2.26 -31.10 -20.54
C ARG C 142 -1.43 -31.49 -21.75
N LEU C 143 -1.15 -32.77 -21.88
CA LEU C 143 -0.43 -33.32 -23.03
C LEU C 143 -1.41 -33.88 -24.06
N HIS C 144 -0.99 -33.83 -25.32
CA HIS C 144 -1.77 -34.34 -26.43
C HIS C 144 -0.96 -35.38 -27.20
N PRO C 145 -1.61 -36.36 -27.82
CA PRO C 145 -0.86 -37.44 -28.48
C PRO C 145 0.21 -36.98 -29.46
N ASP C 146 -0.01 -35.85 -30.13
CA ASP C 146 0.96 -35.34 -31.09
C ASP C 146 2.09 -34.55 -30.44
N GLY C 147 2.11 -34.46 -29.12
CA GLY C 147 3.16 -33.73 -28.42
C GLY C 147 2.85 -32.28 -28.16
N THR C 148 1.62 -31.84 -28.42
CA THR C 148 1.20 -30.50 -28.02
C THR C 148 1.08 -30.39 -26.51
N VAL C 149 1.69 -29.35 -25.95
CA VAL C 149 1.64 -29.08 -24.51
C VAL C 149 0.76 -27.85 -24.30
N LEU C 150 -0.23 -27.98 -23.42
CA LEU C 150 -1.07 -26.87 -23.00
C LEU C 150 -0.71 -26.54 -21.55
N TYR C 151 -0.03 -25.42 -21.34
CA TYR C 151 0.48 -25.03 -20.04
C TYR C 151 -0.25 -23.78 -19.57
N GLY C 152 -0.98 -23.91 -18.47
CA GLY C 152 -1.81 -22.82 -17.96
C GLY C 152 -1.37 -22.39 -16.57
N LEU C 153 -1.42 -21.09 -16.33
CA LEU C 153 -1.09 -20.52 -15.03
C LEU C 153 -2.13 -19.49 -14.66
N ARG C 154 -2.45 -19.39 -13.38
CA ARG C 154 -3.27 -18.30 -12.86
C ARG C 154 -2.35 -17.32 -12.15
N ILE C 155 -2.25 -16.11 -12.68
CA ILE C 155 -1.24 -15.14 -12.27
C ILE C 155 -1.94 -13.87 -11.83
N THR C 156 -1.47 -13.29 -10.74
CA THR C 156 -1.79 -11.91 -10.40
C THR C 156 -0.52 -11.08 -10.58
N THR C 157 -0.63 -10.01 -11.36
CA THR C 157 0.51 -9.15 -11.68
C THR C 157 0.16 -7.71 -11.37
N THR C 158 1.07 -7.01 -10.69
CA THR C 158 1.07 -5.55 -10.69
C THR C 158 2.03 -5.08 -11.77
N ALA C 159 1.52 -4.34 -12.74
CA ALA C 159 2.29 -3.96 -13.92
C ALA C 159 2.31 -2.45 -14.06
N ALA C 160 3.46 -1.93 -14.51
CA ALA C 160 3.61 -0.49 -14.67
C ALA C 160 2.68 0.02 -15.77
N CYS C 161 2.12 1.21 -15.55
CA CYS C 161 1.34 1.89 -16.59
C CYS C 161 1.55 3.38 -16.41
N MET C 162 2.48 3.94 -17.18
CA MET C 162 2.71 5.38 -17.15
C MET C 162 1.47 6.11 -17.65
N MET C 163 0.95 7.02 -16.83
CA MET C 163 -0.29 7.72 -17.15
C MET C 163 -0.01 9.18 -17.44
N ASP C 164 -0.72 9.74 -18.41
CA ASP C 164 -0.67 11.15 -18.74
C ASP C 164 -1.83 11.83 -18.00
N LEU C 165 -1.51 12.53 -16.91
CA LEU C 165 -2.53 13.09 -16.04
C LEU C 165 -2.76 14.57 -16.32
N ARG C 166 -2.37 15.04 -17.51
CA ARG C 166 -2.54 16.44 -17.86
C ARG C 166 -4.01 16.80 -17.94
N ARG C 167 -4.86 15.86 -18.33
CA ARG C 167 -6.29 16.06 -18.48
C ARG C 167 -7.08 15.48 -17.31
N TYR C 168 -6.39 15.03 -16.25
CA TYR C 168 -7.06 14.40 -15.12
C TYR C 168 -8.01 15.41 -14.46
N PRO C 169 -9.23 14.98 -14.09
CA PRO C 169 -9.77 13.63 -14.23
C PRO C 169 -10.61 13.39 -15.48
N LEU C 170 -10.32 14.11 -16.55
CA LEU C 170 -10.98 13.89 -17.84
C LEU C 170 -10.07 13.16 -18.81
N ASP C 171 -9.30 12.20 -18.30
CA ASP C 171 -8.19 11.61 -19.04
C ASP C 171 -8.58 10.24 -19.57
N GLU C 172 -7.85 9.83 -20.61
CA GLU C 172 -7.93 8.49 -21.17
C GLU C 172 -6.53 7.88 -21.10
N GLN C 173 -6.43 6.67 -20.57
CA GLN C 173 -5.14 6.04 -20.40
C GLN C 173 -5.02 4.81 -21.29
N ASN C 174 -3.78 4.50 -21.64
CA ASN C 174 -3.41 3.30 -22.40
C ASN C 174 -2.51 2.46 -21.49
N CYS C 175 -3.08 1.47 -20.81
CA CYS C 175 -2.31 0.55 -19.98
C CYS C 175 -2.08 -0.73 -20.74
N THR C 176 -0.83 -1.18 -20.78
CA THR C 176 -0.43 -2.34 -21.57
C THR C 176 0.11 -3.44 -20.66
N LEU C 177 0.13 -4.65 -21.19
CA LEU C 177 0.91 -5.75 -20.66
C LEU C 177 1.83 -6.26 -21.76
N GLU C 178 3.13 -6.18 -21.52
CA GLU C 178 4.13 -6.54 -22.52
C GLU C 178 4.68 -7.93 -22.21
N ILE C 179 4.50 -8.86 -23.14
CA ILE C 179 4.86 -10.26 -22.95
C ILE C 179 6.02 -10.57 -23.87
N GLU C 180 7.09 -11.14 -23.31
CA GLU C 180 8.31 -11.31 -24.09
C GLU C 180 9.02 -12.59 -23.64
N SER C 181 9.86 -13.12 -24.53
CA SER C 181 10.80 -14.16 -24.16
C SER C 181 12.03 -13.54 -23.50
N TYR C 182 12.43 -14.08 -22.35
CA TYR C 182 13.54 -13.48 -21.62
C TYR C 182 14.86 -13.72 -22.33
N GLY C 183 15.18 -14.97 -22.62
CA GLY C 183 16.52 -15.31 -23.07
C GLY C 183 16.60 -15.85 -24.48
N TYR C 184 15.50 -16.38 -24.99
CA TYR C 184 15.46 -16.94 -26.34
C TYR C 184 15.13 -15.85 -27.33
N THR C 185 15.96 -15.73 -28.37
CA THR C 185 15.70 -14.80 -29.46
C THR C 185 14.69 -15.40 -30.44
N THR C 186 14.34 -14.62 -31.46
CA THR C 186 13.44 -15.09 -32.50
C THR C 186 14.06 -16.16 -33.38
N ASP C 187 15.37 -16.40 -33.28
CA ASP C 187 15.96 -17.59 -33.87
C ASP C 187 15.49 -18.85 -33.17
N ASP C 188 15.12 -18.75 -31.89
CA ASP C 188 14.84 -19.93 -31.09
C ASP C 188 13.38 -20.08 -30.70
N ILE C 189 12.60 -18.99 -30.69
CA ILE C 189 11.21 -19.06 -30.24
C ILE C 189 10.43 -17.96 -30.94
N GLU C 190 9.13 -18.22 -31.16
CA GLU C 190 8.24 -17.25 -31.76
C GLU C 190 6.92 -17.27 -31.00
N PHE C 191 6.32 -16.09 -30.82
CA PHE C 191 5.03 -15.98 -30.16
C PHE C 191 3.96 -15.61 -31.17
N TYR C 192 2.74 -16.07 -30.91
CA TYR C 192 1.57 -15.59 -31.63
C TYR C 192 0.37 -15.62 -30.71
N TRP C 193 -0.61 -14.78 -31.01
CA TRP C 193 -1.91 -14.80 -30.34
C TRP C 193 -2.73 -15.97 -30.90
N ARG C 194 -2.96 -16.99 -30.08
CA ARG C 194 -3.65 -18.19 -30.51
C ARG C 194 -5.13 -17.90 -30.62
N GLY C 195 -5.66 -17.92 -31.84
CA GLY C 195 -7.00 -17.47 -32.11
C GLY C 195 -7.12 -16.05 -32.61
N GLY C 196 -5.99 -15.39 -32.88
CA GLY C 196 -6.02 -14.01 -33.34
C GLY C 196 -6.71 -13.10 -32.35
N ASP C 197 -7.81 -12.48 -32.78
CA ASP C 197 -8.49 -11.49 -31.97
C ASP C 197 -9.31 -12.09 -30.85
N LYS C 198 -9.45 -13.42 -30.81
CA LYS C 198 -10.13 -14.12 -29.73
C LYS C 198 -9.16 -14.72 -28.72
N ALA C 199 -7.86 -14.43 -28.84
CA ALA C 199 -6.89 -15.04 -27.93
C ALA C 199 -7.06 -14.55 -26.50
N VAL C 200 -7.68 -13.39 -26.30
CA VAL C 200 -7.86 -12.80 -24.99
C VAL C 200 -9.37 -12.75 -24.72
N THR C 201 -9.80 -13.41 -23.65
CA THR C 201 -11.19 -13.43 -23.26
C THR C 201 -11.37 -12.74 -21.92
N GLY C 202 -12.62 -12.42 -21.61
CA GLY C 202 -12.97 -11.91 -20.30
C GLY C 202 -12.83 -10.42 -20.13
N VAL C 203 -12.67 -9.66 -21.21
CA VAL C 203 -12.58 -8.21 -21.09
C VAL C 203 -13.89 -7.65 -20.56
N GLU C 204 -15.00 -8.32 -20.85
CA GLU C 204 -16.30 -7.88 -20.33
C GLU C 204 -16.40 -8.05 -18.83
N ARG C 205 -15.55 -8.90 -18.24
CA ARG C 205 -15.59 -9.15 -16.80
C ARG C 205 -14.98 -8.01 -16.01
N ILE C 206 -14.12 -7.22 -16.63
CA ILE C 206 -13.40 -6.15 -15.93
C ILE C 206 -14.41 -5.15 -15.40
N GLU C 207 -14.39 -4.92 -14.09
CA GLU C 207 -15.34 -4.05 -13.42
C GLU C 207 -14.53 -3.12 -12.53
N LEU C 208 -13.97 -2.07 -13.14
CA LEU C 208 -13.29 -1.03 -12.39
C LEU C 208 -14.27 0.10 -12.14
N PRO C 209 -14.55 0.47 -10.88
CA PRO C 209 -15.48 1.57 -10.65
C PRO C 209 -15.07 2.87 -11.32
N GLN C 210 -13.78 3.18 -11.35
CA GLN C 210 -13.32 4.49 -11.79
C GLN C 210 -13.04 4.55 -13.29
N PHE C 211 -13.07 3.42 -13.98
CA PHE C 211 -12.73 3.37 -15.39
C PHE C 211 -13.73 2.49 -16.13
N SER C 212 -13.94 2.81 -17.41
CA SER C 212 -14.55 1.92 -18.37
C SER C 212 -13.49 1.48 -19.37
N ILE C 213 -13.53 0.20 -19.75
CA ILE C 213 -12.68 -0.31 -20.82
C ILE C 213 -13.32 0.05 -22.16
N VAL C 214 -12.69 0.97 -22.89
CA VAL C 214 -13.23 1.40 -24.17
C VAL C 214 -12.93 0.34 -25.23
N GLU C 215 -11.71 -0.18 -25.23
CA GLU C 215 -11.20 -1.02 -26.30
C GLU C 215 -10.03 -1.83 -25.74
N HIS C 216 -9.79 -2.98 -26.37
CA HIS C 216 -8.54 -3.70 -26.19
C HIS C 216 -7.98 -4.08 -27.56
N ARG C 217 -6.66 -4.17 -27.63
CA ARG C 217 -5.98 -4.52 -28.86
C ARG C 217 -4.90 -5.55 -28.59
N LEU C 218 -4.64 -6.38 -29.59
CA LEU C 218 -3.60 -7.39 -29.54
C LEU C 218 -2.56 -7.06 -30.60
N VAL C 219 -1.29 -7.01 -30.20
CA VAL C 219 -0.21 -6.69 -31.13
C VAL C 219 0.85 -7.78 -31.06
N SER C 220 1.56 -7.98 -32.17
CA SER C 220 2.67 -8.89 -32.26
C SER C 220 3.80 -8.17 -32.98
N ARG C 221 5.01 -8.22 -32.43
CA ARG C 221 6.15 -7.64 -33.11
C ARG C 221 7.44 -8.26 -32.56
N ASN C 222 8.54 -7.92 -33.21
CA ASN C 222 9.87 -8.27 -32.75
C ASN C 222 10.55 -7.04 -32.17
N VAL C 223 11.21 -7.21 -31.03
CA VAL C 223 11.89 -6.13 -30.33
C VAL C 223 13.38 -6.45 -30.30
N VAL C 224 14.19 -5.49 -30.72
CA VAL C 224 15.63 -5.68 -30.85
C VAL C 224 16.33 -5.08 -29.63
N PHE C 225 17.22 -5.85 -29.03
CA PHE C 225 18.12 -5.40 -27.98
C PHE C 225 19.56 -5.72 -28.38
N ALA C 226 20.49 -5.28 -27.52
CA ALA C 226 21.91 -5.56 -27.77
C ALA C 226 22.17 -7.06 -27.88
N THR C 227 21.40 -7.86 -27.15
CA THR C 227 21.59 -9.31 -27.15
C THR C 227 20.85 -10.02 -28.28
N GLY C 228 20.04 -9.29 -29.04
CA GLY C 228 19.41 -9.83 -30.22
C GLY C 228 17.96 -9.39 -30.33
N ALA C 229 17.25 -10.00 -31.26
CA ALA C 229 15.85 -9.71 -31.51
C ALA C 229 14.96 -10.71 -30.77
N TYR C 230 13.97 -10.19 -30.05
CA TYR C 230 13.13 -11.02 -29.21
C TYR C 230 11.67 -10.90 -29.62
N PRO C 231 10.91 -11.99 -29.54
CA PRO C 231 9.48 -11.91 -29.83
C PRO C 231 8.72 -11.17 -28.73
N ARG C 232 7.74 -10.38 -29.14
CA ARG C 232 6.94 -9.60 -28.22
C ARG C 232 5.46 -9.74 -28.57
N LEU C 233 4.63 -9.91 -27.55
CA LEU C 233 3.19 -9.73 -27.65
C LEU C 233 2.75 -8.65 -26.67
N SER C 234 1.88 -7.76 -27.13
CA SER C 234 1.41 -6.64 -26.33
C SER C 234 -0.10 -6.66 -26.25
N LEU C 235 -0.62 -6.69 -25.03
CA LEU C 235 -2.04 -6.51 -24.77
C LEU C 235 -2.22 -5.15 -24.12
N SER C 236 -3.07 -4.30 -24.71
CA SER C 236 -3.32 -2.97 -24.19
C SER C 236 -4.82 -2.75 -24.01
N PHE C 237 -5.15 -1.90 -23.04
CA PHE C 237 -6.52 -1.47 -22.78
C PHE C 237 -6.57 0.04 -22.81
N ARG C 238 -7.70 0.57 -23.29
CA ARG C 238 -7.96 2.01 -23.24
C ARG C 238 -8.96 2.25 -22.11
N LEU C 239 -8.51 2.93 -21.06
CA LEU C 239 -9.34 3.19 -19.89
C LEU C 239 -9.83 4.63 -19.94
N LYS C 240 -11.12 4.82 -19.69
CA LYS C 240 -11.73 6.15 -19.68
C LYS C 240 -12.29 6.43 -18.30
N ARG C 241 -11.80 7.48 -17.66
CA ARG C 241 -12.22 7.83 -16.32
C ARG C 241 -13.66 8.32 -16.35
N ASN C 242 -14.48 7.85 -15.41
CA ASN C 242 -15.81 8.40 -15.26
C ASN C 242 -15.78 9.73 -14.52
N ILE C 243 -16.36 10.76 -15.14
CA ILE C 243 -16.32 12.11 -14.60
C ILE C 243 -17.23 12.28 -13.38
N GLY C 244 -18.30 11.49 -13.30
CA GLY C 244 -19.40 11.80 -12.40
C GLY C 244 -18.97 12.09 -10.97
N TYR C 245 -18.10 11.25 -10.42
CA TYR C 245 -17.66 11.43 -9.04
C TYR C 245 -16.99 12.78 -8.84
N PHE C 246 -16.19 13.21 -9.82
CA PHE C 246 -15.39 14.42 -9.68
C PHE C 246 -16.22 15.70 -9.81
N ILE C 247 -17.19 15.71 -10.74
CA ILE C 247 -18.15 16.81 -10.81
C ILE C 247 -18.77 17.09 -9.44
N LEU C 248 -19.23 16.05 -8.75
CA LEU C 248 -19.97 16.28 -7.53
C LEU C 248 -19.04 16.60 -6.36
N GLN C 249 -17.89 15.93 -6.30
CA GLN C 249 -17.04 15.99 -5.11
C GLN C 249 -16.11 17.19 -5.11
N THR C 250 -15.56 17.55 -6.27
CA THR C 250 -14.56 18.61 -6.37
C THR C 250 -15.04 19.81 -7.16
N TYR C 251 -15.72 19.59 -8.28
CA TYR C 251 -16.14 20.70 -9.14
C TYR C 251 -17.31 21.47 -8.55
N MET C 252 -18.37 20.77 -8.13
CA MET C 252 -19.55 21.46 -7.65
C MET C 252 -19.29 22.26 -6.37
N PRO C 253 -18.65 21.71 -5.33
CA PRO C 253 -18.32 22.56 -4.17
C PRO C 253 -17.54 23.81 -4.57
N SER C 254 -16.61 23.66 -5.51
CA SER C 254 -15.84 24.81 -5.97
C SER C 254 -16.72 25.83 -6.66
N ILE C 255 -17.65 25.37 -7.49
CA ILE C 255 -18.54 26.29 -8.18
C ILE C 255 -19.43 27.02 -7.18
N LEU C 256 -19.95 26.30 -6.18
CA LEU C 256 -20.86 26.91 -5.23
C LEU C 256 -20.14 27.91 -4.32
N ILE C 257 -18.89 27.61 -3.94
CA ILE C 257 -18.13 28.57 -3.15
C ILE C 257 -17.85 29.82 -3.97
N THR C 258 -17.52 29.66 -5.25
CA THR C 258 -17.22 30.83 -6.07
C THR C 258 -18.46 31.70 -6.26
N ILE C 259 -19.61 31.06 -6.52
CA ILE C 259 -20.86 31.81 -6.62
C ILE C 259 -21.18 32.49 -5.30
N LEU C 260 -21.01 31.75 -4.20
CA LEU C 260 -21.23 32.29 -2.86
C LEU C 260 -20.42 33.56 -2.64
N SER C 261 -19.18 33.58 -3.13
CA SER C 261 -18.30 34.73 -2.97
C SER C 261 -18.90 35.99 -3.56
N TRP C 262 -19.73 35.84 -4.59
CA TRP C 262 -20.30 36.97 -5.32
C TRP C 262 -21.41 37.64 -4.54
N VAL C 263 -22.04 36.93 -3.59
CA VAL C 263 -23.08 37.49 -2.74
C VAL C 263 -22.61 38.81 -2.13
N SER C 264 -21.31 38.90 -1.81
CA SER C 264 -20.74 40.12 -1.25
C SER C 264 -21.12 41.35 -2.07
N PHE C 265 -21.16 41.22 -3.39
CA PHE C 265 -21.35 42.38 -4.25
C PHE C 265 -22.76 42.95 -4.14
N TRP C 266 -23.72 42.16 -3.66
CA TRP C 266 -25.07 42.64 -3.42
C TRP C 266 -25.30 43.14 -2.00
N ILE C 267 -24.31 43.00 -1.13
CA ILE C 267 -24.41 43.46 0.25
C ILE C 267 -24.05 44.92 0.32
N ASN C 268 -24.63 45.64 1.27
CA ASN C 268 -24.35 47.05 1.44
C ASN C 268 -22.86 47.28 1.69
N TYR C 269 -22.33 48.33 1.06
CA TYR C 269 -20.90 48.64 1.22
C TYR C 269 -20.57 49.17 2.60
N ASP C 270 -21.57 49.58 3.39
CA ASP C 270 -21.31 50.02 4.76
C ASP C 270 -21.13 48.84 5.71
N ALA C 271 -21.57 47.65 5.30
CA ALA C 271 -21.48 46.44 6.11
C ALA C 271 -20.07 45.86 6.01
N SER C 272 -19.11 46.61 6.57
CA SER C 272 -17.70 46.27 6.38
C SER C 272 -17.39 44.92 7.02
N ALA C 273 -17.86 44.71 8.24
CA ALA C 273 -17.59 43.45 8.93
C ALA C 273 -18.18 42.29 8.15
N ALA C 274 -19.43 42.44 7.69
CA ALA C 274 -20.11 41.36 6.97
C ALA C 274 -19.39 41.02 5.67
N ARG C 275 -19.04 42.04 4.88
CA ARG C 275 -18.50 41.78 3.55
C ARG C 275 -17.07 41.30 3.62
N VAL C 276 -16.28 41.79 4.57
CA VAL C 276 -14.92 41.29 4.72
C VAL C 276 -14.95 39.86 5.26
N ALA C 277 -15.87 39.57 6.17
CA ALA C 277 -16.00 38.21 6.69
C ALA C 277 -16.34 37.24 5.58
N LEU C 278 -17.31 37.60 4.73
CA LEU C 278 -17.69 36.72 3.63
C LEU C 278 -16.50 36.45 2.70
N GLY C 279 -15.76 37.49 2.35
CA GLY C 279 -14.63 37.30 1.45
C GLY C 279 -13.57 36.36 2.03
N ILE C 280 -13.14 36.62 3.26
CA ILE C 280 -12.09 35.80 3.87
C ILE C 280 -12.55 34.36 4.02
N THR C 281 -13.73 34.17 4.62
CA THR C 281 -14.21 32.83 5.00
C THR C 281 -14.32 31.96 3.75
N THR C 282 -14.75 32.54 2.63
CA THR C 282 -14.89 31.77 1.40
C THR C 282 -13.49 31.39 0.92
N VAL C 283 -12.55 32.33 1.04
CA VAL C 283 -11.17 32.06 0.65
C VAL C 283 -10.65 30.90 1.49
N LEU C 284 -10.91 30.94 2.79
CA LEU C 284 -10.40 29.91 3.69
C LEU C 284 -11.11 28.59 3.42
N THR C 285 -12.41 28.67 3.10
CA THR C 285 -13.13 27.45 2.72
C THR C 285 -12.51 26.85 1.47
N MET C 286 -12.07 27.70 0.54
CA MET C 286 -11.46 27.22 -0.69
C MET C 286 -10.09 26.61 -0.42
N THR C 287 -9.40 27.07 0.62
CA THR C 287 -8.13 26.46 1.01
C THR C 287 -8.36 25.09 1.62
N THR C 288 -9.36 24.97 2.51
CA THR C 288 -9.62 23.68 3.13
C THR C 288 -10.02 22.65 2.09
N ILE C 289 -10.79 23.05 1.08
CA ILE C 289 -11.19 22.13 0.03
C ILE C 289 -9.97 21.68 -0.75
N ASN C 290 -9.10 22.63 -1.12
CA ASN C 290 -7.89 22.33 -1.88
C ASN C 290 -6.99 21.34 -1.15
N THR C 291 -6.62 21.66 0.09
CA THR C 291 -5.61 20.88 0.82
C THR C 291 -6.10 19.47 1.11
N HIS C 292 -7.36 19.32 1.53
CA HIS C 292 -7.97 18.00 1.73
C HIS C 292 -7.85 17.18 0.46
N LEU C 293 -8.18 17.80 -0.68
CA LEU C 293 -8.22 17.17 -1.99
C LEU C 293 -6.90 16.50 -2.34
N ARG C 294 -5.78 17.16 -2.02
CA ARG C 294 -4.43 16.80 -2.45
C ARG C 294 -3.91 15.52 -1.81
N GLU C 295 -4.61 14.97 -0.83
CA GLU C 295 -4.24 13.65 -0.32
C GLU C 295 -4.70 12.52 -1.24
N THR C 296 -5.51 12.81 -2.25
CA THR C 296 -5.92 11.78 -3.20
C THR C 296 -5.03 11.61 -4.43
N LEU C 297 -3.99 12.41 -4.63
CA LEU C 297 -3.35 12.36 -5.95
C LEU C 297 -1.84 12.21 -5.86
N PRO C 298 -1.20 11.75 -6.94
CA PRO C 298 0.28 11.69 -6.96
C PRO C 298 0.94 13.06 -7.05
N LYS C 299 2.22 13.07 -6.66
CA LYS C 299 2.99 14.31 -6.57
C LYS C 299 3.56 14.64 -7.96
N ILE C 300 2.67 14.93 -8.89
CA ILE C 300 3.09 15.27 -10.26
C ILE C 300 3.54 16.73 -10.37
N PRO C 301 4.51 17.03 -11.22
CA PRO C 301 4.98 18.42 -11.35
C PRO C 301 4.18 19.27 -12.32
N TYR C 302 3.21 18.68 -13.00
CA TYR C 302 2.44 19.35 -14.03
C TYR C 302 1.03 19.66 -13.54
N VAL C 303 0.33 20.48 -14.29
CA VAL C 303 -1.02 20.91 -13.94
C VAL C 303 -2.03 19.91 -14.50
N LYS C 304 -2.73 19.23 -13.59
CA LYS C 304 -3.92 18.50 -13.96
C LYS C 304 -5.04 19.48 -14.32
N ALA C 305 -6.05 18.97 -15.00
CA ALA C 305 -7.22 19.80 -15.28
C ALA C 305 -7.85 20.29 -13.99
N ILE C 306 -7.97 19.40 -12.98
CA ILE C 306 -8.61 19.77 -11.73
C ILE C 306 -7.78 20.82 -10.99
N ASP C 307 -6.45 20.70 -11.01
CA ASP C 307 -5.61 21.74 -10.42
C ASP C 307 -5.87 23.10 -11.07
N MET C 308 -5.99 23.12 -12.40
CA MET C 308 -6.23 24.37 -13.09
C MET C 308 -7.56 24.99 -12.68
N TYR C 309 -8.60 24.15 -12.56
CA TYR C 309 -9.90 24.64 -12.16
C TYR C 309 -9.86 25.22 -10.75
N LEU C 310 -9.28 24.48 -9.80
CA LEU C 310 -9.26 24.94 -8.42
C LEU C 310 -8.44 26.20 -8.28
N MET C 311 -7.37 26.32 -9.06
CA MET C 311 -6.56 27.54 -9.03
C MET C 311 -7.34 28.71 -9.62
N GLY C 312 -8.10 28.47 -10.69
CA GLY C 312 -8.97 29.50 -11.21
C GLY C 312 -10.02 29.95 -10.19
N CYS C 313 -10.66 28.98 -9.53
CA CYS C 313 -11.70 29.33 -8.57
C CYS C 313 -11.13 30.12 -7.41
N PHE C 314 -9.93 29.75 -6.95
CA PHE C 314 -9.27 30.49 -5.88
C PHE C 314 -9.08 31.94 -6.29
N VAL C 315 -8.63 32.17 -7.53
CA VAL C 315 -8.37 33.52 -8.02
C VAL C 315 -9.65 34.33 -8.04
N PHE C 316 -10.77 33.72 -8.44
CA PHE C 316 -12.04 34.43 -8.47
C PHE C 316 -12.42 34.92 -7.08
N VAL C 317 -12.34 34.04 -6.07
CA VAL C 317 -12.84 34.42 -4.75
C VAL C 317 -11.88 35.44 -4.16
N PHE C 318 -10.59 35.32 -4.51
CA PHE C 318 -9.59 36.28 -4.05
C PHE C 318 -9.86 37.66 -4.65
N LEU C 319 -10.20 37.71 -5.94
CA LEU C 319 -10.53 38.97 -6.59
C LEU C 319 -11.81 39.57 -6.03
N ALA C 320 -12.77 38.75 -5.60
CA ALA C 320 -14.00 39.27 -5.03
C ALA C 320 -13.73 40.05 -3.74
N LEU C 321 -12.84 39.54 -2.90
CA LEU C 321 -12.47 40.26 -1.68
C LEU C 321 -11.70 41.52 -2.04
N LEU C 322 -10.77 41.42 -2.99
CA LEU C 322 -10.00 42.58 -3.42
C LEU C 322 -10.92 43.64 -4.02
N GLU C 323 -12.00 43.20 -4.67
CA GLU C 323 -13.01 44.13 -5.18
C GLU C 323 -13.55 45.00 -4.05
N TYR C 324 -13.82 44.40 -2.89
CA TYR C 324 -14.36 45.15 -1.77
C TYR C 324 -13.33 46.14 -1.25
N ALA C 325 -12.07 45.71 -1.18
CA ALA C 325 -11.00 46.62 -0.77
C ALA C 325 -11.01 47.87 -1.63
N PHE C 326 -11.23 47.72 -2.93
CA PHE C 326 -11.27 48.88 -3.81
C PHE C 326 -12.48 49.75 -3.46
N VAL C 327 -13.65 49.12 -3.29
CA VAL C 327 -14.83 49.87 -2.88
C VAL C 327 -14.56 50.53 -1.54
N ASN C 328 -14.05 49.74 -0.59
CA ASN C 328 -13.74 50.23 0.74
C ASN C 328 -12.74 51.38 0.65
N TYR C 329 -11.76 51.25 -0.24
CA TYR C 329 -10.69 52.24 -0.33
C TYR C 329 -11.19 53.61 -0.74
N ILE C 330 -12.27 53.73 -1.51
CA ILE C 330 -12.56 55.06 -2.02
C ILE C 330 -13.83 55.61 -1.41
N PHE C 331 -14.70 54.76 -0.84
CA PHE C 331 -15.99 55.32 -0.45
C PHE C 331 -15.69 56.13 0.80
N PHE C 332 -15.38 55.38 1.88
CA PHE C 332 -14.97 55.90 3.18
C PHE C 332 -13.63 56.62 3.07
N GLY C 333 -12.62 55.93 2.52
CA GLY C 333 -11.25 56.36 2.67
C GLY C 333 -10.96 57.71 2.04
N ARG C 334 -11.60 58.00 0.92
CA ARG C 334 -11.45 59.30 0.28
C ARG C 334 -12.66 60.17 0.61
N ASP C 444 -18.48 55.62 -9.27
CA ASP C 444 -19.34 55.60 -8.09
C ASP C 444 -19.24 54.28 -7.36
N VAL C 445 -19.54 54.31 -6.05
CA VAL C 445 -19.47 53.10 -5.25
C VAL C 445 -20.51 52.08 -5.70
N ASN C 446 -21.74 52.53 -5.95
CA ASN C 446 -22.74 51.65 -6.55
C ASN C 446 -22.32 51.20 -7.94
N ALA C 447 -21.63 52.07 -8.69
CA ALA C 447 -21.18 51.70 -10.02
C ALA C 447 -20.16 50.57 -9.98
N ILE C 448 -19.19 50.65 -9.07
CA ILE C 448 -18.17 49.60 -9.00
C ILE C 448 -18.80 48.28 -8.62
N ASP C 449 -19.73 48.29 -7.66
CA ASP C 449 -20.45 47.07 -7.30
C ASP C 449 -21.26 46.57 -8.49
N ARG C 450 -21.96 47.46 -9.19
CA ARG C 450 -22.80 47.07 -10.30
C ARG C 450 -21.98 46.40 -11.39
N TRP C 451 -20.80 46.94 -11.70
CA TRP C 451 -19.91 46.28 -12.66
C TRP C 451 -19.49 44.92 -12.15
N SER C 452 -19.19 44.81 -10.85
CA SER C 452 -18.78 43.53 -10.28
C SER C 452 -19.90 42.51 -10.36
N ARG C 453 -21.15 42.96 -10.19
CA ARG C 453 -22.28 42.04 -10.21
C ARG C 453 -22.41 41.34 -11.55
N ILE C 454 -21.94 41.98 -12.62
CA ILE C 454 -22.03 41.43 -13.97
C ILE C 454 -20.72 40.80 -14.40
N VAL C 455 -19.59 41.48 -14.14
CA VAL C 455 -18.32 41.06 -14.71
C VAL C 455 -17.85 39.76 -14.09
N PHE C 456 -18.04 39.58 -12.78
CA PHE C 456 -17.57 38.37 -12.13
C PHE C 456 -18.30 37.13 -12.63
N PRO C 457 -19.65 37.07 -12.60
CA PRO C 457 -20.31 35.85 -13.12
C PRO C 457 -20.00 35.60 -14.58
N PHE C 458 -19.91 36.68 -15.38
CA PHE C 458 -19.64 36.54 -16.80
C PHE C 458 -18.22 36.00 -17.03
N THR C 459 -17.24 36.49 -16.27
CA THR C 459 -15.88 35.98 -16.39
C THR C 459 -15.80 34.52 -15.97
N PHE C 460 -16.52 34.15 -14.90
CA PHE C 460 -16.54 32.76 -14.48
C PHE C 460 -17.18 31.88 -15.55
N SER C 461 -18.21 32.40 -16.22
CA SER C 461 -18.83 31.66 -17.32
C SER C 461 -17.82 31.48 -18.46
N LEU C 462 -17.11 32.55 -18.81
CA LEU C 462 -16.05 32.45 -19.81
C LEU C 462 -15.00 31.43 -19.37
N PHE C 463 -14.53 31.55 -18.12
CA PHE C 463 -13.53 30.62 -17.61
C PHE C 463 -14.01 29.18 -17.77
N ASN C 464 -15.26 28.91 -17.36
CA ASN C 464 -15.79 27.55 -17.46
C ASN C 464 -15.90 27.13 -18.91
N LEU C 465 -16.36 28.03 -19.79
CA LEU C 465 -16.51 27.70 -21.19
C LEU C 465 -15.19 27.27 -21.79
N VAL C 466 -14.15 28.09 -21.60
CA VAL C 466 -12.83 27.79 -22.13
C VAL C 466 -12.33 26.47 -21.54
N TYR C 467 -12.47 26.32 -20.23
CA TYR C 467 -11.96 25.13 -19.54
C TYR C 467 -12.63 23.88 -20.11
N TRP C 468 -13.96 23.83 -20.09
CA TRP C 468 -14.65 22.59 -20.41
C TRP C 468 -14.57 22.28 -21.91
N LEU C 469 -14.34 23.28 -22.75
CA LEU C 469 -14.12 23.02 -24.17
C LEU C 469 -12.73 22.44 -24.39
N TYR C 470 -11.73 23.00 -23.73
CA TYR C 470 -10.35 22.55 -23.88
C TYR C 470 -10.22 21.09 -23.44
N TYR C 471 -10.91 20.72 -22.37
CA TYR C 471 -10.68 19.46 -21.68
C TYR C 471 -11.72 18.39 -21.99
N VAL C 472 -12.94 18.78 -22.37
CA VAL C 472 -13.92 17.82 -22.86
C VAL C 472 -13.97 17.87 -24.38
N ASN D 33 3.05 -52.55 17.77
CA ASN D 33 2.60 -52.97 16.45
C ASN D 33 2.93 -51.88 15.43
N MET D 34 3.93 -51.07 15.77
CA MET D 34 4.26 -49.91 14.95
C MET D 34 4.99 -50.30 13.68
N SER D 35 5.74 -51.41 13.72
CA SER D 35 6.37 -51.93 12.50
C SER D 35 5.33 -52.42 11.50
N PHE D 36 4.24 -53.01 12.00
CA PHE D 36 3.17 -53.46 11.11
C PHE D 36 2.47 -52.27 10.45
N VAL D 37 2.14 -51.24 11.23
CA VAL D 37 1.51 -50.05 10.64
C VAL D 37 2.46 -49.37 9.67
N LYS D 38 3.74 -49.27 10.03
CA LYS D 38 4.72 -48.65 9.13
C LYS D 38 4.82 -49.43 7.82
N GLU D 39 4.83 -50.76 7.92
CA GLU D 39 4.87 -51.61 6.74
C GLU D 39 3.66 -51.38 5.86
N THR D 40 2.46 -51.39 6.45
CA THR D 40 1.22 -51.17 5.71
C THR D 40 1.27 -49.85 4.94
N VAL D 41 1.68 -48.77 5.62
CA VAL D 41 1.65 -47.45 4.97
C VAL D 41 2.73 -47.39 3.89
N ASP D 42 3.91 -47.95 4.16
CA ASP D 42 4.95 -48.00 3.14
C ASP D 42 4.45 -48.73 1.90
N LYS D 43 3.70 -49.82 2.10
CA LYS D 43 3.17 -50.59 0.98
C LYS D 43 2.17 -49.75 0.18
N LEU D 44 1.33 -48.98 0.88
CA LEU D 44 0.37 -48.11 0.21
C LEU D 44 1.06 -47.15 -0.75
N LEU D 45 2.20 -46.59 -0.35
CA LEU D 45 2.86 -45.53 -1.09
C LEU D 45 3.90 -46.08 -2.06
N LYS D 46 4.15 -47.38 -2.05
CA LYS D 46 5.12 -47.98 -2.97
C LYS D 46 4.53 -48.01 -4.37
N GLY D 47 5.21 -47.33 -5.30
CA GLY D 47 4.74 -47.25 -6.67
C GLY D 47 3.51 -46.39 -6.86
N TYR D 48 3.14 -45.59 -5.85
CA TYR D 48 2.02 -44.68 -5.96
C TYR D 48 2.41 -43.53 -6.89
N ASP D 49 1.60 -43.28 -7.91
CA ASP D 49 1.86 -42.19 -8.86
C ASP D 49 0.95 -41.01 -8.53
N ILE D 50 1.53 -39.97 -7.93
CA ILE D 50 0.80 -38.76 -7.61
C ILE D 50 0.27 -38.07 -8.85
N ARG D 51 0.81 -38.36 -10.03
CA ARG D 51 0.41 -37.65 -11.24
C ARG D 51 -0.99 -38.05 -11.70
N LEU D 52 -1.46 -39.24 -11.33
CA LEU D 52 -2.69 -39.80 -11.85
C LEU D 52 -3.76 -39.69 -10.78
N ARG D 53 -4.90 -39.11 -11.14
CA ARG D 53 -6.04 -39.09 -10.24
C ARG D 53 -6.55 -40.51 -9.97
N PRO D 54 -7.23 -40.71 -8.85
CA PRO D 54 -7.94 -41.98 -8.63
C PRO D 54 -8.90 -42.29 -9.77
N ASP D 55 -8.89 -43.55 -10.20
CA ASP D 55 -9.76 -44.01 -11.29
C ASP D 55 -9.46 -43.28 -12.59
N PHE D 56 -8.21 -42.86 -12.79
CA PHE D 56 -7.77 -42.26 -14.04
C PHE D 56 -8.31 -43.05 -15.22
N GLY D 57 -8.90 -42.34 -16.18
CA GLY D 57 -9.47 -42.95 -17.35
C GLY D 57 -10.85 -43.53 -17.15
N GLY D 58 -11.37 -43.48 -15.92
CA GLY D 58 -12.66 -44.03 -15.60
C GLY D 58 -13.63 -42.93 -15.24
N PRO D 59 -14.69 -43.28 -14.50
CA PRO D 59 -15.66 -42.27 -14.07
C PRO D 59 -14.99 -41.22 -13.18
N PRO D 60 -15.55 -40.02 -13.11
CA PRO D 60 -14.92 -38.97 -12.29
C PRO D 60 -14.87 -39.37 -10.82
N VAL D 61 -13.83 -38.87 -10.15
CA VAL D 61 -13.74 -38.99 -8.70
C VAL D 61 -14.65 -37.96 -8.05
N CYS D 62 -15.50 -38.41 -7.13
CA CYS D 62 -16.40 -37.52 -6.41
C CYS D 62 -15.66 -36.98 -5.18
N VAL D 63 -15.56 -35.66 -5.09
CA VAL D 63 -14.89 -34.99 -3.98
C VAL D 63 -15.93 -34.22 -3.18
N GLY D 64 -16.10 -34.61 -1.91
CA GLY D 64 -17.00 -33.91 -1.03
C GLY D 64 -16.28 -32.81 -0.27
N MET D 65 -16.88 -31.62 -0.27
CA MET D 65 -16.31 -30.47 0.40
C MET D 65 -17.03 -30.20 1.70
N ASN D 66 -16.29 -29.64 2.66
CA ASN D 66 -16.85 -29.32 3.98
C ASN D 66 -16.02 -28.19 4.56
N ILE D 67 -16.68 -27.09 4.92
CA ILE D 67 -16.02 -25.89 5.40
C ILE D 67 -16.48 -25.61 6.83
N ASP D 68 -15.54 -25.30 7.70
CA ASP D 68 -15.82 -24.75 9.03
C ASP D 68 -15.27 -23.33 9.08
N ILE D 69 -16.15 -22.36 9.16
CA ILE D 69 -15.76 -20.95 9.08
C ILE D 69 -15.23 -20.52 10.45
N ALA D 70 -13.92 -20.28 10.54
CA ALA D 70 -13.34 -19.81 11.79
C ALA D 70 -13.66 -18.34 12.04
N SER D 71 -13.56 -17.51 11.01
CA SER D 71 -13.72 -16.07 11.15
C SER D 71 -13.88 -15.46 9.77
N ILE D 72 -14.54 -14.30 9.73
CA ILE D 72 -14.36 -13.32 8.67
C ILE D 72 -13.72 -12.08 9.29
N ASP D 73 -12.42 -11.89 9.02
CA ASP D 73 -11.63 -10.94 9.78
C ASP D 73 -11.97 -9.50 9.39
N MET D 74 -12.18 -9.25 8.09
CA MET D 74 -12.24 -7.90 7.56
C MET D 74 -13.13 -7.89 6.34
N VAL D 75 -13.83 -6.77 6.14
CA VAL D 75 -14.53 -6.47 4.90
C VAL D 75 -14.12 -5.07 4.47
N SER D 76 -13.56 -4.95 3.27
CA SER D 76 -13.01 -3.70 2.78
C SER D 76 -13.84 -3.22 1.59
N GLU D 77 -14.49 -2.06 1.76
CA GLU D 77 -15.13 -1.40 0.62
C GLU D 77 -14.08 -0.83 -0.34
N VAL D 78 -13.00 -0.25 0.19
CA VAL D 78 -12.03 0.44 -0.66
C VAL D 78 -11.29 -0.55 -1.55
N ASN D 79 -10.94 -1.72 -1.01
CA ASN D 79 -10.25 -2.74 -1.78
C ASN D 79 -11.21 -3.72 -2.44
N MET D 80 -12.51 -3.58 -2.18
CA MET D 80 -13.54 -4.48 -2.68
C MET D 80 -13.14 -5.95 -2.47
N ASP D 81 -12.94 -6.30 -1.21
CA ASP D 81 -12.57 -7.66 -0.83
C ASP D 81 -12.94 -7.90 0.62
N TYR D 82 -12.83 -9.17 1.02
CA TYR D 82 -13.07 -9.59 2.39
C TYR D 82 -12.06 -10.68 2.72
N THR D 83 -11.81 -10.86 4.02
CA THR D 83 -10.83 -11.83 4.48
C THR D 83 -11.51 -12.90 5.31
N LEU D 84 -11.34 -14.15 4.89
CA LEU D 84 -12.02 -15.29 5.50
C LEU D 84 -10.96 -16.25 6.04
N THR D 85 -11.21 -16.80 7.23
CA THR D 85 -10.44 -17.92 7.75
C THR D 85 -11.37 -19.10 7.93
N MET D 86 -10.94 -20.26 7.46
CA MET D 86 -11.81 -21.44 7.47
C MET D 86 -10.98 -22.69 7.61
N TYR D 87 -11.64 -23.77 8.06
CA TYR D 87 -11.13 -25.12 7.96
C TYR D 87 -11.74 -25.78 6.73
N PHE D 88 -10.92 -26.04 5.73
CA PHE D 88 -11.38 -26.54 4.44
C PHE D 88 -11.07 -28.02 4.35
N GLN D 89 -12.12 -28.85 4.34
CA GLN D 89 -11.98 -30.29 4.31
C GLN D 89 -12.43 -30.84 2.97
N GLN D 90 -11.67 -31.79 2.44
CA GLN D 90 -12.00 -32.47 1.19
C GLN D 90 -12.12 -33.98 1.46
N TYR D 91 -13.09 -34.60 0.80
CA TYR D 91 -13.47 -35.98 1.08
C TYR D 91 -13.60 -36.72 -0.23
N TRP D 92 -12.77 -37.76 -0.42
CA TRP D 92 -12.84 -38.56 -1.63
C TRP D 92 -12.32 -39.96 -1.33
N ARG D 93 -12.57 -40.87 -2.26
CA ARG D 93 -12.09 -42.25 -2.16
C ARG D 93 -10.96 -42.46 -3.16
N ASP D 94 -9.83 -42.95 -2.69
CA ASP D 94 -8.72 -43.38 -3.54
C ASP D 94 -8.45 -44.86 -3.26
N LYS D 95 -8.91 -45.73 -4.16
CA LYS D 95 -8.78 -47.17 -3.97
C LYS D 95 -7.33 -47.63 -3.91
N ARG D 96 -6.39 -46.80 -4.37
CA ARG D 96 -4.97 -47.13 -4.23
C ARG D 96 -4.50 -47.12 -2.79
N LEU D 97 -5.24 -46.47 -1.89
CA LEU D 97 -4.84 -46.31 -0.51
C LEU D 97 -5.60 -47.23 0.44
N ALA D 98 -6.43 -48.12 -0.09
CA ALA D 98 -7.17 -49.06 0.74
C ALA D 98 -6.21 -50.01 1.45
N TYR D 99 -6.49 -50.27 2.73
CA TYR D 99 -5.65 -51.15 3.53
C TYR D 99 -6.55 -52.07 4.35
N SER D 100 -6.03 -53.26 4.64
CA SER D 100 -6.76 -54.28 5.38
C SER D 100 -6.01 -54.65 6.65
N GLY D 101 -6.73 -55.27 7.58
CA GLY D 101 -6.16 -55.81 8.79
C GLY D 101 -5.83 -54.79 9.85
N ILE D 102 -6.31 -53.56 9.71
CA ILE D 102 -6.17 -52.51 10.71
C ILE D 102 -7.53 -51.85 10.86
N PRO D 103 -8.27 -52.14 11.94
CA PRO D 103 -9.59 -51.51 12.14
C PRO D 103 -9.50 -50.15 12.81
N LEU D 104 -8.67 -49.26 12.27
CA LEU D 104 -8.53 -47.91 12.75
C LEU D 104 -8.52 -46.97 11.55
N ASN D 105 -8.87 -45.71 11.79
CA ASN D 105 -8.52 -44.63 10.88
C ASN D 105 -7.15 -44.08 11.25
N LEU D 106 -6.25 -44.03 10.28
CA LEU D 106 -4.88 -43.59 10.50
C LEU D 106 -4.81 -42.09 10.32
N THR D 107 -4.55 -41.36 11.40
CA THR D 107 -4.16 -39.96 11.31
C THR D 107 -2.64 -39.90 11.12
N LEU D 108 -2.22 -39.32 10.00
CA LEU D 108 -0.81 -39.26 9.63
C LEU D 108 -0.29 -37.84 9.74
N ASP D 109 1.02 -37.72 9.97
CA ASP D 109 1.66 -36.41 9.97
C ASP D 109 1.38 -35.70 8.65
N ASN D 110 1.21 -34.38 8.72
CA ASN D 110 0.78 -33.61 7.55
C ASN D 110 1.72 -33.74 6.36
N ARG D 111 2.98 -34.08 6.60
CA ARG D 111 3.94 -34.19 5.51
C ARG D 111 3.63 -35.34 4.56
N VAL D 112 2.79 -36.29 4.96
CA VAL D 112 2.40 -37.38 4.06
C VAL D 112 1.60 -36.85 2.87
N ALA D 113 0.95 -35.69 3.03
CA ALA D 113 0.15 -35.11 1.96
C ALA D 113 0.97 -34.91 0.68
N ASP D 114 2.28 -34.72 0.82
CA ASP D 114 3.16 -34.51 -0.32
C ASP D 114 3.39 -35.78 -1.13
N GLN D 115 3.02 -36.94 -0.60
CA GLN D 115 3.19 -38.20 -1.29
C GLN D 115 1.89 -38.74 -1.87
N LEU D 116 0.79 -38.00 -1.72
CA LEU D 116 -0.53 -38.43 -2.14
C LEU D 116 -1.02 -37.54 -3.28
N TRP D 117 -1.91 -38.07 -4.11
CA TRP D 117 -2.73 -37.23 -4.96
C TRP D 117 -3.72 -36.46 -4.10
N VAL D 118 -3.87 -35.16 -4.39
CA VAL D 118 -4.96 -34.37 -3.84
C VAL D 118 -5.62 -33.61 -4.97
N PRO D 119 -6.88 -33.22 -4.80
CA PRO D 119 -7.56 -32.42 -5.83
C PRO D 119 -6.84 -31.10 -6.06
N ASP D 120 -7.01 -30.57 -7.26
CA ASP D 120 -6.38 -29.29 -7.62
C ASP D 120 -7.37 -28.15 -7.42
N THR D 121 -7.91 -28.10 -6.20
CA THR D 121 -8.93 -27.12 -5.86
C THR D 121 -8.30 -25.74 -5.68
N TYR D 122 -8.99 -24.72 -6.19
CA TYR D 122 -8.57 -23.34 -6.01
C TYR D 122 -9.81 -22.48 -5.81
N PHE D 123 -9.57 -21.25 -5.39
CA PHE D 123 -10.62 -20.27 -5.14
C PHE D 123 -10.57 -19.23 -6.25
N LEU D 124 -11.55 -19.28 -7.16
CA LEU D 124 -11.45 -18.52 -8.39
C LEU D 124 -11.48 -17.02 -8.16
N ASN D 125 -12.14 -16.56 -7.09
CA ASN D 125 -12.23 -15.13 -6.81
C ASN D 125 -11.34 -14.71 -5.64
N ASP D 126 -10.33 -15.50 -5.31
CA ASP D 126 -9.40 -15.12 -4.25
C ASP D 126 -8.32 -14.17 -4.78
N LYS D 127 -7.89 -13.26 -3.91
CA LYS D 127 -6.83 -12.32 -4.22
C LYS D 127 -5.49 -12.74 -3.62
N LYS D 128 -5.49 -13.27 -2.40
CA LYS D 128 -4.29 -13.68 -1.71
C LYS D 128 -4.68 -14.65 -0.60
N SER D 129 -4.06 -15.82 -0.58
CA SER D 129 -4.40 -16.84 0.39
C SER D 129 -3.16 -17.63 0.77
N PHE D 130 -3.19 -18.21 1.96
CA PHE D 130 -2.08 -19.00 2.47
C PHE D 130 -2.60 -20.05 3.44
N VAL D 131 -1.87 -21.15 3.54
CA VAL D 131 -2.07 -22.13 4.61
C VAL D 131 -1.21 -21.75 5.80
N HIS D 132 -1.83 -21.67 6.98
CA HIS D 132 -1.11 -21.33 8.19
C HIS D 132 0.00 -22.35 8.44
N GLY D 133 1.13 -21.86 8.95
CA GLY D 133 2.33 -22.67 9.01
C GLY D 133 2.95 -22.86 10.38
N VAL D 134 2.32 -22.35 11.43
CA VAL D 134 2.84 -22.47 12.79
C VAL D 134 1.88 -23.30 13.62
N THR D 135 2.41 -24.21 14.42
CA THR D 135 3.85 -24.49 14.49
C THR D 135 4.27 -25.41 13.35
N VAL D 136 3.27 -25.98 12.69
CA VAL D 136 3.45 -26.82 11.52
C VAL D 136 2.43 -26.38 10.48
N LYS D 137 2.57 -26.90 9.26
CA LYS D 137 1.57 -26.65 8.24
C LYS D 137 0.21 -27.14 8.73
N ASN D 138 -0.75 -26.21 8.82
CA ASN D 138 -2.06 -26.55 9.39
C ASN D 138 -2.80 -27.41 8.37
N ARG D 139 -2.45 -28.69 8.37
CA ARG D 139 -2.91 -29.64 7.36
C ARG D 139 -3.14 -30.99 8.04
N MET D 140 -4.17 -31.70 7.60
CA MET D 140 -4.47 -33.01 8.14
C MET D 140 -4.66 -34.02 7.02
N ILE D 141 -4.23 -35.25 7.27
CA ILE D 141 -4.52 -36.40 6.41
C ILE D 141 -5.02 -37.52 7.30
N ARG D 142 -6.24 -37.99 7.04
CA ARG D 142 -6.77 -39.17 7.71
C ARG D 142 -7.21 -40.18 6.66
N LEU D 143 -6.62 -41.37 6.73
CA LEU D 143 -6.97 -42.48 5.85
C LEU D 143 -7.98 -43.40 6.53
N HIS D 144 -8.81 -44.05 5.71
CA HIS D 144 -9.80 -45.00 6.18
C HIS D 144 -9.60 -46.33 5.47
N PRO D 145 -9.95 -47.45 6.12
CA PRO D 145 -9.67 -48.77 5.54
C PRO D 145 -10.18 -48.95 4.11
N ASP D 146 -11.28 -48.30 3.75
CA ASP D 146 -11.83 -48.44 2.41
C ASP D 146 -11.16 -47.52 1.40
N GLY D 147 -10.16 -46.76 1.80
CA GLY D 147 -9.46 -45.86 0.91
C GLY D 147 -10.02 -44.46 0.85
N THR D 148 -10.96 -44.12 1.74
CA THR D 148 -11.42 -42.75 1.87
C THR D 148 -10.31 -41.88 2.47
N VAL D 149 -10.06 -40.74 1.82
CA VAL D 149 -9.08 -39.76 2.29
C VAL D 149 -9.81 -38.54 2.79
N LEU D 150 -9.51 -38.12 4.02
CA LEU D 150 -10.03 -36.89 4.60
C LEU D 150 -8.87 -35.90 4.68
N TYR D 151 -8.90 -34.89 3.82
CA TYR D 151 -7.81 -33.93 3.71
C TYR D 151 -8.30 -32.56 4.17
N GLY D 152 -7.71 -32.05 5.24
CA GLY D 152 -8.14 -30.80 5.85
C GLY D 152 -7.05 -29.76 5.81
N LEU D 153 -7.44 -28.51 5.56
CA LEU D 153 -6.51 -27.38 5.55
C LEU D 153 -7.14 -26.22 6.32
N ARG D 154 -6.30 -25.46 7.02
CA ARG D 154 -6.74 -24.21 7.61
C ARG D 154 -6.18 -23.08 6.76
N ILE D 155 -7.09 -22.32 6.15
CA ILE D 155 -6.74 -21.35 5.11
C ILE D 155 -7.25 -19.99 5.53
N THR D 156 -6.44 -18.97 5.32
CA THR D 156 -6.91 -17.58 5.31
C THR D 156 -6.85 -17.07 3.89
N THR D 157 -7.98 -16.55 3.41
CA THR D 157 -8.10 -16.05 2.04
C THR D 157 -8.63 -14.63 2.05
N THR D 158 -8.00 -13.76 1.27
CA THR D 158 -8.63 -12.52 0.86
C THR D 158 -9.26 -12.74 -0.51
N ALA D 159 -10.58 -12.56 -0.60
CA ALA D 159 -11.32 -12.90 -1.80
C ALA D 159 -12.08 -11.68 -2.30
N ALA D 160 -12.14 -11.55 -3.62
CA ALA D 160 -12.84 -10.41 -4.23
C ALA D 160 -14.32 -10.47 -3.92
N CYS D 161 -14.92 -9.30 -3.68
CA CYS D 161 -16.37 -9.19 -3.54
C CYS D 161 -16.78 -7.84 -4.08
N MET D 162 -17.22 -7.81 -5.34
CA MET D 162 -17.72 -6.59 -5.94
C MET D 162 -18.98 -6.13 -5.22
N MET D 163 -18.96 -4.90 -4.73
CA MET D 163 -20.05 -4.37 -3.92
C MET D 163 -20.80 -3.28 -4.70
N ASP D 164 -22.10 -3.26 -4.55
CA ASP D 164 -22.95 -2.21 -5.11
C ASP D 164 -23.17 -1.17 -4.02
N LEU D 165 -22.48 -0.04 -4.12
CA LEU D 165 -22.49 0.97 -3.07
C LEU D 165 -23.45 2.10 -3.38
N ARG D 166 -24.42 1.87 -4.26
CA ARG D 166 -25.38 2.89 -4.64
C ARG D 166 -26.25 3.28 -3.45
N ARG D 167 -26.52 2.33 -2.56
CA ARG D 167 -27.35 2.54 -1.38
C ARG D 167 -26.52 2.69 -0.12
N TYR D 168 -25.21 2.80 -0.24
CA TYR D 168 -24.32 2.90 0.93
C TYR D 168 -24.66 4.16 1.72
N PRO D 169 -24.73 4.08 3.06
CA PRO D 169 -24.48 2.90 3.88
C PRO D 169 -25.73 2.12 4.28
N LEU D 170 -26.76 2.15 3.44
CA LEU D 170 -27.97 1.36 3.65
C LEU D 170 -28.01 0.17 2.70
N ASP D 171 -26.87 -0.45 2.46
CA ASP D 171 -26.71 -1.41 1.39
C ASP D 171 -26.69 -2.84 1.94
N GLU D 172 -27.02 -3.78 1.05
CA GLU D 172 -26.91 -5.20 1.30
C GLU D 172 -25.99 -5.79 0.26
N GLN D 173 -24.99 -6.56 0.70
CA GLN D 173 -24.02 -7.11 -0.23
C GLN D 173 -24.13 -8.63 -0.29
N ASN D 174 -23.73 -9.17 -1.43
CA ASN D 174 -23.64 -10.61 -1.68
C ASN D 174 -22.17 -10.92 -1.94
N CYS D 175 -21.46 -11.37 -0.91
CA CYS D 175 -20.08 -11.79 -1.05
C CYS D 175 -20.01 -13.31 -1.16
N THR D 176 -19.30 -13.80 -2.16
CA THR D 176 -19.24 -15.21 -2.47
C THR D 176 -17.81 -15.74 -2.32
N LEU D 177 -17.70 -17.06 -2.17
CA LEU D 177 -16.45 -17.78 -2.37
C LEU D 177 -16.68 -18.85 -3.43
N GLU D 178 -15.97 -18.76 -4.54
CA GLU D 178 -16.16 -19.65 -5.68
C GLU D 178 -15.08 -20.73 -5.66
N ILE D 179 -15.49 -21.99 -5.55
CA ILE D 179 -14.57 -23.11 -5.41
C ILE D 179 -14.64 -23.94 -6.68
N GLU D 180 -13.49 -24.20 -7.29
CA GLU D 180 -13.49 -24.85 -8.59
C GLU D 180 -12.28 -25.76 -8.71
N SER D 181 -12.37 -26.72 -9.62
CA SER D 181 -11.22 -27.51 -10.05
C SER D 181 -10.43 -26.73 -11.09
N TYR D 182 -9.11 -26.64 -10.90
CA TYR D 182 -8.31 -25.83 -11.81
C TYR D 182 -8.18 -26.49 -13.18
N GLY D 183 -7.73 -27.74 -13.21
CA GLY D 183 -7.34 -28.37 -14.46
C GLY D 183 -8.18 -29.56 -14.86
N TYR D 184 -8.84 -30.19 -13.90
CA TYR D 184 -9.67 -31.35 -14.17
C TYR D 184 -11.08 -30.90 -14.53
N THR D 185 -11.59 -31.39 -15.66
CA THR D 185 -12.96 -31.14 -16.07
C THR D 185 -13.91 -32.09 -15.33
N THR D 186 -15.21 -31.91 -15.59
CA THR D 186 -16.21 -32.78 -15.00
C THR D 186 -16.18 -34.20 -15.56
N ASP D 187 -15.42 -34.43 -16.63
CA ASP D 187 -15.10 -35.80 -17.02
C ASP D 187 -14.20 -36.49 -16.00
N ASP D 188 -13.40 -35.73 -15.26
CA ASP D 188 -12.39 -36.30 -14.39
C ASP D 188 -12.66 -36.12 -12.90
N ILE D 189 -13.47 -35.12 -12.51
CA ILE D 189 -13.70 -34.84 -11.11
C ILE D 189 -15.07 -34.20 -10.96
N GLU D 190 -15.70 -34.44 -9.80
CA GLU D 190 -16.98 -33.85 -9.47
C GLU D 190 -16.96 -33.38 -8.03
N PHE D 191 -17.59 -32.25 -7.77
CA PHE D 191 -17.69 -31.71 -6.42
C PHE D 191 -19.12 -31.82 -5.91
N TYR D 192 -19.25 -32.00 -4.61
CA TYR D 192 -20.54 -31.87 -3.94
C TYR D 192 -20.33 -31.34 -2.53
N TRP D 193 -21.36 -30.70 -2.01
CA TRP D 193 -21.39 -30.28 -0.61
C TRP D 193 -21.70 -31.49 0.26
N ARG D 194 -20.71 -31.92 1.04
CA ARG D 194 -20.83 -33.14 1.85
C ARG D 194 -21.69 -32.83 3.06
N GLY D 195 -22.87 -33.43 3.12
CA GLY D 195 -23.87 -33.08 4.11
C GLY D 195 -24.93 -32.11 3.63
N GLY D 196 -24.94 -31.77 2.34
CA GLY D 196 -25.91 -30.83 1.81
C GLY D 196 -25.82 -29.49 2.51
N ASP D 197 -26.92 -29.10 3.17
CA ASP D 197 -27.01 -27.78 3.77
C ASP D 197 -26.22 -27.66 5.07
N LYS D 198 -25.68 -28.76 5.58
CA LYS D 198 -24.84 -28.76 6.76
C LYS D 198 -23.35 -28.83 6.41
N ALA D 199 -23.00 -28.74 5.13
CA ALA D 199 -21.60 -28.87 4.74
C ALA D 199 -20.75 -27.70 5.25
N VAL D 200 -21.38 -26.56 5.54
CA VAL D 200 -20.68 -25.37 6.00
C VAL D 200 -21.14 -25.08 7.42
N THR D 201 -20.21 -25.06 8.36
CA THR D 201 -20.50 -24.78 9.75
C THR D 201 -19.84 -23.48 10.17
N GLY D 202 -20.27 -22.95 11.30
CA GLY D 202 -19.62 -21.83 11.91
C GLY D 202 -20.07 -20.47 11.44
N VAL D 203 -21.18 -20.40 10.69
CA VAL D 203 -21.66 -19.09 10.25
C VAL D 203 -22.07 -18.24 11.44
N GLU D 204 -22.50 -18.88 12.53
CA GLU D 204 -22.85 -18.14 13.74
C GLU D 204 -21.64 -17.52 14.40
N ARG D 205 -20.43 -18.00 14.08
CA ARG D 205 -19.21 -17.47 14.68
C ARG D 205 -18.82 -16.13 14.08
N ILE D 206 -19.26 -15.85 12.86
CA ILE D 206 -18.85 -14.63 12.17
C ILE D 206 -19.32 -13.43 12.96
N GLU D 207 -18.39 -12.56 13.34
CA GLU D 207 -18.65 -11.39 14.17
C GLU D 207 -18.00 -10.20 13.49
N LEU D 208 -18.67 -9.66 12.48
CA LEU D 208 -18.24 -8.44 11.84
C LEU D 208 -18.96 -7.27 12.48
N PRO D 209 -18.26 -6.29 13.05
CA PRO D 209 -18.96 -5.16 13.65
C PRO D 209 -19.88 -4.43 12.68
N GLN D 210 -19.47 -4.27 11.43
CA GLN D 210 -20.17 -3.42 10.50
C GLN D 210 -21.26 -4.15 9.72
N PHE D 211 -21.32 -5.47 9.82
CA PHE D 211 -22.27 -6.26 9.04
C PHE D 211 -22.90 -7.32 9.93
N SER D 212 -24.14 -7.67 9.59
CA SER D 212 -24.77 -8.89 10.06
C SER D 212 -24.90 -9.86 8.90
N ILE D 213 -24.67 -11.14 9.16
CA ILE D 213 -24.92 -12.19 8.18
C ILE D 213 -26.40 -12.52 8.19
N VAL D 214 -27.10 -12.16 7.12
CA VAL D 214 -28.54 -12.40 7.03
C VAL D 214 -28.78 -13.87 6.70
N GLU D 215 -28.01 -14.42 5.76
CA GLU D 215 -28.27 -15.71 5.18
C GLU D 215 -26.98 -16.21 4.55
N HIS D 216 -26.85 -17.53 4.45
CA HIS D 216 -25.84 -18.15 3.59
C HIS D 216 -26.52 -19.21 2.73
N ARG D 217 -25.95 -19.43 1.55
CA ARG D 217 -26.48 -20.42 0.61
C ARG D 217 -25.34 -21.23 0.03
N LEU D 218 -25.65 -22.48 -0.32
CA LEU D 218 -24.71 -23.40 -0.93
C LEU D 218 -25.23 -23.74 -2.32
N VAL D 219 -24.38 -23.58 -3.34
CA VAL D 219 -24.78 -23.87 -4.70
C VAL D 219 -23.78 -24.83 -5.32
N SER D 220 -24.26 -25.63 -6.28
CA SER D 220 -23.44 -26.55 -7.05
C SER D 220 -23.83 -26.38 -8.51
N ARG D 221 -22.84 -26.23 -9.39
CA ARG D 221 -23.12 -26.16 -10.81
C ARG D 221 -21.86 -26.51 -11.59
N ASN D 222 -22.03 -26.63 -12.90
CA ASN D 222 -20.94 -26.80 -13.85
C ASN D 222 -20.71 -25.50 -14.60
N VAL D 223 -19.45 -25.11 -14.75
CA VAL D 223 -19.07 -23.88 -15.42
C VAL D 223 -18.25 -24.24 -16.65
N VAL D 224 -18.64 -23.70 -17.80
CA VAL D 224 -18.02 -24.04 -19.08
C VAL D 224 -17.02 -22.96 -19.45
N PHE D 225 -15.81 -23.38 -19.82
CA PHE D 225 -14.79 -22.52 -20.40
C PHE D 225 -14.33 -23.10 -21.73
N ALA D 226 -13.44 -22.36 -22.40
CA ALA D 226 -12.90 -22.83 -23.66
C ALA D 226 -12.21 -24.18 -23.51
N THR D 227 -11.62 -24.45 -22.34
CA THR D 227 -10.92 -25.70 -22.11
C THR D 227 -11.82 -26.82 -21.64
N GLY D 228 -13.09 -26.54 -21.37
CA GLY D 228 -14.08 -27.56 -21.06
C GLY D 228 -14.98 -27.12 -19.92
N ALA D 229 -15.76 -28.08 -19.44
CA ALA D 229 -16.71 -27.86 -18.35
C ALA D 229 -16.07 -28.24 -17.02
N TYR D 230 -16.17 -27.36 -16.03
CA TYR D 230 -15.52 -27.58 -14.76
C TYR D 230 -16.53 -27.58 -13.62
N PRO D 231 -16.33 -28.41 -12.60
CA PRO D 231 -17.24 -28.38 -11.44
C PRO D 231 -17.02 -27.14 -10.60
N ARG D 232 -18.11 -26.60 -10.09
CA ARG D 232 -18.09 -25.40 -9.27
C ARG D 232 -18.95 -25.59 -8.03
N LEU D 233 -18.43 -25.15 -6.89
CA LEU D 233 -19.23 -24.93 -5.69
C LEU D 233 -19.11 -23.48 -5.27
N SER D 234 -20.25 -22.89 -4.89
CA SER D 234 -20.31 -21.48 -4.53
C SER D 234 -20.91 -21.35 -3.13
N LEU D 235 -20.16 -20.71 -2.23
CA LEU D 235 -20.66 -20.31 -0.93
C LEU D 235 -20.82 -18.80 -0.94
N SER D 236 -22.02 -18.32 -0.62
CA SER D 236 -22.29 -16.89 -0.60
C SER D 236 -22.91 -16.49 0.74
N PHE D 237 -22.66 -15.24 1.13
CA PHE D 237 -23.25 -14.66 2.32
C PHE D 237 -23.95 -13.36 1.93
N ARG D 238 -25.05 -13.07 2.62
CA ARG D 238 -25.74 -11.80 2.47
C ARG D 238 -25.41 -10.93 3.68
N LEU D 239 -24.68 -9.85 3.45
CA LEU D 239 -24.23 -8.96 4.51
C LEU D 239 -25.11 -7.73 4.53
N LYS D 240 -25.56 -7.33 5.71
CA LYS D 240 -26.40 -6.16 5.88
C LYS D 240 -25.69 -5.16 6.78
N ARG D 241 -25.42 -3.97 6.26
CA ARG D 241 -24.70 -2.95 7.01
C ARG D 241 -25.57 -2.43 8.14
N ASN D 242 -24.99 -2.31 9.33
CA ASN D 242 -25.70 -1.66 10.43
C ASN D 242 -25.67 -0.14 10.27
N ILE D 243 -26.86 0.46 10.28
CA ILE D 243 -27.01 1.90 10.04
C ILE D 243 -26.52 2.72 11.23
N GLY D 244 -26.59 2.17 12.44
CA GLY D 244 -26.49 2.99 13.65
C GLY D 244 -25.30 3.94 13.67
N TYR D 245 -24.12 3.43 13.32
CA TYR D 245 -22.92 4.27 13.35
C TYR D 245 -23.06 5.48 12.44
N PHE D 246 -23.65 5.29 11.26
CA PHE D 246 -23.72 6.33 10.25
C PHE D 246 -24.75 7.41 10.58
N ILE D 247 -25.90 7.03 11.13
CA ILE D 247 -26.86 7.99 11.65
C ILE D 247 -26.18 8.98 12.60
N LEU D 248 -25.39 8.47 13.54
CA LEU D 248 -24.85 9.36 14.56
C LEU D 248 -23.66 10.16 14.03
N GLN D 249 -22.82 9.54 13.21
CA GLN D 249 -21.53 10.12 12.86
C GLN D 249 -21.64 11.10 11.68
N THR D 250 -22.46 10.76 10.69
CA THR D 250 -22.56 11.54 9.46
C THR D 250 -23.91 12.20 9.26
N TYR D 251 -25.00 11.49 9.57
CA TYR D 251 -26.34 12.02 9.32
C TYR D 251 -26.73 13.08 10.35
N MET D 252 -26.56 12.77 11.63
CA MET D 252 -27.01 13.71 12.67
C MET D 252 -26.23 15.01 12.65
N PRO D 253 -24.89 15.03 12.58
CA PRO D 253 -24.20 16.33 12.45
C PRO D 253 -24.71 17.14 11.27
N SER D 254 -24.97 16.46 10.14
CA SER D 254 -25.49 17.14 8.96
C SER D 254 -26.87 17.74 9.23
N ILE D 255 -27.73 16.98 9.92
CA ILE D 255 -29.07 17.49 10.21
C ILE D 255 -28.99 18.69 11.14
N LEU D 256 -28.12 18.62 12.14
CA LEU D 256 -28.03 19.69 13.12
C LEU D 256 -27.43 20.95 12.50
N ILE D 257 -26.46 20.80 11.60
CA ILE D 257 -25.92 21.97 10.92
C ILE D 257 -26.98 22.61 10.03
N THR D 258 -27.77 21.79 9.34
CA THR D 258 -28.80 22.34 8.46
C THR D 258 -29.86 23.08 9.26
N ILE D 259 -30.29 22.50 10.38
CA ILE D 259 -31.26 23.18 11.25
C ILE D 259 -30.64 24.46 11.79
N LEU D 260 -29.39 24.38 12.24
CA LEU D 260 -28.66 25.54 12.73
C LEU D 260 -28.68 26.68 11.72
N SER D 261 -28.54 26.35 10.44
CA SER D 261 -28.50 27.35 9.38
C SER D 261 -29.79 28.17 9.37
N TRP D 262 -30.90 27.58 9.79
CA TRP D 262 -32.21 28.21 9.73
C TRP D 262 -32.38 29.27 10.80
N VAL D 263 -31.60 29.20 11.88
CA VAL D 263 -31.63 30.20 12.95
C VAL D 263 -31.52 31.60 12.36
N SER D 264 -30.73 31.74 11.29
CA SER D 264 -30.56 33.02 10.63
C SER D 264 -31.91 33.69 10.34
N PHE D 265 -32.92 32.90 9.95
CA PHE D 265 -34.17 33.47 9.50
C PHE D 265 -34.96 34.12 10.63
N TRP D 266 -34.66 33.77 11.88
CA TRP D 266 -35.28 34.40 13.03
C TRP D 266 -34.47 35.57 13.58
N ILE D 267 -33.30 35.82 13.04
CA ILE D 267 -32.45 36.92 13.48
C ILE D 267 -32.87 38.19 12.75
N ASN D 268 -32.68 39.34 13.41
CA ASN D 268 -33.04 40.61 12.81
C ASN D 268 -32.29 40.82 11.50
N TYR D 269 -32.99 41.36 10.50
CA TYR D 269 -32.38 41.59 9.20
C TYR D 269 -31.37 42.73 9.23
N ASP D 270 -31.38 43.56 10.27
CA ASP D 270 -30.38 44.62 10.38
C ASP D 270 -29.04 44.09 10.89
N ALA D 271 -29.04 42.89 11.48
CA ALA D 271 -27.84 42.26 12.02
C ALA D 271 -27.04 41.62 10.88
N SER D 272 -26.51 42.47 10.01
CA SER D 272 -25.89 41.97 8.79
C SER D 272 -24.66 41.13 9.10
N ALA D 273 -23.81 41.61 10.01
CA ALA D 273 -22.62 40.86 10.36
C ALA D 273 -22.99 39.50 10.95
N ALA D 274 -23.96 39.49 11.86
CA ALA D 274 -24.36 38.25 12.53
C ALA D 274 -24.92 37.24 11.55
N ARG D 275 -25.83 37.68 10.67
CA ARG D 275 -26.53 36.74 9.80
C ARG D 275 -25.64 36.25 8.67
N VAL D 276 -24.75 37.11 8.16
CA VAL D 276 -23.82 36.65 7.15
C VAL D 276 -22.79 35.70 7.75
N ALA D 277 -22.35 36.00 8.98
CA ALA D 277 -21.41 35.12 9.65
C ALA D 277 -22.01 33.73 9.86
N LEU D 278 -23.26 33.68 10.33
CA LEU D 278 -23.92 32.39 10.54
C LEU D 278 -24.01 31.59 9.24
N GLY D 279 -24.40 32.25 8.15
CA GLY D 279 -24.52 31.54 6.89
C GLY D 279 -23.21 30.95 6.41
N ILE D 280 -22.15 31.78 6.37
CA ILE D 280 -20.86 31.32 5.87
C ILE D 280 -20.32 30.19 6.75
N THR D 281 -20.27 30.42 8.07
CA THR D 281 -19.62 29.51 9.00
C THR D 281 -20.27 28.13 8.93
N THR D 282 -21.59 28.08 8.76
CA THR D 282 -22.30 26.81 8.68
C THR D 282 -21.89 26.14 7.38
N VAL D 283 -21.79 26.91 6.30
CA VAL D 283 -21.36 26.39 5.00
C VAL D 283 -19.98 25.79 5.16
N LEU D 284 -19.09 26.51 5.83
CA LEU D 284 -17.70 26.05 5.98
C LEU D 284 -17.67 24.85 6.91
N THR D 285 -18.52 24.84 7.93
CA THR D 285 -18.61 23.66 8.79
C THR D 285 -19.05 22.45 7.97
N MET D 286 -19.97 22.68 7.02
CA MET D 286 -20.46 21.58 6.18
C MET D 286 -19.38 21.10 5.22
N THR D 287 -18.46 21.98 4.83
CA THR D 287 -17.33 21.55 4.01
C THR D 287 -16.35 20.71 4.81
N THR D 288 -16.03 21.14 6.04
CA THR D 288 -15.11 20.38 6.86
C THR D 288 -15.65 18.98 7.15
N ILE D 289 -16.97 18.88 7.38
CA ILE D 289 -17.57 17.58 7.63
C ILE D 289 -17.45 16.70 6.40
N ASN D 290 -17.77 17.25 5.23
CA ASN D 290 -17.71 16.52 3.98
C ASN D 290 -16.31 15.98 3.70
N THR D 291 -15.30 16.88 3.70
CA THR D 291 -13.96 16.49 3.27
C THR D 291 -13.33 15.48 4.22
N HIS D 292 -13.49 15.66 5.52
CA HIS D 292 -13.03 14.68 6.52
C HIS D 292 -13.62 13.31 6.20
N LEU D 293 -14.92 13.29 5.94
CA LEU D 293 -15.71 12.08 5.70
C LEU D 293 -15.10 11.23 4.58
N ARG D 294 -14.65 11.87 3.50
CA ARG D 294 -14.23 11.25 2.25
C ARG D 294 -12.95 10.44 2.38
N GLU D 295 -12.25 10.52 3.49
CA GLU D 295 -11.12 9.63 3.72
C GLU D 295 -11.55 8.23 4.13
N THR D 296 -12.83 8.01 4.43
CA THR D 296 -13.32 6.67 4.76
C THR D 296 -13.81 5.83 3.58
N LEU D 297 -13.86 6.33 2.36
CA LEU D 297 -14.59 5.56 1.35
C LEU D 297 -13.79 5.38 0.07
N PRO D 298 -14.16 4.38 -0.76
CA PRO D 298 -13.51 4.21 -2.06
C PRO D 298 -13.87 5.28 -3.07
N LYS D 299 -13.01 5.40 -4.09
CA LYS D 299 -13.14 6.45 -5.10
C LYS D 299 -14.12 5.97 -6.18
N ILE D 300 -15.38 5.81 -5.78
CA ILE D 300 -16.41 5.37 -6.73
C ILE D 300 -16.93 6.52 -7.57
N PRO D 301 -17.30 6.28 -8.84
CA PRO D 301 -17.80 7.37 -9.70
C PRO D 301 -19.28 7.65 -9.56
N TYR D 302 -19.99 6.87 -8.75
CA TYR D 302 -21.44 6.97 -8.61
C TYR D 302 -21.78 7.59 -7.27
N VAL D 303 -23.05 7.97 -7.13
CA VAL D 303 -23.55 8.62 -5.93
C VAL D 303 -24.01 7.56 -4.92
N LYS D 304 -23.31 7.48 -3.80
CA LYS D 304 -23.81 6.76 -2.65
C LYS D 304 -25.00 7.50 -2.05
N ALA D 305 -25.77 6.79 -1.23
CA ALA D 305 -26.86 7.44 -0.52
C ALA D 305 -26.32 8.57 0.36
N ILE D 306 -25.21 8.33 1.05
CA ILE D 306 -24.68 9.35 1.94
C ILE D 306 -24.17 10.56 1.17
N ASP D 307 -23.56 10.33 0.00
CA ASP D 307 -23.17 11.47 -0.84
C ASP D 307 -24.37 12.32 -1.22
N MET D 308 -25.49 11.67 -1.56
CA MET D 308 -26.68 12.41 -1.96
C MET D 308 -27.21 13.24 -0.80
N TYR D 309 -27.21 12.66 0.41
CA TYR D 309 -27.68 13.39 1.58
C TYR D 309 -26.81 14.60 1.86
N LEU D 310 -25.49 14.41 1.88
CA LEU D 310 -24.58 15.51 2.21
C LEU D 310 -24.66 16.61 1.16
N MET D 311 -24.86 16.22 -0.11
CA MET D 311 -25.01 17.21 -1.16
C MET D 311 -26.31 17.98 -1.01
N GLY D 312 -27.38 17.28 -0.62
CA GLY D 312 -28.63 17.97 -0.31
C GLY D 312 -28.49 18.93 0.84
N CYS D 313 -27.83 18.50 1.92
CA CYS D 313 -27.68 19.37 3.09
C CYS D 313 -26.85 20.60 2.75
N PHE D 314 -25.81 20.42 1.94
CA PHE D 314 -24.99 21.55 1.51
C PHE D 314 -25.86 22.57 0.78
N VAL D 315 -26.73 22.10 -0.11
CA VAL D 315 -27.59 22.98 -0.90
C VAL D 315 -28.53 23.77 0.02
N PHE D 316 -29.06 23.12 1.05
CA PHE D 316 -29.95 23.81 1.98
C PHE D 316 -29.23 24.97 2.65
N VAL D 317 -28.03 24.73 3.17
CA VAL D 317 -27.38 25.76 3.97
C VAL D 317 -26.93 26.87 3.02
N PHE D 318 -26.58 26.50 1.79
CA PHE D 318 -26.21 27.48 0.77
C PHE D 318 -27.39 28.37 0.42
N LEU D 319 -28.57 27.77 0.26
CA LEU D 319 -29.77 28.54 -0.03
C LEU D 319 -30.17 29.45 1.14
N ALA D 320 -29.89 29.03 2.38
CA ALA D 320 -30.20 29.86 3.54
C ALA D 320 -29.41 31.16 3.51
N LEU D 321 -28.12 31.10 3.15
CA LEU D 321 -27.33 32.30 3.04
C LEU D 321 -27.81 33.15 1.87
N LEU D 322 -28.11 32.51 0.74
CA LEU D 322 -28.61 33.22 -0.44
C LEU D 322 -29.95 33.88 -0.12
N GLU D 323 -30.75 33.26 0.75
CA GLU D 323 -31.99 33.87 1.21
C GLU D 323 -31.71 35.23 1.84
N TYR D 324 -30.66 35.32 2.65
CA TYR D 324 -30.35 36.59 3.31
C TYR D 324 -29.91 37.62 2.28
N ALA D 325 -29.11 37.20 1.30
CA ALA D 325 -28.71 38.10 0.23
C ALA D 325 -29.93 38.74 -0.41
N PHE D 326 -30.99 37.95 -0.64
CA PHE D 326 -32.21 38.51 -1.22
C PHE D 326 -32.83 39.51 -0.26
N VAL D 327 -32.94 39.15 1.02
CA VAL D 327 -33.47 40.09 2.00
C VAL D 327 -32.57 41.32 2.03
N ASN D 328 -31.26 41.09 2.13
CA ASN D 328 -30.29 42.17 2.16
C ASN D 328 -30.43 43.04 0.92
N TYR D 329 -30.64 42.39 -0.23
CA TYR D 329 -30.66 43.12 -1.50
C TYR D 329 -31.79 44.12 -1.58
N ILE D 330 -32.93 43.90 -0.92
CA ILE D 330 -34.03 44.80 -1.21
C ILE D 330 -34.35 45.68 -0.02
N PHE D 331 -33.93 45.31 1.19
CA PHE D 331 -34.43 46.09 2.32
C PHE D 331 -33.65 47.41 2.26
N PHE D 332 -32.35 47.28 2.57
CA PHE D 332 -31.38 48.36 2.49
C PHE D 332 -31.17 48.83 1.06
N GLY D 333 -30.87 47.88 0.16
CA GLY D 333 -30.34 48.22 -1.14
C GLY D 333 -31.28 49.02 -1.99
N ARG D 334 -32.57 48.75 -1.90
CA ARG D 334 -33.57 49.53 -2.61
C ARG D 334 -34.22 50.53 -1.68
N ASP D 444 -42.59 42.01 1.43
CA ASP D 444 -42.03 42.66 2.62
C ASP D 444 -40.83 41.89 3.16
N VAL D 445 -39.96 42.61 3.86
CA VAL D 445 -38.77 41.99 4.43
C VAL D 445 -39.15 40.96 5.49
N ASN D 446 -40.09 41.31 6.36
CA ASN D 446 -40.60 40.33 7.31
C ASN D 446 -41.32 39.20 6.59
N ALA D 447 -41.97 39.50 5.46
CA ALA D 447 -42.68 38.47 4.71
C ALA D 447 -41.70 37.45 4.13
N ILE D 448 -40.60 37.91 3.55
CA ILE D 448 -39.64 36.98 2.96
C ILE D 448 -39.04 36.08 4.03
N ASP D 449 -38.70 36.66 5.19
CA ASP D 449 -38.21 35.84 6.30
C ASP D 449 -39.27 34.87 6.76
N ARG D 450 -40.52 35.34 6.89
CA ARG D 450 -41.60 34.48 7.38
C ARG D 450 -41.82 33.29 6.46
N TRP D 451 -41.77 33.51 5.14
CA TRP D 451 -41.84 32.40 4.20
C TRP D 451 -40.66 31.45 4.39
N SER D 452 -39.46 32.01 4.60
CA SER D 452 -38.29 31.17 4.79
C SER D 452 -38.40 30.33 6.05
N ARG D 453 -39.00 30.90 7.11
CA ARG D 453 -39.12 30.18 8.38
C ARG D 453 -39.93 28.91 8.23
N ILE D 454 -40.85 28.88 7.26
CA ILE D 454 -41.71 27.73 7.03
C ILE D 454 -41.19 26.87 5.89
N VAL D 455 -40.79 27.50 4.77
CA VAL D 455 -40.51 26.75 3.56
C VAL D 455 -39.24 25.92 3.72
N PHE D 456 -38.22 26.46 4.40
CA PHE D 456 -36.97 25.71 4.53
C PHE D 456 -37.15 24.46 5.38
N PRO D 457 -37.69 24.51 6.61
CA PRO D 457 -37.86 23.27 7.37
C PRO D 457 -38.78 22.28 6.66
N PHE D 458 -39.82 22.78 6.00
CA PHE D 458 -40.76 21.91 5.30
C PHE D 458 -40.09 21.23 4.11
N THR D 459 -39.27 21.96 3.36
CA THR D 459 -38.54 21.36 2.25
C THR D 459 -37.55 20.33 2.74
N PHE D 460 -36.87 20.61 3.84
CA PHE D 460 -35.94 19.64 4.41
C PHE D 460 -36.69 18.39 4.86
N SER D 461 -37.89 18.56 5.41
CA SER D 461 -38.71 17.42 5.78
C SER D 461 -39.08 16.60 4.55
N LEU D 462 -39.51 17.28 3.48
CA LEU D 462 -39.77 16.61 2.23
C LEU D 462 -38.53 15.88 1.73
N PHE D 463 -37.40 16.57 1.70
CA PHE D 463 -36.16 15.97 1.25
C PHE D 463 -35.87 14.70 2.04
N ASN D 464 -35.99 14.77 3.37
CA ASN D 464 -35.70 13.61 4.19
C ASN D 464 -36.71 12.50 3.92
N LEU D 465 -37.99 12.86 3.77
CA LEU D 465 -39.03 11.86 3.52
C LEU D 465 -38.72 11.09 2.25
N VAL D 466 -38.47 11.82 1.14
CA VAL D 466 -38.18 11.18 -0.13
C VAL D 466 -36.93 10.32 0.00
N TYR D 467 -35.89 10.88 0.61
CA TYR D 467 -34.61 10.17 0.74
C TYR D 467 -34.80 8.86 1.49
N TRP D 468 -35.35 8.93 2.70
CA TRP D 468 -35.38 7.75 3.57
C TRP D 468 -36.38 6.71 3.08
N LEU D 469 -37.38 7.13 2.29
CA LEU D 469 -38.29 6.17 1.68
C LEU D 469 -37.59 5.45 0.52
N TYR D 470 -36.88 6.20 -0.30
CA TYR D 470 -36.19 5.62 -1.46
C TYR D 470 -35.16 4.59 -1.02
N TYR D 471 -34.46 4.87 0.08
CA TYR D 471 -33.26 4.13 0.47
C TYR D 471 -33.51 3.14 1.60
N VAL D 472 -34.52 3.37 2.44
CA VAL D 472 -34.91 2.37 3.43
C VAL D 472 -36.16 1.64 2.94
N LEU E 44 21.95 -42.82 17.43
CA LEU E 44 21.76 -41.53 16.78
C LEU E 44 21.30 -41.72 15.34
N ASP E 45 22.26 -41.90 14.44
CA ASP E 45 21.93 -42.13 13.04
C ASP E 45 21.15 -43.42 12.86
N GLY E 46 21.52 -44.46 13.61
CA GLY E 46 20.76 -45.70 13.56
C GLY E 46 19.33 -45.54 14.03
N LEU E 47 19.10 -44.68 15.01
CA LEU E 47 17.74 -44.39 15.46
C LEU E 47 16.92 -43.75 14.34
N ILE E 48 17.51 -42.82 13.60
CA ILE E 48 16.79 -42.15 12.53
C ILE E 48 16.46 -43.12 11.40
N ALA E 49 17.36 -44.07 11.14
CA ALA E 49 17.14 -45.02 10.06
C ALA E 49 15.89 -45.86 10.29
N GLY E 50 15.67 -46.30 11.52
CA GLY E 50 14.50 -47.09 11.84
C GLY E 50 13.38 -46.26 12.44
N TYR E 51 13.44 -44.95 12.26
CA TYR E 51 12.46 -44.04 12.86
C TYR E 51 11.29 -43.84 11.91
N ALA E 52 10.07 -44.00 12.44
CA ALA E 52 8.85 -43.78 11.68
C ALA E 52 8.40 -42.34 11.90
N ARG E 53 8.77 -41.46 10.96
CA ARG E 53 8.47 -40.04 11.13
C ARG E 53 6.98 -39.76 10.99
N ASN E 54 6.30 -40.49 10.09
CA ASN E 54 4.89 -40.22 9.80
C ASN E 54 3.96 -40.61 10.93
N PHE E 55 4.44 -41.33 11.94
CA PHE E 55 3.59 -41.88 12.99
C PHE E 55 3.98 -41.32 14.34
N ARG E 56 2.97 -40.98 15.14
CA ARG E 56 3.19 -40.54 16.50
C ARG E 56 3.70 -41.71 17.34
N PRO E 57 4.44 -41.41 18.42
CA PRO E 57 4.88 -42.50 19.31
C PRO E 57 3.69 -43.25 19.89
N GLY E 58 3.81 -44.57 19.91
CA GLY E 58 2.74 -45.41 20.43
C GLY E 58 1.45 -45.28 19.67
N ILE E 59 1.52 -45.32 18.33
CA ILE E 59 0.30 -45.23 17.53
C ILE E 59 -0.59 -46.43 17.82
N GLY E 60 -1.89 -46.20 17.87
CA GLY E 60 -2.82 -47.24 18.28
C GLY E 60 -2.67 -47.63 19.74
N GLY E 61 -2.38 -46.66 20.61
CA GLY E 61 -2.22 -46.93 22.02
C GLY E 61 -2.63 -45.73 22.86
N PRO E 62 -2.04 -45.61 24.05
CA PRO E 62 -2.36 -44.47 24.90
C PRO E 62 -1.91 -43.18 24.25
N PRO E 63 -2.64 -42.08 24.49
CA PRO E 63 -2.27 -40.82 23.88
C PRO E 63 -0.95 -40.29 24.41
N VAL E 64 -0.26 -39.52 23.58
CA VAL E 64 1.03 -38.95 23.94
C VAL E 64 0.82 -37.72 24.81
N ASN E 65 1.45 -37.70 25.97
CA ASN E 65 1.39 -36.54 26.85
C ASN E 65 2.40 -35.51 26.41
N VAL E 66 1.95 -34.26 26.24
CA VAL E 66 2.79 -33.16 25.81
C VAL E 66 2.71 -32.06 26.86
N ALA E 67 3.84 -31.75 27.48
CA ALA E 67 3.94 -30.64 28.41
C ALA E 67 4.22 -29.35 27.63
N LEU E 68 3.52 -28.29 27.99
CA LEU E 68 3.61 -27.02 27.27
CA LEU E 68 3.61 -27.02 27.28
C LEU E 68 4.00 -25.91 28.23
N ALA E 69 4.90 -25.04 27.78
CA ALA E 69 5.34 -23.89 28.55
C ALA E 69 5.50 -22.70 27.61
N LEU E 70 5.25 -21.51 28.14
CA LEU E 70 5.29 -20.28 27.35
C LEU E 70 6.20 -19.26 28.02
N GLU E 71 6.98 -18.55 27.20
CA GLU E 71 7.82 -17.44 27.65
C GLU E 71 7.49 -16.25 26.75
N VAL E 72 6.52 -15.44 27.17
CA VAL E 72 6.06 -14.31 26.37
C VAL E 72 7.17 -13.26 26.35
N ALA E 73 7.85 -13.11 25.21
CA ALA E 73 8.92 -12.14 25.12
C ALA E 73 8.38 -10.71 25.09
N SER E 74 7.34 -10.47 24.29
CA SER E 74 6.78 -9.13 24.20
C SER E 74 5.40 -9.22 23.58
N ILE E 75 4.57 -8.21 23.88
CA ILE E 75 3.25 -8.05 23.30
C ILE E 75 3.16 -6.65 22.73
N ASP E 76 3.00 -6.54 21.42
CA ASP E 76 2.96 -5.26 20.74
C ASP E 76 1.85 -5.28 19.70
N HIS E 77 1.66 -4.14 19.04
CA HIS E 77 0.70 -3.99 17.94
C HIS E 77 -0.70 -4.39 18.37
N ILE E 78 -1.10 -4.00 19.58
CA ILE E 78 -2.46 -4.24 20.05
C ILE E 78 -3.35 -3.23 19.35
N SER E 79 -4.02 -3.66 18.29
CA SER E 79 -4.82 -2.79 17.43
C SER E 79 -6.29 -3.10 17.66
N GLU E 80 -7.02 -2.16 18.26
CA GLU E 80 -8.46 -2.29 18.37
C GLU E 80 -9.15 -2.09 17.03
N ALA E 81 -8.50 -1.41 16.08
CA ALA E 81 -9.09 -1.27 14.75
C ALA E 81 -9.13 -2.60 14.02
N ASN E 82 -8.05 -3.38 14.10
CA ASN E 82 -7.99 -4.69 13.46
C ASN E 82 -8.37 -5.82 14.39
N MET E 83 -8.65 -5.53 15.66
CA MET E 83 -9.05 -6.54 16.64
C MET E 83 -8.01 -7.66 16.74
N GLU E 84 -6.76 -7.26 16.95
CA GLU E 84 -5.65 -8.20 16.95
C GLU E 84 -4.51 -7.66 17.81
N TYR E 85 -3.60 -8.55 18.19
CA TYR E 85 -2.40 -8.19 18.89
C TYR E 85 -1.28 -9.11 18.45
N THR E 86 -0.04 -8.61 18.53
CA THR E 86 1.13 -9.36 18.12
C THR E 86 1.92 -9.79 19.34
N MET E 87 2.27 -11.07 19.39
CA MET E 87 2.95 -11.66 20.55
C MET E 87 4.10 -12.52 20.09
N THR E 88 5.25 -12.38 20.77
CA THR E 88 6.42 -13.19 20.51
C THR E 88 6.66 -14.07 21.74
N VAL E 89 6.75 -15.38 21.52
CA VAL E 89 6.85 -16.35 22.61
C VAL E 89 7.93 -17.37 22.30
N PHE E 90 8.43 -17.99 23.37
CA PHE E 90 9.29 -19.17 23.28
C PHE E 90 8.42 -20.36 23.66
N LEU E 91 7.90 -21.07 22.66
CA LEU E 91 7.02 -22.20 22.90
C LEU E 91 7.84 -23.44 23.21
N HIS E 92 7.66 -23.99 24.40
CA HIS E 92 8.37 -25.20 24.83
C HIS E 92 7.39 -26.37 24.86
N GLN E 93 7.73 -27.44 24.16
CA GLN E 93 6.94 -28.65 24.13
C GLN E 93 7.79 -29.81 24.63
N SER E 94 7.26 -30.58 25.56
CA SER E 94 7.97 -31.71 26.15
C SER E 94 7.12 -32.96 26.04
N TRP E 95 7.69 -34.01 25.46
CA TRP E 95 7.01 -35.30 25.35
C TRP E 95 8.04 -36.40 25.30
N ARG E 96 7.60 -37.62 25.59
CA ARG E 96 8.47 -38.79 25.66
C ARG E 96 8.26 -39.65 24.42
N ASP E 97 9.36 -39.99 23.75
CA ASP E 97 9.34 -40.87 22.58
C ASP E 97 10.32 -42.01 22.86
N SER E 98 9.79 -43.21 23.05
CA SER E 98 10.62 -44.37 23.36
C SER E 98 11.53 -44.77 22.21
N ARG E 99 11.16 -44.43 20.98
CA ARG E 99 11.98 -44.79 19.82
C ARG E 99 13.33 -44.08 19.84
N LEU E 100 13.45 -42.95 20.53
CA LEU E 100 14.68 -42.18 20.57
C LEU E 100 15.48 -42.42 21.85
N SER E 101 15.07 -43.36 22.68
CA SER E 101 15.79 -43.64 23.90
C SER E 101 17.16 -44.24 23.58
N TYR E 102 18.18 -43.79 24.29
CA TYR E 102 19.54 -44.26 24.10
C TYR E 102 20.17 -44.53 25.47
N ASN E 103 21.13 -45.46 25.48
CA ASN E 103 21.82 -45.85 26.71
C ASN E 103 23.33 -45.77 26.62
N HIS E 104 23.88 -45.30 25.50
CA HIS E 104 25.34 -45.22 25.37
C HIS E 104 25.94 -44.12 26.23
N THR E 105 25.13 -43.19 26.74
CA THR E 105 25.62 -42.14 27.61
C THR E 105 24.48 -41.64 28.47
N ASN E 106 24.83 -40.96 29.56
CA ASN E 106 23.86 -40.39 30.49
C ASN E 106 23.76 -38.87 30.38
N GLU E 107 24.18 -38.31 29.25
CA GLU E 107 24.15 -36.88 29.03
C GLU E 107 23.12 -36.53 27.97
N THR E 108 22.40 -35.43 28.18
CA THR E 108 21.42 -34.98 27.21
C THR E 108 22.10 -34.53 25.92
N LEU E 109 21.42 -34.78 24.80
CA LEU E 109 21.94 -34.44 23.48
C LEU E 109 21.39 -33.09 23.05
N GLY E 110 22.25 -32.08 22.98
CA GLY E 110 21.85 -30.77 22.51
C GLY E 110 21.97 -30.66 21.00
N LEU E 111 20.84 -30.78 20.31
CA LEU E 111 20.81 -30.79 18.85
C LEU E 111 20.29 -29.47 18.32
N ASP E 112 20.67 -29.18 17.09
CA ASP E 112 20.32 -27.92 16.43
C ASP E 112 19.01 -28.07 15.67
N SER E 113 18.66 -27.07 14.87
CA SER E 113 17.40 -27.09 14.14
C SER E 113 17.41 -28.06 12.96
N ARG E 114 18.59 -28.50 12.52
CA ARG E 114 18.65 -29.44 11.40
C ARG E 114 17.99 -30.76 11.75
N PHE E 115 18.19 -31.24 12.97
CA PHE E 115 17.64 -32.51 13.41
C PHE E 115 16.14 -32.48 13.60
N VAL E 116 15.52 -31.30 13.58
CA VAL E 116 14.10 -31.17 13.86
C VAL E 116 13.27 -31.88 12.79
N ASP E 117 13.66 -31.73 11.52
CA ASP E 117 12.88 -32.32 10.43
C ASP E 117 12.85 -33.85 10.52
N LYS E 118 13.88 -34.45 11.12
CA LYS E 118 13.94 -35.91 11.16
C LYS E 118 12.89 -36.49 12.09
N LEU E 119 12.64 -35.84 13.22
CA LEU E 119 11.80 -36.40 14.28
C LEU E 119 10.33 -36.05 14.07
N TRP E 120 9.48 -36.83 14.72
CA TRP E 120 8.05 -36.53 14.77
C TRP E 120 7.80 -35.40 15.76
N LEU E 121 6.88 -34.50 15.40
CA LEU E 121 6.54 -33.38 16.25
C LEU E 121 5.03 -33.28 16.41
N PRO E 122 4.56 -32.84 17.57
CA PRO E 122 3.13 -32.57 17.72
C PRO E 122 2.71 -31.43 16.80
N ASP E 123 1.50 -31.55 16.26
CA ASP E 123 0.98 -30.56 15.33
C ASP E 123 0.27 -29.42 16.05
N THR E 124 0.97 -28.82 17.02
CA THR E 124 0.41 -27.72 17.78
C THR E 124 0.27 -26.49 16.89
N PHE E 125 -0.90 -25.84 16.95
CA PHE E 125 -1.14 -24.64 16.19
C PHE E 125 -1.95 -23.67 17.05
N ILE E 126 -1.85 -22.39 16.72
CA ILE E 126 -2.58 -21.35 17.44
C ILE E 126 -3.94 -21.17 16.76
N VAL E 127 -5.01 -21.38 17.53
CA VAL E 127 -6.35 -21.38 16.94
C VAL E 127 -6.73 -20.00 16.44
N ASN E 128 -6.48 -18.97 17.26
CA ASN E 128 -6.92 -17.61 16.97
C ASN E 128 -5.81 -16.76 16.39
N ALA E 129 -4.89 -17.35 15.64
CA ALA E 129 -3.77 -16.62 15.04
C ALA E 129 -4.12 -16.24 13.61
N LYS E 130 -4.11 -14.94 13.33
CA LYS E 130 -4.30 -14.49 11.96
C LYS E 130 -3.09 -14.81 11.10
N SER E 131 -1.89 -14.66 11.66
CA SER E 131 -0.66 -14.98 10.96
C SER E 131 0.44 -15.24 11.97
N ALA E 132 1.37 -16.12 11.61
CA ALA E 132 2.47 -16.45 12.49
C ALA E 132 3.62 -16.98 11.64
N TRP E 133 4.83 -16.88 12.18
CA TRP E 133 6.03 -17.28 11.45
C TRP E 133 7.17 -17.51 12.44
N PHE E 134 8.19 -18.21 11.96
CA PHE E 134 9.38 -18.49 12.75
C PHE E 134 10.45 -17.44 12.51
N HIS E 135 11.36 -17.32 13.47
CA HIS E 135 12.53 -16.47 13.32
C HIS E 135 13.69 -17.34 12.83
N ASP E 136 14.27 -16.96 11.69
CA ASP E 136 15.29 -17.77 11.03
C ASP E 136 16.63 -17.05 10.95
N VAL E 137 16.86 -16.05 11.79
CA VAL E 137 18.11 -15.29 11.80
C VAL E 137 18.75 -15.46 13.18
N THR E 138 20.00 -15.90 13.21
CA THR E 138 20.77 -16.20 11.99
C THR E 138 20.51 -17.62 11.51
N VAL E 139 19.85 -18.41 12.36
CA VAL E 139 19.42 -19.76 12.01
C VAL E 139 17.99 -19.93 12.48
N GLU E 140 17.41 -21.07 12.13
CA GLU E 140 16.07 -21.40 12.61
C GLU E 140 16.08 -21.49 14.12
N ASN E 141 15.27 -20.66 14.79
CA ASN E 141 15.25 -20.60 16.25
C ASN E 141 14.52 -21.82 16.80
N LYS E 142 15.18 -22.96 16.69
CA LYS E 142 14.68 -24.23 17.20
C LYS E 142 15.80 -24.94 17.94
N LEU E 143 15.42 -25.70 18.96
CA LEU E 143 16.38 -26.51 19.70
C LEU E 143 15.72 -27.85 20.06
N ILE E 144 16.55 -28.89 20.16
CA ILE E 144 16.11 -30.22 20.52
C ILE E 144 17.01 -30.74 21.62
N ARG E 145 16.43 -31.08 22.77
CA ARG E 145 17.15 -31.67 23.88
C ARG E 145 16.62 -33.09 24.07
N LEU E 146 17.44 -34.07 23.73
CA LEU E 146 17.06 -35.48 23.84
CA LEU E 146 17.06 -35.48 23.84
C LEU E 146 17.67 -36.07 25.10
N GLN E 147 16.82 -36.31 26.09
CA GLN E 147 17.28 -36.93 27.32
C GLN E 147 17.52 -38.42 27.10
N PRO E 148 18.39 -39.03 27.89
CA PRO E 148 18.61 -40.48 27.74
C PRO E 148 17.36 -41.31 27.96
N ASP E 149 16.46 -40.86 28.83
CA ASP E 149 15.20 -41.57 29.04
C ASP E 149 14.34 -41.56 27.78
N GLY E 150 14.47 -40.52 26.95
CA GLY E 150 13.62 -40.35 25.79
C GLY E 150 12.76 -39.11 25.82
N VAL E 151 12.79 -38.33 26.89
CA VAL E 151 12.02 -37.09 26.94
C VAL E 151 12.64 -36.08 25.99
N ILE E 152 11.79 -35.44 25.19
CA ILE E 152 12.23 -34.49 24.16
C ILE E 152 11.81 -33.10 24.59
N LEU E 153 12.76 -32.16 24.55
CA LEU E 153 12.49 -30.75 24.80
C LEU E 153 12.57 -30.02 23.47
N TYR E 154 11.44 -29.47 23.02
CA TYR E 154 11.34 -28.81 21.72
C TYR E 154 10.90 -27.37 21.96
N SER E 155 11.82 -26.44 21.73
CA SER E 155 11.58 -25.02 21.97
C SER E 155 11.73 -24.26 20.65
N ILE E 156 10.76 -23.41 20.35
CA ILE E 156 10.78 -22.59 19.14
C ILE E 156 10.40 -21.16 19.50
N ARG E 157 11.04 -20.20 18.85
CA ARG E 157 10.73 -18.79 19.02
C ARG E 157 9.87 -18.35 17.83
N ILE E 158 8.62 -17.99 18.11
CA ILE E 158 7.65 -17.67 17.08
C ILE E 158 6.98 -16.34 17.41
N THR E 159 6.70 -15.56 16.38
CA THR E 159 5.92 -14.33 16.50
C THR E 159 4.59 -14.54 15.79
N SER E 160 3.50 -14.28 16.51
CA SER E 160 2.16 -14.55 16.00
C SER E 160 1.27 -13.33 16.19
N THR E 161 0.47 -13.02 15.17
CA THR E 161 -0.59 -12.03 15.27
C THR E 161 -1.87 -12.77 15.62
N VAL E 162 -2.38 -12.53 16.83
CA VAL E 162 -3.50 -13.28 17.39
C VAL E 162 -4.73 -12.39 17.39
N ALA E 163 -5.83 -12.90 16.84
CA ALA E 163 -7.08 -12.18 16.87
C ALA E 163 -7.64 -12.13 18.28
N CYS E 164 -8.13 -10.96 18.67
CA CYS E 164 -8.72 -10.76 20.00
C CYS E 164 -9.97 -9.91 19.86
N ASP E 165 -11.12 -10.49 20.13
CA ASP E 165 -12.39 -9.76 20.05
C ASP E 165 -12.49 -8.78 21.20
N MET E 166 -12.57 -7.49 20.87
CA MET E 166 -12.59 -6.42 21.86
C MET E 166 -13.94 -5.71 21.80
N ASP E 167 -14.58 -5.57 22.97
CA ASP E 167 -15.83 -4.82 23.07
C ASP E 167 -15.49 -3.37 23.41
N LEU E 168 -15.69 -2.48 22.45
CA LEU E 168 -15.35 -1.08 22.61
C LEU E 168 -16.53 -0.23 23.08
N ALA E 169 -17.52 -0.84 23.74
CA ALA E 169 -18.66 -0.07 24.24
C ALA E 169 -18.22 0.94 25.29
N LYS E 170 -17.32 0.54 26.19
CA LYS E 170 -16.82 1.41 27.24
C LYS E 170 -15.54 2.14 26.85
N TYR E 171 -15.10 2.02 25.60
CA TYR E 171 -13.88 2.69 25.17
C TYR E 171 -14.01 4.19 25.37
N PRO E 172 -12.96 4.87 25.88
CA PRO E 172 -11.65 4.31 26.20
C PRO E 172 -11.51 3.73 27.61
N MET E 173 -12.55 3.82 28.44
CA MET E 173 -12.51 3.23 29.78
C MET E 173 -12.97 1.77 29.72
N ASP E 174 -12.19 0.97 28.99
CA ASP E 174 -12.55 -0.42 28.71
C ASP E 174 -11.45 -1.36 29.17
N GLU E 175 -11.86 -2.56 29.53
CA GLU E 175 -10.95 -3.65 29.87
C GLU E 175 -11.20 -4.81 28.93
N GLN E 176 -10.14 -5.32 28.33
CA GLN E 176 -10.23 -6.36 27.30
C GLN E 176 -9.52 -7.62 27.77
N GLU E 177 -10.08 -8.77 27.42
CA GLU E 177 -9.49 -10.07 27.72
C GLU E 177 -9.13 -10.74 26.41
N CYS E 178 -7.84 -10.99 26.20
CA CYS E 178 -7.34 -11.65 25.00
C CYS E 178 -6.85 -13.04 25.35
N MET E 179 -6.93 -13.94 24.38
CA MET E 179 -6.65 -15.36 24.59
C MET E 179 -5.62 -15.85 23.59
N LEU E 180 -4.94 -16.92 23.96
CA LEU E 180 -3.97 -17.61 23.10
C LEU E 180 -4.29 -19.09 23.16
N ASP E 181 -5.04 -19.59 22.18
CA ASP E 181 -5.51 -20.97 22.18
C ASP E 181 -4.50 -21.86 21.46
N LEU E 182 -4.17 -22.99 22.07
CA LEU E 182 -3.21 -23.94 21.52
C LEU E 182 -3.81 -25.34 21.57
N GLU E 183 -3.79 -26.04 20.45
CA GLU E 183 -4.33 -27.40 20.39
C GLU E 183 -3.74 -28.12 19.19
N SER E 184 -3.88 -29.44 19.19
CA SER E 184 -3.44 -30.25 18.07
C SER E 184 -4.38 -30.07 16.89
N TYR E 185 -3.82 -29.93 15.69
CA TYR E 185 -4.64 -29.68 14.52
C TYR E 185 -5.34 -30.94 14.03
N GLY E 186 -4.66 -32.09 14.06
CA GLY E 186 -5.21 -33.29 13.48
C GLY E 186 -5.39 -34.45 14.43
N TYR E 187 -4.62 -34.47 15.51
CA TYR E 187 -4.66 -35.57 16.47
C TYR E 187 -5.67 -35.25 17.57
N SER E 188 -6.64 -36.15 17.77
CA SER E 188 -7.68 -35.96 18.77
C SER E 188 -7.16 -36.35 20.14
N SER E 189 -8.06 -36.43 21.13
CA SER E 189 -7.65 -36.78 22.49
C SER E 189 -7.09 -38.20 22.57
N GLU E 190 -7.49 -39.06 21.64
CA GLU E 190 -6.99 -40.43 21.63
C GLU E 190 -5.52 -40.51 21.21
N ASP E 191 -4.95 -39.44 20.69
CA ASP E 191 -3.59 -39.45 20.18
C ASP E 191 -2.66 -38.51 20.92
N ILE E 192 -3.07 -37.25 21.12
CA ILE E 192 -2.22 -36.24 21.76
C ILE E 192 -3.04 -35.55 22.83
N VAL E 193 -2.48 -35.45 24.04
CA VAL E 193 -3.09 -34.73 25.15
C VAL E 193 -2.12 -33.67 25.63
N TYR E 194 -2.61 -32.44 25.78
CA TYR E 194 -1.79 -31.32 26.18
C TYR E 194 -2.09 -30.94 27.63
N TYR E 195 -1.04 -30.53 28.35
CA TYR E 195 -1.18 -30.06 29.72
C TYR E 195 -0.08 -29.05 30.00
N TRP E 196 -0.40 -28.05 30.81
CA TRP E 196 0.60 -27.06 31.20
C TRP E 196 1.64 -27.70 32.10
N SER E 197 2.91 -27.48 31.79
CA SER E 197 3.98 -28.01 32.63
C SER E 197 4.05 -27.25 33.94
N GLU E 198 4.67 -27.89 34.94
CA GLU E 198 4.79 -27.25 36.25
C GLU E 198 5.66 -26.01 36.20
N SER E 199 6.57 -25.92 35.23
CA SER E 199 7.44 -24.76 35.09
C SER E 199 6.73 -23.55 34.48
N GLN E 200 5.54 -23.74 33.91
CA GLN E 200 4.83 -22.63 33.27
C GLN E 200 4.51 -21.52 34.27
N GLU E 201 4.29 -21.87 35.53
CA GLU E 201 3.91 -20.89 36.54
C GLU E 201 5.02 -19.88 36.81
N HIS E 202 6.27 -20.19 36.46
CA HIS E 202 7.40 -19.36 36.83
C HIS E 202 8.02 -18.59 35.68
N ILE E 203 7.98 -19.12 34.46
CA ILE E 203 8.67 -18.49 33.34
C ILE E 203 7.68 -17.95 32.32
N HIS E 204 6.47 -17.61 32.77
CA HIS E 204 5.49 -17.04 31.87
C HIS E 204 5.97 -15.69 31.33
N GLY E 205 6.60 -14.89 32.17
CA GLY E 205 7.19 -13.64 31.72
C GLY E 205 6.21 -12.51 31.49
N LEU E 206 4.94 -12.70 31.82
CA LEU E 206 3.95 -11.66 31.59
C LEU E 206 4.15 -10.48 32.52
N ASP E 207 4.73 -10.71 33.71
CA ASP E 207 4.97 -9.62 34.64
C ASP E 207 5.98 -8.61 34.09
N LYS E 208 7.03 -9.11 33.44
CA LYS E 208 8.07 -8.24 32.91
C LYS E 208 7.61 -7.40 31.73
N LEU E 209 6.49 -7.73 31.11
CA LEU E 209 6.02 -7.01 29.94
C LEU E 209 5.63 -5.58 30.29
N GLN E 210 5.98 -4.64 29.42
CA GLN E 210 5.62 -3.24 29.56
C GLN E 210 4.90 -2.81 28.29
N LEU E 211 3.59 -2.59 28.39
CA LEU E 211 2.77 -2.23 27.25
C LEU E 211 2.57 -0.72 27.21
N ALA E 212 2.55 -0.17 25.99
CA ALA E 212 2.46 1.29 25.84
C ALA E 212 1.12 1.82 26.34
N GLN E 213 0.03 1.12 26.04
CA GLN E 213 -1.31 1.63 26.32
C GLN E 213 -2.13 0.74 27.23
N PHE E 214 -1.58 -0.39 27.69
CA PHE E 214 -2.34 -1.33 28.50
C PHE E 214 -1.48 -1.82 29.65
N THR E 215 -2.15 -2.39 30.65
CA THR E 215 -1.49 -3.04 31.78
C THR E 215 -2.12 -4.41 31.98
N ILE E 216 -1.30 -5.44 32.10
CA ILE E 216 -1.78 -6.80 32.31
C ILE E 216 -2.21 -6.92 33.76
N THR E 217 -3.50 -6.73 34.03
CA THR E 217 -3.99 -6.80 35.40
C THR E 217 -3.92 -8.21 35.94
N SER E 218 -4.29 -9.20 35.13
CA SER E 218 -4.27 -10.59 35.56
C SER E 218 -4.05 -11.49 34.36
N TYR E 219 -3.58 -12.70 34.64
CA TYR E 219 -3.39 -13.72 33.62
C TYR E 219 -3.81 -15.07 34.19
N ARG E 220 -4.21 -15.97 33.29
CA ARG E 220 -4.76 -17.25 33.71
C ARG E 220 -4.47 -18.30 32.65
N PHE E 221 -4.13 -19.51 33.10
CA PHE E 221 -3.90 -20.65 32.23
C PHE E 221 -5.02 -21.65 32.44
N THR E 222 -5.71 -22.00 31.35
CA THR E 222 -6.88 -22.86 31.42
C THR E 222 -6.71 -24.03 30.46
N THR E 223 -7.29 -25.17 30.84
CA THR E 223 -7.25 -26.39 30.04
C THR E 223 -8.67 -26.81 29.71
N GLU E 224 -9.09 -26.60 28.47
CA GLU E 224 -10.40 -27.06 28.00
C GLU E 224 -10.23 -28.46 27.45
N LEU E 225 -10.67 -29.45 28.24
CA LEU E 225 -10.45 -30.85 27.85
C LEU E 225 -11.21 -31.21 26.58
N MET E 226 -12.43 -30.72 26.42
CA MET E 226 -13.31 -31.12 25.33
C MET E 226 -13.67 -29.90 24.49
N ASN E 227 -12.87 -29.64 23.45
CA ASN E 227 -13.27 -28.66 22.46
C ASN E 227 -14.35 -29.20 21.54
N PHE E 228 -14.28 -30.50 21.22
CA PHE E 228 -15.29 -31.20 20.43
C PHE E 228 -15.48 -30.55 19.06
N LYS E 229 -14.41 -30.60 18.27
CA LYS E 229 -14.45 -30.13 16.89
C LYS E 229 -15.12 -31.20 16.02
N SER E 230 -15.11 -31.00 14.70
CA SER E 230 -15.77 -31.95 13.81
C SER E 230 -15.09 -33.32 13.85
N ALA E 231 -13.76 -33.34 13.90
CA ALA E 231 -13.03 -34.60 13.89
C ALA E 231 -13.08 -35.34 15.22
N GLY E 232 -13.52 -34.69 16.29
CA GLY E 232 -13.63 -35.33 17.58
C GLY E 232 -13.23 -34.38 18.68
N GLN E 233 -12.82 -34.95 19.81
CA GLN E 233 -12.41 -34.16 20.96
C GLN E 233 -10.95 -33.75 20.83
N PHE E 234 -10.68 -32.46 21.04
CA PHE E 234 -9.33 -31.92 20.95
C PHE E 234 -9.04 -31.13 22.22
N PRO E 235 -8.11 -31.58 23.06
CA PRO E 235 -7.73 -30.78 24.23
C PRO E 235 -7.13 -29.45 23.80
N ARG E 236 -7.48 -28.39 24.54
CA ARG E 236 -7.04 -27.05 24.21
C ARG E 236 -6.43 -26.39 25.44
N LEU E 237 -5.24 -25.84 25.29
CA LEU E 237 -4.60 -25.04 26.33
C LEU E 237 -4.70 -23.58 25.92
N SER E 238 -5.33 -22.77 26.77
CA SER E 238 -5.59 -21.37 26.46
C SER E 238 -5.00 -20.48 27.54
N LEU E 239 -4.30 -19.44 27.12
CA LEU E 239 -3.75 -18.44 28.03
C LEU E 239 -4.62 -17.19 27.97
N HIS E 240 -5.26 -16.85 29.08
CA HIS E 240 -6.12 -15.68 29.18
C HIS E 240 -5.39 -14.61 29.99
N PHE E 241 -5.17 -13.45 29.40
CA PHE E 241 -4.62 -12.30 30.11
C PHE E 241 -5.53 -11.12 29.89
N HIS E 242 -5.87 -10.43 30.99
CA HIS E 242 -6.78 -9.30 30.94
C HIS E 242 -6.00 -8.01 30.74
N LEU E 243 -6.40 -7.23 29.75
CA LEU E 243 -5.74 -5.97 29.42
C LEU E 243 -6.66 -4.82 29.78
N ARG E 244 -6.14 -3.89 30.57
CA ARG E 244 -6.86 -2.68 30.96
C ARG E 244 -6.13 -1.47 30.42
N ARG E 245 -6.87 -0.57 29.77
CA ARG E 245 -6.27 0.66 29.29
C ARG E 245 -5.76 1.47 30.47
N ASN E 246 -4.57 2.05 30.31
CA ASN E 246 -3.83 2.57 31.46
C ASN E 246 -4.42 3.87 32.00
N ARG E 247 -5.64 3.81 32.52
CA ARG E 247 -6.31 4.94 33.16
C ARG E 247 -6.14 6.21 32.31
N GLY E 248 -6.75 6.15 31.14
CA GLY E 248 -6.45 7.05 30.04
C GLY E 248 -6.19 8.50 30.42
N VAL E 249 -4.98 8.95 30.13
CA VAL E 249 -4.63 10.36 30.26
C VAL E 249 -4.56 11.05 28.89
N TYR E 250 -4.19 10.31 27.84
CA TYR E 250 -4.34 10.84 26.49
C TYR E 250 -5.80 11.09 26.16
N ILE E 251 -6.71 10.35 26.78
CA ILE E 251 -8.13 10.63 26.60
C ILE E 251 -8.50 11.94 27.26
N ILE E 252 -7.86 12.27 28.39
CA ILE E 252 -8.05 13.59 28.99
C ILE E 252 -7.50 14.67 28.07
N GLN E 253 -6.43 14.36 27.34
CA GLN E 253 -5.95 15.24 26.27
C GLN E 253 -7.02 15.45 25.20
N SER E 254 -7.99 14.54 25.10
CA SER E 254 -9.15 14.71 24.22
C SER E 254 -10.42 15.09 24.97
N TYR E 255 -10.63 14.55 26.17
CA TYR E 255 -11.83 14.90 26.93
C TYR E 255 -11.79 16.36 27.38
N MET E 256 -10.67 16.79 27.95
CA MET E 256 -10.60 18.15 28.50
C MET E 256 -10.85 19.24 27.46
N PRO E 257 -10.32 19.19 26.23
CA PRO E 257 -10.69 20.23 25.26
C PRO E 257 -12.18 20.33 25.03
N SER E 258 -12.89 19.19 25.01
CA SER E 258 -14.34 19.24 24.89
C SER E 258 -15.00 19.83 26.13
N VAL E 259 -14.41 19.62 27.30
CA VAL E 259 -15.00 20.11 28.55
C VAL E 259 -15.01 21.63 28.55
N LEU E 260 -13.89 22.26 28.17
CA LEU E 260 -13.82 23.71 28.20
C LEU E 260 -14.42 24.36 26.96
N LEU E 261 -14.67 23.59 25.89
CA LEU E 261 -15.37 24.14 24.73
C LEU E 261 -16.82 24.45 25.06
N VAL E 262 -17.50 23.52 25.75
CA VAL E 262 -18.87 23.80 26.18
C VAL E 262 -18.88 24.88 27.25
N ALA E 263 -17.82 24.95 28.07
CA ALA E 263 -17.67 26.06 29.00
C ALA E 263 -17.48 27.37 28.25
N MET E 264 -16.77 27.33 27.13
CA MET E 264 -16.60 28.51 26.30
C MET E 264 -17.91 28.95 25.68
N SER E 265 -18.81 28.00 25.39
CA SER E 265 -20.13 28.38 24.89
C SER E 265 -20.93 29.15 25.93
N TRP E 266 -20.78 28.78 27.20
CA TRP E 266 -21.48 29.48 28.28
C TRP E 266 -21.01 30.91 28.44
N VAL E 267 -19.85 31.26 27.87
CA VAL E 267 -19.35 32.63 27.96
C VAL E 267 -20.31 33.60 27.31
N SER E 268 -21.03 33.16 26.27
CA SER E 268 -21.97 34.03 25.58
C SER E 268 -23.07 34.53 26.51
N PHE E 269 -23.39 33.77 27.55
CA PHE E 269 -24.46 34.16 28.46
C PHE E 269 -24.13 35.47 29.18
N TRP E 270 -22.88 35.61 29.63
CA TRP E 270 -22.48 36.86 30.28
C TRP E 270 -22.37 38.02 29.30
N ILE E 271 -22.29 37.73 28.00
CA ILE E 271 -22.27 38.80 27.01
C ILE E 271 -23.67 39.40 26.87
N SER E 272 -23.71 40.69 26.61
CA SER E 272 -24.98 41.40 26.53
C SER E 272 -25.79 40.95 25.30
N GLN E 273 -27.09 41.21 25.35
CA GLN E 273 -27.96 40.86 24.24
C GLN E 273 -27.73 41.75 23.03
N ALA E 274 -27.25 42.97 23.25
CA ALA E 274 -27.03 43.90 22.14
C ALA E 274 -25.90 43.45 21.24
N ALA E 275 -24.95 42.68 21.77
CA ALA E 275 -23.80 42.20 20.99
C ALA E 275 -24.23 41.00 20.15
N VAL E 276 -25.09 41.29 19.17
CA VAL E 276 -25.59 40.23 18.30
C VAL E 276 -24.46 39.58 17.49
N PRO E 277 -23.59 40.31 16.80
CA PRO E 277 -22.49 39.64 16.09
C PRO E 277 -21.57 38.86 17.01
N ALA E 278 -21.33 39.35 18.23
CA ALA E 278 -20.38 38.70 19.11
C ALA E 278 -20.91 37.36 19.62
N ARG E 279 -22.15 37.34 20.09
CA ARG E 279 -22.70 36.10 20.63
C ARG E 279 -22.93 35.07 19.54
N VAL E 280 -23.38 35.51 18.37
CA VAL E 280 -23.56 34.58 17.25
C VAL E 280 -22.22 34.00 16.81
N SER E 281 -21.20 34.85 16.70
CA SER E 281 -19.89 34.37 16.28
C SER E 281 -19.32 33.37 17.29
N LEU E 282 -19.47 33.65 18.58
CA LEU E 282 -19.01 32.71 19.60
C LEU E 282 -19.75 31.38 19.50
N GLY E 283 -21.07 31.43 19.28
CA GLY E 283 -21.83 30.20 19.18
C GLY E 283 -21.45 29.36 17.98
N ILE E 284 -21.30 29.99 16.81
CA ILE E 284 -21.03 29.24 15.59
C ILE E 284 -19.61 28.66 15.60
N THR E 285 -18.63 29.44 16.07
CA THR E 285 -17.26 28.96 16.08
C THR E 285 -17.09 27.81 17.05
N THR E 286 -17.77 27.85 18.20
CA THR E 286 -17.72 26.73 19.13
C THR E 286 -18.28 25.47 18.49
N VAL E 287 -19.39 25.60 17.75
CA VAL E 287 -19.89 24.47 16.97
C VAL E 287 -18.87 24.06 15.91
N LEU E 288 -18.28 25.05 15.23
CA LEU E 288 -17.24 24.76 14.27
C LEU E 288 -16.04 24.09 14.94
N THR E 289 -15.62 24.62 16.10
CA THR E 289 -14.52 24.01 16.83
C THR E 289 -14.88 22.62 17.33
N MET E 290 -16.11 22.45 17.84
CA MET E 290 -16.52 21.14 18.33
C MET E 290 -16.56 20.11 17.22
N THR E 291 -17.03 20.51 16.03
CA THR E 291 -17.06 19.58 14.90
C THR E 291 -15.67 19.10 14.54
N THR E 292 -14.68 20.00 14.57
CA THR E 292 -13.31 19.61 14.28
C THR E 292 -12.80 18.60 15.31
N LEU E 293 -13.11 18.83 16.59
CA LEU E 293 -12.67 17.92 17.63
C LEU E 293 -13.29 16.53 17.46
N MET E 294 -14.59 16.48 17.15
CA MET E 294 -15.27 15.20 17.04
C MET E 294 -14.73 14.39 15.86
N VAL E 295 -14.58 15.03 14.70
CA VAL E 295 -14.25 14.28 13.50
C VAL E 295 -12.75 13.99 13.43
N SER E 296 -11.91 14.85 14.01
CA SER E 296 -10.48 14.58 14.01
C SER E 296 -10.15 13.38 14.89
N ALA E 297 -10.97 13.11 15.90
CA ALA E 297 -10.79 11.91 16.70
C ALA E 297 -10.96 10.65 15.84
N ARG E 298 -11.98 10.63 14.99
CA ARG E 298 -12.23 9.46 14.16
C ARG E 298 -11.03 9.15 13.27
N SER E 299 -10.29 10.17 12.84
CA SER E 299 -9.06 9.92 12.09
C SER E 299 -8.04 9.19 12.94
N SER E 300 -7.93 9.55 14.21
CA SER E 300 -7.00 8.90 15.14
C SER E 300 -7.64 7.75 15.91
N LEU E 301 -8.92 7.48 15.69
CA LEU E 301 -9.63 6.38 16.32
C LEU E 301 -9.95 5.29 15.31
N PRO E 302 -10.20 4.07 15.77
CA PRO E 302 -10.59 3.00 14.84
C PRO E 302 -11.87 3.34 14.10
N ARG E 303 -11.95 2.90 12.85
CA ARG E 303 -13.08 3.15 11.98
C ARG E 303 -14.17 2.10 12.09
N ALA E 304 -14.02 1.14 13.01
CA ALA E 304 -15.04 0.12 13.20
C ALA E 304 -16.35 0.74 13.65
N SER E 305 -17.45 0.19 13.15
CA SER E 305 -18.79 0.72 13.45
C SER E 305 -19.21 0.27 14.84
N ALA E 306 -18.96 1.12 15.82
CA ALA E 306 -19.34 0.85 17.20
C ALA E 306 -19.51 2.18 17.93
N ILE E 307 -20.44 2.20 18.88
CA ILE E 307 -20.76 3.40 19.65
C ILE E 307 -19.96 3.32 20.95
N LYS E 308 -18.84 4.03 20.98
CA LYS E 308 -17.94 4.02 22.12
C LYS E 308 -18.31 5.13 23.10
N ALA E 309 -17.84 4.97 24.35
CA ALA E 309 -18.13 5.98 25.37
C ALA E 309 -17.49 7.31 25.03
N LEU E 310 -16.34 7.31 24.36
CA LEU E 310 -15.73 8.56 23.92
C LEU E 310 -16.63 9.30 22.94
N ASP E 311 -17.28 8.56 22.04
CA ASP E 311 -18.23 9.18 21.13
C ASP E 311 -19.40 9.78 21.89
N VAL E 312 -19.94 9.03 22.86
CA VAL E 312 -21.12 9.50 23.60
C VAL E 312 -20.84 10.84 24.26
N TYR E 313 -19.65 10.99 24.83
CA TYR E 313 -19.29 12.26 25.47
C TYR E 313 -19.23 13.39 24.45
N PHE E 314 -18.76 13.10 23.24
CA PHE E 314 -18.66 14.13 22.22
C PHE E 314 -20.04 14.69 21.85
N TRP E 315 -21.02 13.82 21.67
CA TRP E 315 -22.36 14.29 21.32
C TRP E 315 -23.06 14.93 22.51
N ILE E 316 -22.70 14.55 23.72
CA ILE E 316 -23.17 15.28 24.90
C ILE E 316 -22.63 16.71 24.84
N CYS E 317 -21.35 16.87 24.52
CA CYS E 317 -20.79 18.20 24.34
C CYS E 317 -21.39 18.89 23.12
N TYR E 318 -21.64 18.12 22.04
CA TYR E 318 -22.14 18.72 20.81
C TYR E 318 -23.52 19.33 20.99
N VAL E 319 -24.41 18.64 21.71
CA VAL E 319 -25.75 19.17 21.90
C VAL E 319 -25.74 20.39 22.81
N PHE E 320 -24.80 20.45 23.76
CA PHE E 320 -24.75 21.59 24.67
C PHE E 320 -24.35 22.87 23.94
N VAL E 321 -23.30 22.81 23.13
CA VAL E 321 -22.91 23.98 22.35
C VAL E 321 -23.97 24.31 21.31
N PHE E 322 -24.61 23.28 20.75
CA PHE E 322 -25.74 23.52 19.84
C PHE E 322 -26.90 24.17 20.57
N ALA E 323 -27.18 23.72 21.80
CA ALA E 323 -28.26 24.34 22.57
C ALA E 323 -27.94 25.77 22.98
N ALA E 324 -26.66 26.06 23.23
CA ALA E 324 -26.28 27.41 23.62
C ALA E 324 -26.57 28.41 22.50
N LEU E 325 -26.29 28.04 21.26
CA LEU E 325 -26.52 28.95 20.14
C LEU E 325 -28.01 29.15 19.90
N VAL E 326 -28.80 28.07 19.91
CA VAL E 326 -30.23 28.21 19.72
C VAL E 326 -30.88 28.89 20.93
N GLU E 327 -30.22 28.85 22.09
CA GLU E 327 -30.72 29.59 23.24
C GLU E 327 -30.73 31.10 22.96
N TYR E 328 -29.66 31.60 22.32
CA TYR E 328 -29.63 33.01 21.98
C TYR E 328 -30.67 33.36 20.91
N ALA E 329 -31.02 32.39 20.06
CA ALA E 329 -32.05 32.64 19.06
C ALA E 329 -33.38 32.98 19.72
N PHE E 330 -33.76 32.23 20.75
CA PHE E 330 -34.94 32.60 21.52
C PHE E 330 -34.74 33.92 22.25
N ALA E 331 -33.54 34.13 22.82
CA ALA E 331 -33.28 35.36 23.55
C ALA E 331 -33.35 36.57 22.63
N HIS E 332 -32.77 36.46 21.43
CA HIS E 332 -32.83 37.58 20.49
C HIS E 332 -34.23 37.80 19.95
N PHE E 333 -34.95 36.71 19.65
CA PHE E 333 -36.30 36.84 19.13
C PHE E 333 -37.26 37.39 20.17
N ASN E 334 -37.18 36.88 21.40
CA ASN E 334 -38.07 37.35 22.46
C ASN E 334 -37.73 38.76 22.93
N ALA E 335 -36.57 39.30 22.54
CA ALA E 335 -36.22 40.67 22.91
C ALA E 335 -37.20 41.66 22.30
N ASP E 336 -37.58 41.44 21.04
CA ASP E 336 -38.52 42.33 20.36
C ASP E 336 -39.95 42.07 20.82
N ALA E 424 -35.95 39.00 26.86
CA ALA E 424 -35.36 39.65 28.04
C ALA E 424 -34.18 38.85 28.57
N ASP E 425 -33.51 39.40 29.58
CA ASP E 425 -32.37 38.73 30.19
C ASP E 425 -32.77 37.57 31.10
N THR E 426 -34.06 37.41 31.38
CA THR E 426 -34.49 36.32 32.24
C THR E 426 -34.13 34.97 31.64
N ILE E 427 -34.32 34.82 30.32
CA ILE E 427 -33.87 33.61 29.65
C ILE E 427 -32.35 33.47 29.75
N ASP E 428 -31.64 34.58 29.59
CA ASP E 428 -30.19 34.56 29.74
C ASP E 428 -29.79 34.19 31.16
N ILE E 429 -30.48 34.75 32.16
CA ILE E 429 -30.17 34.43 33.55
C ILE E 429 -30.41 32.95 33.83
N TYR E 430 -31.54 32.42 33.34
CA TYR E 430 -31.81 30.99 33.52
C TYR E 430 -30.76 30.14 32.83
N ALA E 431 -30.40 30.49 31.60
CA ALA E 431 -29.39 29.74 30.88
C ALA E 431 -28.01 29.89 31.52
N ARG E 432 -27.79 31.00 32.25
CA ARG E 432 -26.51 31.22 32.89
C ARG E 432 -26.27 30.26 34.06
N ALA E 433 -27.31 29.59 34.54
CA ALA E 433 -27.18 28.66 35.65
C ALA E 433 -27.69 27.26 35.33
N VAL E 434 -28.74 27.13 34.52
CA VAL E 434 -29.27 25.80 34.21
C VAL E 434 -28.27 24.99 33.40
N PHE E 435 -27.73 25.59 32.33
CA PHE E 435 -26.78 24.88 31.49
C PHE E 435 -25.51 24.47 32.23
N PRO E 436 -24.87 25.32 33.02
CA PRO E 436 -23.73 24.83 33.81
C PRO E 436 -24.12 23.71 34.77
N ALA E 437 -25.33 23.77 35.35
CA ALA E 437 -25.78 22.71 36.23
C ALA E 437 -26.13 21.45 35.46
N ALA E 438 -26.75 21.60 34.29
CA ALA E 438 -27.13 20.44 33.49
C ALA E 438 -25.90 19.67 33.03
N PHE E 439 -24.84 20.38 32.64
CA PHE E 439 -23.61 19.72 32.20
C PHE E 439 -22.97 18.94 33.33
N ALA E 440 -23.01 19.49 34.54
CA ALA E 440 -22.49 18.76 35.70
C ALA E 440 -23.29 17.50 35.95
N ALA E 441 -24.62 17.58 35.80
CA ALA E 441 -25.46 16.41 36.04
C ALA E 441 -25.18 15.30 35.02
N VAL E 442 -25.05 15.66 33.74
CA VAL E 442 -24.82 14.64 32.73
C VAL E 442 -23.42 14.04 32.87
N ASN E 443 -22.46 14.82 33.38
CA ASN E 443 -21.14 14.25 33.64
C ASN E 443 -21.19 13.17 34.71
N VAL E 444 -21.98 13.39 35.77
CA VAL E 444 -22.11 12.40 36.83
C VAL E 444 -22.71 11.11 36.28
N ILE E 445 -23.76 11.24 35.47
CA ILE E 445 -24.37 10.06 34.86
C ILE E 445 -23.39 9.36 33.94
N TYR E 446 -22.65 10.13 33.13
CA TYR E 446 -21.72 9.53 32.18
C TYR E 446 -20.57 8.83 32.89
N TRP E 447 -19.92 9.50 33.83
CA TRP E 447 -18.72 8.95 34.44
C TRP E 447 -19.06 7.77 35.34
N ALA E 448 -20.18 7.83 36.07
CA ALA E 448 -20.56 6.73 36.94
C ALA E 448 -20.86 5.46 36.14
N ALA E 449 -21.55 5.62 35.01
CA ALA E 449 -21.92 4.45 34.21
C ALA E 449 -20.70 3.77 33.62
N TYR E 450 -19.72 4.54 33.14
CA TYR E 450 -18.56 3.98 32.44
C TYR E 450 -17.36 3.78 33.35
N ALA E 451 -17.49 4.04 34.65
CA ALA E 451 -16.39 3.81 35.58
C ALA E 451 -16.89 3.29 36.91
N GLN F 1 -0.41 6.65 -32.70
CA GLN F 1 -0.63 7.44 -33.91
C GLN F 1 0.13 8.75 -33.83
N VAL F 2 1.32 8.79 -34.42
CA VAL F 2 2.20 9.95 -34.37
C VAL F 2 2.50 10.40 -35.80
N GLN F 3 2.53 11.72 -36.00
CA GLN F 3 2.94 12.32 -37.26
C GLN F 3 4.18 13.16 -37.00
N LEU F 4 5.19 13.00 -37.86
CA LEU F 4 6.45 13.71 -37.74
C LEU F 4 6.76 14.46 -39.02
N VAL F 5 6.99 15.76 -38.88
CA VAL F 5 7.41 16.64 -39.98
C VAL F 5 8.74 17.27 -39.61
N GLU F 6 9.73 17.10 -40.47
CA GLU F 6 11.07 17.62 -40.24
C GLU F 6 11.36 18.72 -41.26
N SER F 7 12.17 19.70 -40.83
CA SER F 7 12.49 20.84 -41.67
C SER F 7 13.81 21.45 -41.22
N GLY F 8 14.35 22.31 -42.09
CA GLY F 8 15.62 22.97 -41.88
C GLY F 8 16.84 22.23 -42.40
N GLY F 9 16.71 21.62 -43.56
CA GLY F 9 17.84 20.99 -44.24
C GLY F 9 18.43 21.99 -45.21
N GLY F 10 19.50 22.68 -44.83
CA GLY F 10 20.22 23.55 -45.73
C GLY F 10 21.56 23.01 -46.18
N LEU F 11 22.32 23.89 -46.83
CA LEU F 11 23.60 23.57 -47.46
C LEU F 11 24.70 24.40 -46.82
N VAL F 12 25.77 23.74 -46.39
CA VAL F 12 26.93 24.38 -45.78
C VAL F 12 28.18 23.76 -46.41
N GLN F 13 29.34 24.29 -46.02
CA GLN F 13 30.68 23.83 -46.43
C GLN F 13 30.75 22.42 -47.02
N GLY F 14 30.37 24.73 -40.07
CA GLY F 14 29.08 25.39 -40.15
C GLY F 14 28.05 24.82 -39.18
N SER F 15 27.21 25.69 -38.65
CA SER F 15 26.15 25.30 -37.73
C SER F 15 24.82 25.20 -38.46
N LEU F 16 24.05 24.16 -38.13
CA LEU F 16 22.74 23.94 -38.72
C LEU F 16 21.79 23.51 -37.60
N ARG F 17 20.49 23.75 -37.81
CA ARG F 17 19.47 23.38 -36.84
C ARG F 17 18.32 22.69 -37.59
N LEU F 18 18.40 21.36 -37.63
CA LEU F 18 17.25 20.54 -37.97
C LEU F 18 16.19 20.60 -36.87
N SER F 19 14.93 20.61 -37.29
CA SER F 19 13.81 20.60 -36.36
C SER F 19 12.86 19.46 -36.72
N CYS F 20 12.13 18.96 -35.72
CA CYS F 20 11.27 17.80 -35.86
C CYS F 20 10.01 18.03 -35.04
N ALA F 21 8.89 18.26 -35.73
CA ALA F 21 7.64 18.65 -35.09
C ALA F 21 6.71 17.44 -35.03
N ALA F 22 6.31 17.06 -33.82
CA ALA F 22 5.47 15.90 -33.58
C ALA F 22 4.04 16.34 -33.31
N SER F 23 3.10 15.45 -33.63
CA SER F 23 1.69 15.69 -33.33
C SER F 23 0.97 14.36 -33.18
N GLY F 24 0.01 14.32 -32.26
CA GLY F 24 -0.75 13.13 -31.98
C GLY F 24 -0.45 12.53 -30.61
N HIS F 25 -0.60 11.22 -30.48
CA HIS F 25 -0.33 10.52 -29.23
C HIS F 25 1.19 10.44 -29.03
N THR F 26 1.78 11.55 -28.58
CA THR F 26 3.20 11.54 -28.27
C THR F 26 3.49 10.97 -26.89
N PHE F 27 2.49 10.84 -26.03
CA PHE F 27 2.71 10.30 -24.69
C PHE F 27 3.13 8.84 -24.76
N ASN F 28 2.47 8.06 -25.62
CA ASN F 28 2.79 6.64 -25.79
C ASN F 28 4.15 6.43 -26.42
N TYR F 29 4.75 7.46 -27.02
CA TYR F 29 6.00 7.35 -27.75
C TYR F 29 6.97 8.36 -27.17
N PRO F 30 7.49 8.09 -25.97
CA PRO F 30 8.26 9.11 -25.22
C PRO F 30 9.62 9.43 -25.78
N ILE F 31 10.13 8.64 -26.73
CA ILE F 31 11.50 8.80 -27.22
C ILE F 31 11.43 9.22 -28.68
N MET F 32 12.23 10.21 -29.04
CA MET F 32 12.48 10.60 -30.42
C MET F 32 13.92 10.29 -30.79
N GLY F 33 14.11 9.66 -31.94
CA GLY F 33 15.43 9.32 -32.44
C GLY F 33 15.74 10.09 -33.70
N TRP F 34 17.02 10.42 -33.89
CA TRP F 34 17.53 10.94 -35.15
C TRP F 34 18.35 9.87 -35.86
N PHE F 35 17.95 9.57 -37.09
CA PHE F 35 18.69 8.72 -38.00
C PHE F 35 19.18 9.54 -39.19
N ARG F 36 20.10 8.94 -39.96
CA ARG F 36 20.57 9.55 -41.19
C ARG F 36 20.91 8.46 -42.19
N GLN F 37 20.50 8.67 -43.44
CA GLN F 37 20.70 7.69 -44.51
C GLN F 37 21.56 8.28 -45.62
N ALA F 38 22.81 7.84 -45.68
CA ALA F 38 23.67 8.16 -46.80
C ALA F 38 23.22 7.34 -48.01
N PRO F 39 23.48 7.82 -49.22
CA PRO F 39 23.10 7.04 -50.41
C PRO F 39 23.80 5.69 -50.43
N GLY F 40 23.01 4.62 -50.38
CA GLY F 40 23.53 3.27 -50.40
C GLY F 40 23.63 2.59 -49.05
N LYS F 41 24.12 3.31 -48.04
CA LYS F 41 24.40 2.73 -46.74
C LYS F 41 23.12 2.48 -45.96
N GLU F 42 23.26 1.71 -44.88
CA GLU F 42 22.15 1.36 -44.01
C GLU F 42 21.80 2.54 -43.11
N ARG F 43 20.57 2.51 -42.58
CA ARG F 43 20.12 3.55 -41.67
C ARG F 43 20.84 3.48 -40.33
N GLU F 44 21.33 4.63 -39.88
CA GLU F 44 22.40 4.72 -38.89
C GLU F 44 21.91 5.60 -37.75
N PHE F 45 22.17 5.15 -36.52
CA PHE F 45 21.77 5.92 -35.34
C PHE F 45 22.63 7.18 -35.19
N VAL F 46 21.97 8.29 -34.86
CA VAL F 46 22.64 9.55 -34.57
C VAL F 46 22.50 9.92 -33.11
N GLY F 47 21.26 10.02 -32.62
CA GLY F 47 21.04 10.31 -31.21
C GLY F 47 19.56 10.20 -30.89
N ALA F 48 19.24 10.34 -29.61
CA ALA F 48 17.88 10.19 -29.14
C ALA F 48 17.66 11.06 -27.91
N ILE F 49 16.42 11.51 -27.74
CA ILE F 49 16.02 12.33 -26.60
C ILE F 49 14.69 11.82 -26.07
N SER F 50 14.59 11.69 -24.75
CA SER F 50 13.30 11.56 -24.09
C SER F 50 12.54 12.88 -24.11
N TRP F 51 11.27 12.82 -24.52
CA TRP F 51 10.38 13.98 -24.36
C TRP F 51 10.37 14.50 -22.94
N SER F 52 10.14 13.62 -21.97
CA SER F 52 10.11 14.01 -20.57
C SER F 52 11.48 13.78 -19.95
N GLY F 53 12.13 14.87 -19.54
CA GLY F 53 13.42 14.84 -18.89
C GLY F 53 14.57 15.28 -19.78
N GLY F 54 14.48 15.01 -21.08
CA GLY F 54 15.55 15.36 -22.00
C GLY F 54 16.81 14.54 -21.82
N SER F 55 16.69 13.33 -21.28
CA SER F 55 17.81 12.41 -21.20
C SER F 55 18.33 12.08 -22.60
N THR F 56 19.59 12.39 -22.86
CA THR F 56 20.13 12.40 -24.21
C THR F 56 21.23 11.37 -24.35
N SER F 57 21.38 10.85 -25.58
CA SER F 57 22.44 9.92 -25.91
C SER F 57 22.84 10.17 -27.36
N TYR F 58 24.13 9.96 -27.65
CA TYR F 58 24.67 10.22 -28.98
C TYR F 58 25.53 9.07 -29.45
N ALA F 59 25.51 8.85 -30.76
CA ALA F 59 26.53 8.05 -31.43
C ALA F 59 27.89 8.73 -31.33
N ASP F 60 28.95 7.90 -31.35
CA ASP F 60 30.31 8.41 -31.22
C ASP F 60 30.64 9.44 -32.30
N SER F 61 30.25 9.14 -33.54
CA SER F 61 30.56 10.03 -34.66
C SER F 61 30.15 11.47 -34.36
N VAL F 62 28.99 11.64 -33.75
CA VAL F 62 28.38 12.95 -33.50
C VAL F 62 28.49 13.36 -32.04
N LYS F 63 29.16 12.56 -31.21
CA LYS F 63 29.36 12.89 -29.81
C LYS F 63 30.20 14.16 -29.68
N ASP F 64 29.65 15.13 -28.94
CA ASP F 64 30.20 16.46 -28.70
C ASP F 64 30.22 17.33 -29.96
N ARG F 65 29.77 16.81 -31.09
CA ARG F 65 29.56 17.61 -32.30
C ARG F 65 28.10 18.06 -32.37
N PHE F 66 27.20 17.10 -32.56
CA PHE F 66 25.76 17.36 -32.57
C PHE F 66 25.24 17.50 -31.15
N THR F 67 24.17 18.29 -31.00
CA THR F 67 23.45 18.41 -29.73
C THR F 67 21.95 18.41 -29.99
N ILE F 68 21.25 17.53 -29.28
CA ILE F 68 19.79 17.43 -29.31
C ILE F 68 19.22 18.11 -28.08
N SER F 69 18.10 18.80 -28.25
CA SER F 69 17.20 19.11 -27.15
C SER F 69 15.81 19.39 -27.70
N ARG F 70 14.90 19.75 -26.80
CA ARG F 70 13.47 19.81 -27.11
C ARG F 70 12.82 20.97 -26.37
N ASP F 71 11.56 21.23 -26.73
CA ASP F 71 10.66 22.05 -25.93
C ASP F 71 9.30 21.37 -25.93
N ASN F 72 8.80 21.02 -24.74
CA ASN F 72 7.56 20.26 -24.66
C ASN F 72 6.34 21.09 -25.04
N ALA F 73 6.43 22.42 -24.99
CA ALA F 73 5.32 23.27 -25.40
C ALA F 73 4.93 23.02 -26.84
N LYS F 74 5.88 23.12 -27.77
CA LYS F 74 5.58 22.93 -29.18
C LYS F 74 5.58 21.46 -29.60
N ASN F 75 6.11 20.56 -28.77
CA ASN F 75 6.34 19.16 -29.14
C ASN F 75 7.31 19.08 -30.32
N THR F 76 8.50 19.61 -30.10
CA THR F 76 9.50 19.80 -31.14
C THR F 76 10.84 19.31 -30.60
N VAL F 77 11.58 18.60 -31.45
CA VAL F 77 12.95 18.19 -31.19
C VAL F 77 13.86 18.77 -32.26
N TYR F 78 15.08 19.12 -31.87
CA TYR F 78 16.04 19.72 -32.78
C TYR F 78 17.39 19.04 -32.66
N LEU F 79 17.99 18.75 -33.81
CA LEU F 79 19.38 18.30 -33.92
C LEU F 79 20.22 19.51 -34.31
N GLU F 80 20.99 20.04 -33.35
CA GLU F 80 21.88 21.17 -33.59
C GLU F 80 23.21 20.64 -34.13
N MET F 81 23.33 20.62 -35.45
CA MET F 81 24.49 20.07 -36.15
C MET F 81 25.59 21.12 -36.27
N ASN F 82 26.47 21.17 -35.27
CA ASN F 82 27.62 22.05 -35.29
C ASN F 82 28.85 21.28 -35.76
N ASN F 83 29.81 22.02 -36.35
CA ASN F 83 31.12 21.48 -36.69
C ASN F 83 30.99 20.40 -37.77
N LEU F 84 30.25 20.72 -38.82
CA LEU F 84 29.87 19.75 -39.83
C LEU F 84 31.08 19.25 -40.60
N LYS F 85 30.90 18.10 -41.23
CA LYS F 85 31.95 17.36 -41.93
C LYS F 85 31.33 16.73 -43.17
N PRO F 86 32.14 16.39 -44.18
CA PRO F 86 31.59 15.74 -45.37
C PRO F 86 31.08 14.33 -45.13
N GLU F 87 31.39 13.72 -43.98
CA GLU F 87 30.75 12.47 -43.63
C GLU F 87 29.29 12.68 -43.25
N ASP F 88 28.93 13.87 -42.81
CA ASP F 88 27.58 14.20 -42.33
C ASP F 88 26.67 14.59 -43.49
N THR F 89 26.65 13.77 -44.54
CA THR F 89 25.93 14.05 -45.77
C THR F 89 24.97 12.90 -46.02
N ALA F 90 23.70 13.09 -45.67
CA ALA F 90 22.75 11.98 -45.63
C ALA F 90 21.34 12.56 -45.57
N VAL F 91 20.36 11.70 -45.86
CA VAL F 91 18.96 11.98 -45.56
C VAL F 91 18.76 11.72 -44.06
N TYR F 92 18.65 12.81 -43.29
CA TYR F 92 18.38 12.73 -41.87
C TYR F 92 16.89 12.52 -41.63
N TYR F 93 16.54 11.44 -40.94
CA TYR F 93 15.16 11.15 -40.58
C TYR F 93 14.94 11.28 -39.09
N CYS F 94 13.71 11.65 -38.74
CA CYS F 94 13.20 11.68 -37.38
C CYS F 94 12.27 10.49 -37.19
N ALA F 95 12.27 9.93 -35.98
CA ALA F 95 11.39 8.81 -35.70
C ALA F 95 11.02 8.79 -34.22
N ALA F 96 9.88 8.14 -33.95
CA ALA F 96 9.34 8.03 -32.60
C ALA F 96 9.46 6.59 -32.13
N LYS F 97 9.81 6.43 -30.84
CA LYS F 97 9.99 5.14 -30.22
C LYS F 97 8.97 4.93 -29.10
N GLY F 98 8.37 3.74 -29.06
CA GLY F 98 7.53 3.39 -27.93
C GLY F 98 8.32 3.22 -26.65
N ARG F 99 7.57 3.32 -25.54
CA ARG F 99 8.16 3.23 -24.21
C ARG F 99 8.95 1.94 -24.00
N TYR F 100 8.40 0.81 -24.44
CA TYR F 100 8.97 -0.51 -24.18
C TYR F 100 9.54 -1.17 -25.43
N SER F 101 9.96 -0.36 -26.41
CA SER F 101 10.25 -0.85 -27.75
C SER F 101 11.72 -1.21 -27.98
N GLY F 102 12.54 -1.30 -26.95
CA GLY F 102 13.86 -1.87 -27.13
C GLY F 102 14.97 -0.85 -27.12
N GLY F 103 16.11 -1.25 -27.69
CA GLY F 103 17.28 -0.39 -27.70
C GLY F 103 17.10 0.83 -28.58
N LEU F 104 17.74 1.92 -28.14
CA LEU F 104 17.73 3.18 -28.88
C LEU F 104 18.26 3.03 -30.30
N TYR F 105 19.29 2.19 -30.49
CA TYR F 105 20.11 2.23 -31.69
C TYR F 105 19.43 1.62 -32.91
N TYR F 106 18.36 0.83 -32.74
CA TYR F 106 17.95 -0.08 -33.79
C TYR F 106 16.72 0.45 -34.49
N PRO F 107 16.83 0.85 -35.78
CA PRO F 107 15.70 1.50 -36.46
C PRO F 107 14.46 0.63 -36.56
N THR F 108 14.59 -0.69 -36.51
CA THR F 108 13.40 -1.55 -36.55
C THR F 108 12.56 -1.43 -35.30
N ASN F 109 13.11 -0.89 -34.22
CA ASN F 109 12.33 -0.67 -33.01
C ASN F 109 11.39 0.52 -33.12
N TYR F 110 11.58 1.37 -34.13
CA TYR F 110 10.86 2.62 -34.27
C TYR F 110 9.68 2.42 -35.20
N ASP F 111 8.57 3.10 -34.93
CA ASP F 111 7.33 2.87 -35.64
C ASP F 111 6.97 3.98 -36.63
N TYR F 112 7.15 5.23 -36.25
CA TYR F 112 6.60 6.38 -36.97
C TYR F 112 7.75 7.22 -37.52
N TRP F 113 8.00 7.13 -38.81
CA TRP F 113 9.18 7.74 -39.42
C TRP F 113 8.79 9.04 -40.10
N GLY F 114 9.50 10.11 -39.76
CA GLY F 114 9.40 11.35 -40.52
C GLY F 114 9.79 11.20 -41.97
N GLN F 115 9.52 12.28 -42.73
CA GLN F 115 9.78 12.27 -44.16
C GLN F 115 11.27 12.08 -44.45
N GLY F 116 12.12 12.90 -43.84
CA GLY F 116 13.55 12.80 -44.01
C GLY F 116 14.13 13.97 -44.77
N THR F 117 14.77 14.90 -44.05
CA THR F 117 15.44 16.03 -44.65
C THR F 117 16.78 15.59 -45.23
N GLN F 118 16.99 15.85 -46.52
CA GLN F 118 18.31 15.72 -47.13
C GLN F 118 19.21 16.87 -46.70
N VAL F 119 20.43 16.55 -46.29
CA VAL F 119 21.44 17.53 -45.89
C VAL F 119 22.73 17.16 -46.59
N THR F 120 23.26 18.09 -47.39
CA THR F 120 24.54 17.93 -48.05
C THR F 120 25.47 19.07 -47.69
N VAL F 121 26.76 18.77 -47.57
CA VAL F 121 27.77 19.76 -47.22
C VAL F 121 29.02 19.53 -48.04
N GLN G 1 -32.10 -13.48 -8.59
CA GLN G 1 -33.49 -13.42 -9.01
C GLN G 1 -33.70 -12.32 -10.04
N VAL G 2 -33.68 -12.69 -11.32
CA VAL G 2 -33.78 -11.74 -12.42
C VAL G 2 -34.98 -12.13 -13.28
N GLN G 3 -35.71 -11.11 -13.74
CA GLN G 3 -36.80 -11.29 -14.70
C GLN G 3 -36.44 -10.54 -15.98
N LEU G 4 -36.62 -11.20 -17.11
CA LEU G 4 -36.31 -10.63 -18.42
C LEU G 4 -37.53 -10.68 -19.32
N VAL G 5 -37.90 -9.53 -19.86
CA VAL G 5 -38.98 -9.38 -20.83
C VAL G 5 -38.40 -8.76 -22.08
N GLU G 6 -38.59 -9.42 -23.22
CA GLU G 6 -38.08 -8.97 -24.51
C GLU G 6 -39.25 -8.58 -25.41
N SER G 7 -38.99 -7.60 -26.27
CA SER G 7 -40.03 -7.08 -27.14
C SER G 7 -39.39 -6.43 -28.38
N GLY G 8 -40.23 -6.20 -29.38
CA GLY G 8 -39.83 -5.64 -30.65
C GLY G 8 -39.39 -6.62 -31.70
N GLY G 9 -40.10 -7.74 -31.79
CA GLY G 9 -39.87 -8.71 -32.85
C GLY G 9 -40.83 -8.41 -33.98
N GLY G 10 -40.38 -7.72 -35.03
CA GLY G 10 -41.18 -7.50 -36.22
C GLY G 10 -40.72 -8.31 -37.42
N LEU G 11 -41.32 -7.95 -38.56
CA LEU G 11 -41.12 -8.66 -39.83
C LEU G 11 -40.53 -7.70 -40.85
N VAL G 12 -39.44 -8.12 -41.49
CA VAL G 12 -38.75 -7.35 -42.52
C VAL G 12 -38.44 -8.30 -43.69
N GLN G 13 -37.88 -7.74 -44.76
CA GLN G 13 -37.44 -8.45 -45.97
C GLN G 13 -37.24 -9.96 -45.82
N GLY G 14 -32.94 -4.35 -43.87
CA GLY G 14 -33.84 -3.73 -42.92
C GLY G 14 -33.25 -3.63 -41.53
N SER G 15 -33.58 -2.55 -40.82
CA SER G 15 -33.13 -2.33 -39.47
C SER G 15 -34.22 -2.67 -38.47
N LEU G 16 -33.83 -3.33 -37.38
CA LEU G 16 -34.75 -3.72 -36.32
C LEU G 16 -34.08 -3.43 -34.98
N ARG G 17 -34.90 -3.23 -33.95
CA ARG G 17 -34.39 -2.97 -32.61
C ARG G 17 -35.16 -3.85 -31.62
N LEU G 18 -34.58 -5.01 -31.33
CA LEU G 18 -34.96 -5.80 -30.16
C LEU G 18 -34.57 -5.09 -28.88
N SER G 19 -35.43 -5.20 -27.86
CA SER G 19 -35.17 -4.64 -26.54
C SER G 19 -35.35 -5.72 -25.50
N CYS G 20 -34.65 -5.56 -24.38
CA CYS G 20 -34.61 -6.56 -23.31
C CYS G 20 -34.59 -5.84 -21.97
N ALA G 21 -35.71 -5.90 -21.24
CA ALA G 21 -35.90 -5.15 -20.02
C ALA G 21 -35.72 -6.07 -18.82
N ALA G 22 -34.76 -5.72 -17.96
CA ALA G 22 -34.41 -6.53 -16.79
C ALA G 22 -35.00 -5.90 -15.54
N SER G 23 -35.26 -6.76 -14.54
CA SER G 23 -35.72 -6.28 -13.24
C SER G 23 -35.31 -7.28 -12.17
N GLY G 24 -34.97 -6.76 -10.99
CA GLY G 24 -34.53 -7.58 -9.88
C GLY G 24 -33.07 -7.39 -9.54
N HIS G 25 -32.44 -8.43 -8.99
CA HIS G 25 -31.03 -8.39 -8.64
C HIS G 25 -30.20 -8.47 -9.91
N THR G 26 -30.10 -7.34 -10.61
CA THR G 26 -29.25 -7.31 -11.80
C THR G 26 -27.77 -7.10 -11.45
N PHE G 27 -27.46 -6.68 -10.23
CA PHE G 27 -26.07 -6.46 -9.84
C PHE G 27 -25.29 -7.77 -9.84
N ASN G 28 -25.91 -8.83 -9.30
CA ASN G 28 -25.28 -10.14 -9.24
C ASN G 28 -25.10 -10.76 -10.63
N TYR G 29 -25.79 -10.24 -11.64
CA TYR G 29 -25.78 -10.81 -12.97
C TYR G 29 -25.36 -9.72 -13.95
N PRO G 30 -24.08 -9.38 -13.96
CA PRO G 30 -23.60 -8.19 -14.68
C PRO G 30 -23.62 -8.32 -16.20
N ILE G 31 -23.80 -9.51 -16.75
CA ILE G 31 -23.68 -9.73 -18.18
C ILE G 31 -25.06 -10.14 -18.71
N MET G 32 -25.45 -9.54 -19.83
CA MET G 32 -26.60 -9.95 -20.61
C MET G 32 -26.14 -10.52 -21.94
N GLY G 33 -26.70 -11.66 -22.31
CA GLY G 33 -26.38 -12.31 -23.58
C GLY G 33 -27.59 -12.34 -24.48
N TRP G 34 -27.35 -12.26 -25.78
CA TRP G 34 -28.36 -12.51 -26.80
C TRP G 34 -28.10 -13.86 -27.46
N PHE G 35 -29.11 -14.72 -27.43
CA PHE G 35 -29.14 -15.98 -28.15
C PHE G 35 -30.23 -15.94 -29.20
N ARG G 36 -30.19 -16.91 -30.11
CA ARG G 36 -31.23 -17.07 -31.11
C ARG G 36 -31.39 -18.55 -31.44
N GLN G 37 -32.65 -18.99 -31.53
CA GLN G 37 -32.97 -20.39 -31.78
C GLN G 37 -33.74 -20.54 -33.08
N ALA G 38 -33.07 -21.04 -34.10
CA ALA G 38 -33.74 -21.42 -35.34
C ALA G 38 -34.51 -22.71 -35.10
N PRO G 39 -35.59 -22.95 -35.86
CA PRO G 39 -36.33 -24.20 -35.68
C PRO G 39 -35.45 -25.42 -35.94
N GLY G 40 -35.28 -26.25 -34.91
CA GLY G 40 -34.47 -27.45 -35.01
C GLY G 40 -33.07 -27.33 -34.47
N LYS G 41 -32.38 -26.24 -34.79
CA LYS G 41 -30.97 -26.07 -34.46
C LYS G 41 -30.78 -25.77 -32.97
N GLU G 42 -29.53 -25.88 -32.53
CA GLU G 42 -29.16 -25.63 -31.15
C GLU G 42 -29.11 -24.12 -30.86
N ARG G 43 -29.20 -23.79 -29.58
CA ARG G 43 -29.15 -22.39 -29.17
C ARG G 43 -27.75 -21.81 -29.37
N GLU G 44 -27.69 -20.63 -29.99
CA GLU G 44 -26.50 -20.13 -30.65
C GLU G 44 -26.19 -18.75 -30.10
N PHE G 45 -24.91 -18.52 -29.81
CA PHE G 45 -24.49 -17.22 -29.29
C PHE G 45 -24.57 -16.14 -30.36
N VAL G 46 -25.08 -14.97 -29.97
CA VAL G 46 -25.13 -13.80 -30.83
C VAL G 46 -24.19 -12.71 -30.34
N GLY G 47 -24.36 -12.28 -29.09
CA GLY G 47 -23.48 -11.28 -28.51
C GLY G 47 -23.80 -11.09 -27.05
N ALA G 48 -22.98 -10.28 -26.39
CA ALA G 48 -23.13 -10.06 -24.96
C ALA G 48 -22.63 -8.66 -24.60
N ILE G 49 -23.23 -8.10 -23.56
CA ILE G 49 -22.86 -6.77 -23.06
C ILE G 49 -22.78 -6.82 -21.54
N SER G 50 -21.72 -6.23 -20.99
CA SER G 50 -21.67 -5.91 -19.57
C SER G 50 -22.60 -4.74 -19.27
N TRP G 51 -23.43 -4.90 -18.23
CA TRP G 51 -24.20 -3.77 -17.71
C TRP G 51 -23.32 -2.58 -17.37
N SER G 52 -22.25 -2.80 -16.61
CA SER G 52 -21.33 -1.74 -16.23
C SER G 52 -20.16 -1.73 -17.21
N GLY G 53 -20.04 -0.64 -17.97
CA GLY G 53 -18.97 -0.42 -18.92
C GLY G 53 -19.39 -0.60 -20.37
N GLY G 54 -20.33 -1.50 -20.63
CA GLY G 54 -20.76 -1.77 -21.99
C GLY G 54 -19.73 -2.47 -22.84
N SER G 55 -18.81 -3.21 -22.23
CA SER G 55 -17.86 -4.04 -22.95
C SER G 55 -18.60 -5.09 -23.77
N THR G 56 -18.42 -5.06 -25.09
CA THR G 56 -19.26 -5.80 -26.00
C THR G 56 -18.44 -6.84 -26.76
N SER G 57 -19.12 -7.92 -27.15
CA SER G 57 -18.53 -8.97 -27.95
C SER G 57 -19.62 -9.54 -28.85
N TYR G 58 -19.21 -9.97 -30.05
CA TYR G 58 -20.15 -10.48 -31.04
C TYR G 58 -19.64 -11.77 -31.66
N ALA G 59 -20.59 -12.64 -31.99
CA ALA G 59 -20.34 -13.75 -32.91
C ALA G 59 -19.99 -13.23 -34.30
N ASP G 60 -19.19 -14.03 -35.02
CA ASP G 60 -18.73 -13.63 -36.35
C ASP G 60 -19.90 -13.34 -37.29
N SER G 61 -20.92 -14.21 -37.27
CA SER G 61 -22.06 -14.06 -38.16
C SER G 61 -22.64 -12.65 -38.09
N VAL G 62 -22.72 -12.09 -36.89
CA VAL G 62 -23.36 -10.81 -36.62
C VAL G 62 -22.34 -9.71 -36.37
N LYS G 63 -21.05 -10.01 -36.48
CA LYS G 63 -20.00 -9.01 -36.30
C LYS G 63 -20.11 -7.93 -37.37
N ASP G 64 -20.18 -6.68 -36.92
CA ASP G 64 -20.36 -5.46 -37.71
C ASP G 64 -21.73 -5.38 -38.37
N ARG G 65 -22.59 -6.38 -38.19
CA ARG G 65 -23.99 -6.31 -38.62
C ARG G 65 -24.85 -5.85 -37.45
N PHE G 66 -24.96 -6.69 -36.43
CA PHE G 66 -25.68 -6.35 -35.21
C PHE G 66 -24.84 -5.46 -34.31
N THR G 67 -25.53 -4.63 -33.53
CA THR G 67 -24.89 -3.82 -32.50
C THR G 67 -25.72 -3.83 -31.23
N ILE G 68 -25.07 -4.16 -30.11
CA ILE G 68 -25.68 -4.15 -28.78
C ILE G 68 -25.23 -2.88 -28.05
N SER G 69 -26.16 -2.29 -27.29
CA SER G 69 -25.79 -1.38 -26.21
C SER G 69 -26.94 -1.33 -25.21
N ARG G 70 -26.78 -0.47 -24.20
CA ARG G 70 -27.65 -0.48 -23.03
C ARG G 70 -27.86 0.94 -22.52
N ASP G 71 -28.79 1.07 -21.58
CA ASP G 71 -28.90 2.27 -20.74
C ASP G 71 -29.17 1.80 -19.31
N ASN G 72 -28.29 2.16 -18.38
CA ASN G 72 -28.41 1.65 -17.02
C ASN G 72 -29.60 2.25 -16.27
N ALA G 73 -30.11 3.40 -16.71
CA ALA G 73 -31.27 4.01 -16.09
C ALA G 73 -32.48 3.08 -16.13
N LYS G 74 -32.85 2.59 -17.32
CA LYS G 74 -34.00 1.72 -17.45
C LYS G 74 -33.68 0.26 -17.18
N ASN G 75 -32.40 -0.11 -17.12
CA ASN G 75 -31.99 -1.51 -17.07
C ASN G 75 -32.46 -2.27 -18.29
N THR G 76 -32.02 -1.80 -19.46
CA THR G 76 -32.51 -2.26 -20.75
C THR G 76 -31.30 -2.50 -21.64
N VAL G 77 -31.34 -3.61 -22.38
CA VAL G 77 -30.37 -3.93 -23.42
C VAL G 77 -31.10 -4.07 -24.75
N TYR G 78 -30.43 -3.66 -25.83
CA TYR G 78 -31.01 -3.69 -27.17
C TYR G 78 -30.04 -4.33 -28.14
N LEU G 79 -30.56 -5.22 -28.97
CA LEU G 79 -29.87 -5.75 -30.14
C LEU G 79 -30.37 -5.00 -31.37
N GLU G 80 -29.51 -4.12 -31.90
CA GLU G 80 -29.83 -3.35 -33.11
C GLU G 80 -29.45 -4.17 -34.33
N MET G 81 -30.44 -4.88 -34.87
CA MET G 81 -30.26 -5.82 -35.98
C MET G 81 -30.36 -5.07 -37.30
N ASN G 82 -29.22 -4.58 -37.78
CA ASN G 82 -29.14 -3.93 -39.08
C ASN G 82 -28.64 -4.92 -40.13
N ASN G 83 -29.03 -4.69 -41.39
CA ASN G 83 -28.51 -5.42 -42.54
C ASN G 83 -28.93 -6.89 -42.48
N LEU G 84 -30.23 -7.10 -42.24
CA LEU G 84 -30.75 -8.43 -41.94
C LEU G 84 -30.62 -9.35 -43.15
N LYS G 85 -30.69 -10.65 -42.87
CA LYS G 85 -30.48 -11.71 -43.83
C LYS G 85 -31.44 -12.84 -43.49
N PRO G 86 -31.73 -13.72 -44.46
CA PRO G 86 -32.63 -14.85 -44.16
C PRO G 86 -32.03 -15.89 -43.23
N GLU G 87 -30.72 -15.84 -42.96
CA GLU G 87 -30.15 -16.67 -41.91
C GLU G 87 -30.56 -16.18 -40.53
N ASP G 88 -30.90 -14.89 -40.40
CA ASP G 88 -31.24 -14.27 -39.13
C ASP G 88 -32.71 -14.46 -38.79
N THR G 89 -33.18 -15.70 -38.88
CA THR G 89 -34.59 -16.05 -38.71
C THR G 89 -34.67 -17.09 -37.59
N ALA G 90 -35.02 -16.65 -36.39
CA ALA G 90 -34.91 -17.48 -35.21
C ALA G 90 -35.71 -16.86 -34.08
N VAL G 91 -35.97 -17.66 -33.05
CA VAL G 91 -36.43 -17.16 -31.76
C VAL G 91 -35.24 -16.57 -31.01
N TYR G 92 -35.16 -15.25 -30.98
CA TYR G 92 -34.11 -14.54 -30.26
C TYR G 92 -34.46 -14.49 -28.77
N TYR G 93 -33.57 -15.01 -27.93
CA TYR G 93 -33.74 -14.98 -26.48
C TYR G 93 -32.71 -14.07 -25.83
N CYS G 94 -33.12 -13.48 -24.71
CA CYS G 94 -32.28 -12.71 -23.82
C CYS G 94 -31.99 -13.55 -22.59
N ALA G 95 -30.79 -13.39 -22.03
CA ALA G 95 -30.44 -14.12 -20.83
C ALA G 95 -29.42 -13.36 -20.01
N ALA G 96 -29.40 -13.67 -18.72
CA ALA G 96 -28.51 -13.02 -17.76
C ALA G 96 -27.44 -14.01 -17.30
N LYS G 97 -26.22 -13.51 -17.16
CA LYS G 97 -25.07 -14.30 -16.75
C LYS G 97 -24.52 -13.81 -15.42
N GLY G 98 -24.22 -14.76 -14.52
CA GLY G 98 -23.52 -14.41 -13.30
C GLY G 98 -22.11 -13.94 -13.54
N ARG G 99 -21.59 -13.22 -12.54
CA ARG G 99 -20.24 -12.65 -12.62
C ARG G 99 -19.18 -13.71 -12.90
N TYR G 100 -19.25 -14.86 -12.22
CA TYR G 100 -18.22 -15.88 -12.29
C TYR G 100 -18.69 -17.13 -13.03
N SER G 101 -19.63 -16.99 -13.95
CA SER G 101 -20.35 -18.13 -14.50
C SER G 101 -19.76 -18.67 -15.80
N GLY G 102 -18.55 -18.28 -16.18
CA GLY G 102 -17.88 -18.96 -17.28
C GLY G 102 -17.86 -18.17 -18.56
N GLY G 103 -17.65 -18.90 -19.67
CA GLY G 103 -17.54 -18.26 -20.96
C GLY G 103 -18.86 -17.66 -21.44
N LEU G 104 -18.73 -16.57 -22.18
CA LEU G 104 -19.87 -15.87 -22.76
C LEU G 104 -20.71 -16.78 -23.65
N TYR G 105 -20.04 -17.67 -24.41
CA TYR G 105 -20.67 -18.33 -25.55
C TYR G 105 -21.65 -19.44 -25.17
N TYR G 106 -21.62 -19.93 -23.93
CA TYR G 106 -22.21 -21.22 -23.64
C TYR G 106 -23.53 -21.04 -22.90
N PRO G 107 -24.67 -21.37 -23.53
CA PRO G 107 -25.97 -21.08 -22.91
C PRO G 107 -26.20 -21.77 -21.58
N THR G 108 -25.51 -22.89 -21.30
CA THR G 108 -25.67 -23.55 -20.02
C THR G 108 -25.08 -22.73 -18.87
N ASN G 109 -24.24 -21.74 -19.17
CA ASN G 109 -23.71 -20.87 -18.14
C ASN G 109 -24.73 -19.84 -17.66
N TYR G 110 -25.82 -19.66 -18.40
CA TYR G 110 -26.79 -18.61 -18.15
C TYR G 110 -27.94 -19.17 -17.33
N ASP G 111 -28.49 -18.36 -16.44
CA ASP G 111 -29.48 -18.83 -15.47
C ASP G 111 -30.90 -18.38 -15.78
N TYR G 112 -31.08 -17.12 -16.18
CA TYR G 112 -32.39 -16.49 -16.24
C TYR G 112 -32.71 -16.14 -17.69
N TRP G 113 -33.59 -16.91 -18.31
CA TRP G 113 -33.83 -16.81 -19.74
C TRP G 113 -35.11 -16.01 -19.98
N GLY G 114 -35.03 -14.99 -20.81
CA GLY G 114 -36.22 -14.32 -21.32
C GLY G 114 -37.14 -15.24 -22.10
N GLN G 115 -38.32 -14.69 -22.41
CA GLN G 115 -39.35 -15.45 -23.11
C GLN G 115 -38.86 -15.89 -24.48
N GLY G 116 -38.38 -14.94 -25.28
CA GLY G 116 -37.86 -15.23 -26.60
C GLY G 116 -38.74 -14.66 -27.71
N THR G 117 -38.31 -13.56 -28.30
CA THR G 117 -39.02 -12.96 -29.44
C THR G 117 -38.70 -13.74 -30.70
N GLN G 118 -39.75 -14.20 -31.39
CA GLN G 118 -39.61 -14.73 -32.73
C GLN G 118 -39.41 -13.60 -33.74
N VAL G 119 -38.42 -13.77 -34.61
CA VAL G 119 -38.12 -12.80 -35.66
C VAL G 119 -37.97 -13.58 -36.97
N THR G 120 -38.78 -13.25 -37.96
CA THR G 120 -38.70 -13.83 -39.28
C THR G 120 -38.52 -12.74 -40.33
N VAL G 121 -37.75 -13.04 -41.37
CA VAL G 121 -37.48 -12.09 -42.44
C VAL G 121 -37.51 -12.82 -43.79
#